data_3CR2
# 
_entry.id   3CR2 
# 
_audit_conform.dict_name       mmcif_pdbx.dic 
_audit_conform.dict_version    5.387 
_audit_conform.dict_location   http://mmcif.pdb.org/dictionaries/ascii/mmcif_pdbx.dic 
# 
loop_
_database_2.database_id 
_database_2.database_code 
_database_2.pdbx_database_accession 
_database_2.pdbx_DOI 
PDB   3CR2         pdb_00003cr2 10.2210/pdb3cr2/pdb 
RCSB  RCSB047110   ?            ?                   
WWPDB D_1000047110 ?            ?                   
# 
loop_
_pdbx_audit_revision_history.ordinal 
_pdbx_audit_revision_history.data_content_type 
_pdbx_audit_revision_history.major_revision 
_pdbx_audit_revision_history.minor_revision 
_pdbx_audit_revision_history.revision_date 
1 'Structure model' 1 0 2008-06-24 
2 'Structure model' 1 1 2011-07-13 
3 'Structure model' 1 2 2017-10-25 
4 'Structure model' 1 3 2024-02-21 
# 
_pdbx_audit_revision_details.ordinal             1 
_pdbx_audit_revision_details.revision_ordinal    1 
_pdbx_audit_revision_details.data_content_type   'Structure model' 
_pdbx_audit_revision_details.provider            repository 
_pdbx_audit_revision_details.type                'Initial release' 
_pdbx_audit_revision_details.description         ? 
_pdbx_audit_revision_details.details             ? 
# 
loop_
_pdbx_audit_revision_group.ordinal 
_pdbx_audit_revision_group.revision_ordinal 
_pdbx_audit_revision_group.data_content_type 
_pdbx_audit_revision_group.group 
1 2 'Structure model' Advisory                    
2 2 'Structure model' 'Version format compliance' 
3 3 'Structure model' 'Refinement description'    
4 4 'Structure model' 'Data collection'           
5 4 'Structure model' 'Database references'       
6 4 'Structure model' 'Derived calculations'      
# 
loop_
_pdbx_audit_revision_category.ordinal 
_pdbx_audit_revision_category.revision_ordinal 
_pdbx_audit_revision_category.data_content_type 
_pdbx_audit_revision_category.category 
1 3 'Structure model' software       
2 4 'Structure model' chem_comp_atom 
3 4 'Structure model' chem_comp_bond 
4 4 'Structure model' database_2     
5 4 'Structure model' struct_site    
# 
loop_
_pdbx_audit_revision_item.ordinal 
_pdbx_audit_revision_item.revision_ordinal 
_pdbx_audit_revision_item.data_content_type 
_pdbx_audit_revision_item.item 
1 4 'Structure model' '_database_2.pdbx_DOI'                
2 4 'Structure model' '_database_2.pdbx_database_accession' 
3 4 'Structure model' '_struct_site.pdbx_auth_asym_id'      
4 4 'Structure model' '_struct_site.pdbx_auth_comp_id'      
5 4 'Structure model' '_struct_site.pdbx_auth_seq_id'       
# 
_pdbx_database_status.entry_id                        3CR2 
_pdbx_database_status.deposit_site                    RCSB 
_pdbx_database_status.process_site                    RCSB 
_pdbx_database_status.recvd_initial_deposition_date   2008-04-04 
_pdbx_database_status.status_code                     REL 
_pdbx_database_status.status_code_sf                  REL 
_pdbx_database_status.status_code_mr                  ? 
_pdbx_database_status.SG_entry                        ? 
_pdbx_database_status.pdb_format_compatible           Y 
_pdbx_database_status.status_code_cs                  ? 
_pdbx_database_status.methods_development_category    ? 
_pdbx_database_status.status_code_nmr_data            ? 
# 
loop_
_pdbx_database_related.db_name 
_pdbx_database_related.db_id 
_pdbx_database_related.details 
_pdbx_database_related.content_type 
PDB 3cr4 . unspecified 
PDB 3cr5 . unspecified 
# 
_audit_author.name           'Charpentier, T.H.' 
_audit_author.pdbx_ordinal   1 
# 
_citation.id                        primary 
_citation.title                     'Divalent metal ion complexes of S100B in the absence and presence of pentamidine.' 
_citation.journal_abbrev            J.Mol.Biol. 
_citation.journal_volume            382 
_citation.page_first                56 
_citation.page_last                 73 
_citation.year                      2008 
_citation.journal_id_ASTM           JMOBAK 
_citation.country                   UK 
_citation.journal_id_ISSN           0022-2836 
_citation.journal_id_CSD            0070 
_citation.book_publisher            ? 
_citation.pdbx_database_id_PubMed   18602402 
_citation.pdbx_database_id_DOI      10.1016/j.jmb.2008.06.047 
# 
loop_
_citation_author.citation_id 
_citation_author.name 
_citation_author.ordinal 
_citation_author.identifier_ORCID 
primary 'Charpentier, T.H.' 1 ? 
primary 'Wilder, P.T.'      2 ? 
primary 'Liriano, M.A.'     3 ? 
primary 'Varney, K.M.'      4 ? 
primary 'Pozharski, E.'     5 ? 
primary 'MacKerell, A.D.'   6 ? 
primary 'Coop, A.'          7 ? 
primary 'Toth, E.A.'        8 ? 
primary 'Weber, D.J.'       9 ? 
# 
loop_
_entity.id 
_entity.type 
_entity.src_method 
_entity.pdbx_description 
_entity.formula_weight 
_entity.pdbx_number_of_molecules 
_entity.pdbx_ec 
_entity.pdbx_mutation 
_entity.pdbx_fragment 
_entity.details 
1 polymer     man 'Protein S100-B' 10681.974 1  ? ? ? ? 
2 non-polymer syn 'CALCIUM ION'    40.078    2  ? ? ? ? 
3 non-polymer syn 'ZINC ION'       65.409    1  ? ? ? ? 
4 water       nat water            18.015    51 ? ? ? ? 
# 
_entity_name_com.entity_id   1 
_entity_name_com.name        'S100 calcium-binding protein B, S-100 protein subunit beta, S-100 protein beta chain' 
# 
_entity_poly.entity_id                      1 
_entity_poly.type                           'polypeptide(L)' 
_entity_poly.nstd_linkage                   no 
_entity_poly.nstd_monomer                   no 
_entity_poly.pdbx_seq_one_letter_code       
;MSELEKAVVALIDVFHQYSGREGDKHKLKKSELKELINNELSHFLEEIKEQEVVDKVMETLDSDGDGECDFQEFMAFVAM
ITTACHEFFEHE
;
_entity_poly.pdbx_seq_one_letter_code_can   
;MSELEKAVVALIDVFHQYSGREGDKHKLKKSELKELINNELSHFLEEIKEQEVVDKVMETLDSDGDGECDFQEFMAFVAM
ITTACHEFFEHE
;
_entity_poly.pdbx_strand_id                 A 
_entity_poly.pdbx_target_identifier         ? 
# 
loop_
_pdbx_entity_nonpoly.entity_id 
_pdbx_entity_nonpoly.name 
_pdbx_entity_nonpoly.comp_id 
2 'CALCIUM ION' CA  
3 'ZINC ION'    ZN  
4 water         HOH 
# 
loop_
_entity_poly_seq.entity_id 
_entity_poly_seq.num 
_entity_poly_seq.mon_id 
_entity_poly_seq.hetero 
1 1  MET n 
1 2  SER n 
1 3  GLU n 
1 4  LEU n 
1 5  GLU n 
1 6  LYS n 
1 7  ALA n 
1 8  VAL n 
1 9  VAL n 
1 10 ALA n 
1 11 LEU n 
1 12 ILE n 
1 13 ASP n 
1 14 VAL n 
1 15 PHE n 
1 16 HIS n 
1 17 GLN n 
1 18 TYR n 
1 19 SER n 
1 20 GLY n 
1 21 ARG n 
1 22 GLU n 
1 23 GLY n 
1 24 ASP n 
1 25 LYS n 
1 26 HIS n 
1 27 LYS n 
1 28 LEU n 
1 29 LYS n 
1 30 LYS n 
1 31 SER n 
1 32 GLU n 
1 33 LEU n 
1 34 LYS n 
1 35 GLU n 
1 36 LEU n 
1 37 ILE n 
1 38 ASN n 
1 39 ASN n 
1 40 GLU n 
1 41 LEU n 
1 42 SER n 
1 43 HIS n 
1 44 PHE n 
1 45 LEU n 
1 46 GLU n 
1 47 GLU n 
1 48 ILE n 
1 49 LYS n 
1 50 GLU n 
1 51 GLN n 
1 52 GLU n 
1 53 VAL n 
1 54 VAL n 
1 55 ASP n 
1 56 LYS n 
1 57 VAL n 
1 58 MET n 
1 59 GLU n 
1 60 THR n 
1 61 LEU n 
1 62 ASP n 
1 63 SER n 
1 64 ASP n 
1 65 GLY n 
1 66 ASP n 
1 67 GLY n 
1 68 GLU n 
1 69 CYS n 
1 70 ASP n 
1 71 PHE n 
1 72 GLN n 
1 73 GLU n 
1 74 PHE n 
1 75 MET n 
1 76 ALA n 
1 77 PHE n 
1 78 VAL n 
1 79 ALA n 
1 80 MET n 
1 81 ILE n 
1 82 THR n 
1 83 THR n 
1 84 ALA n 
1 85 CYS n 
1 86 HIS n 
1 87 GLU n 
1 88 PHE n 
1 89 PHE n 
1 90 GLU n 
1 91 HIS n 
1 92 GLU n 
# 
_entity_src_gen.entity_id                          1 
_entity_src_gen.pdbx_src_id                        1 
_entity_src_gen.pdbx_alt_source_flag               sample 
_entity_src_gen.pdbx_seq_type                      ? 
_entity_src_gen.pdbx_beg_seq_num                   ? 
_entity_src_gen.pdbx_end_seq_num                   ? 
_entity_src_gen.gene_src_common_name               Bovine 
_entity_src_gen.gene_src_genus                     ? 
_entity_src_gen.pdbx_gene_src_gene                 S100B 
_entity_src_gen.gene_src_species                   ? 
_entity_src_gen.gene_src_strain                    ? 
_entity_src_gen.gene_src_tissue                    ? 
_entity_src_gen.gene_src_tissue_fraction           ? 
_entity_src_gen.gene_src_details                   ? 
_entity_src_gen.pdbx_gene_src_fragment             ? 
_entity_src_gen.pdbx_gene_src_scientific_name      'Bos taurus' 
_entity_src_gen.pdbx_gene_src_ncbi_taxonomy_id     ? 
_entity_src_gen.pdbx_gene_src_variant              ? 
_entity_src_gen.pdbx_gene_src_cell_line            ? 
_entity_src_gen.pdbx_gene_src_atcc                 ? 
_entity_src_gen.pdbx_gene_src_organ                ? 
_entity_src_gen.pdbx_gene_src_organelle            ? 
_entity_src_gen.pdbx_gene_src_cell                 ? 
_entity_src_gen.pdbx_gene_src_cellular_location    ? 
_entity_src_gen.host_org_common_name               ? 
_entity_src_gen.pdbx_host_org_scientific_name      'Escherichia coli' 
_entity_src_gen.pdbx_host_org_ncbi_taxonomy_id     ? 
_entity_src_gen.host_org_genus                     ? 
_entity_src_gen.pdbx_host_org_gene                 ? 
_entity_src_gen.pdbx_host_org_organ                ? 
_entity_src_gen.host_org_species                   ? 
_entity_src_gen.pdbx_host_org_tissue               ? 
_entity_src_gen.pdbx_host_org_tissue_fraction      ? 
_entity_src_gen.pdbx_host_org_strain               'HMS174(DE3)' 
_entity_src_gen.pdbx_host_org_variant              ? 
_entity_src_gen.pdbx_host_org_cell_line            ? 
_entity_src_gen.pdbx_host_org_atcc                 ? 
_entity_src_gen.pdbx_host_org_culture_collection   ? 
_entity_src_gen.pdbx_host_org_cell                 ? 
_entity_src_gen.pdbx_host_org_organelle            ? 
_entity_src_gen.pdbx_host_org_cellular_location    ? 
_entity_src_gen.pdbx_host_org_vector_type          plasmid 
_entity_src_gen.pdbx_host_org_vector               ? 
_entity_src_gen.host_org_details                   ? 
_entity_src_gen.expression_system_id               ? 
_entity_src_gen.plasmid_name                       pET11b 
_entity_src_gen.plasmid_details                    ? 
_entity_src_gen.pdbx_description                   ? 
# 
loop_
_chem_comp.id 
_chem_comp.type 
_chem_comp.mon_nstd_flag 
_chem_comp.name 
_chem_comp.pdbx_synonyms 
_chem_comp.formula 
_chem_comp.formula_weight 
ALA 'L-peptide linking' y ALANINE         ? 'C3 H7 N O2'     89.093  
ARG 'L-peptide linking' y ARGININE        ? 'C6 H15 N4 O2 1' 175.209 
ASN 'L-peptide linking' y ASPARAGINE      ? 'C4 H8 N2 O3'    132.118 
ASP 'L-peptide linking' y 'ASPARTIC ACID' ? 'C4 H7 N O4'     133.103 
CA  non-polymer         . 'CALCIUM ION'   ? 'Ca 2'           40.078  
CYS 'L-peptide linking' y CYSTEINE        ? 'C3 H7 N O2 S'   121.158 
GLN 'L-peptide linking' y GLUTAMINE       ? 'C5 H10 N2 O3'   146.144 
GLU 'L-peptide linking' y 'GLUTAMIC ACID' ? 'C5 H9 N O4'     147.129 
GLY 'peptide linking'   y GLYCINE         ? 'C2 H5 N O2'     75.067  
HIS 'L-peptide linking' y HISTIDINE       ? 'C6 H10 N3 O2 1' 156.162 
HOH non-polymer         . WATER           ? 'H2 O'           18.015  
ILE 'L-peptide linking' y ISOLEUCINE      ? 'C6 H13 N O2'    131.173 
LEU 'L-peptide linking' y LEUCINE         ? 'C6 H13 N O2'    131.173 
LYS 'L-peptide linking' y LYSINE          ? 'C6 H15 N2 O2 1' 147.195 
MET 'L-peptide linking' y METHIONINE      ? 'C5 H11 N O2 S'  149.211 
PHE 'L-peptide linking' y PHENYLALANINE   ? 'C9 H11 N O2'    165.189 
SER 'L-peptide linking' y SERINE          ? 'C3 H7 N O3'     105.093 
THR 'L-peptide linking' y THREONINE       ? 'C4 H9 N O3'     119.119 
TYR 'L-peptide linking' y TYROSINE        ? 'C9 H11 N O3'    181.189 
VAL 'L-peptide linking' y VALINE          ? 'C5 H11 N O2'    117.146 
ZN  non-polymer         . 'ZINC ION'      ? 'Zn 2'           65.409  
# 
loop_
_pdbx_poly_seq_scheme.asym_id 
_pdbx_poly_seq_scheme.entity_id 
_pdbx_poly_seq_scheme.seq_id 
_pdbx_poly_seq_scheme.mon_id 
_pdbx_poly_seq_scheme.ndb_seq_num 
_pdbx_poly_seq_scheme.pdb_seq_num 
_pdbx_poly_seq_scheme.auth_seq_num 
_pdbx_poly_seq_scheme.pdb_mon_id 
_pdbx_poly_seq_scheme.auth_mon_id 
_pdbx_poly_seq_scheme.pdb_strand_id 
_pdbx_poly_seq_scheme.pdb_ins_code 
_pdbx_poly_seq_scheme.hetero 
A 1 1  MET 1  0  0  MET MET A . n 
A 1 2  SER 2  1  1  SER SER A . n 
A 1 3  GLU 3  2  2  GLU GLU A . n 
A 1 4  LEU 4  3  3  LEU LEU A . n 
A 1 5  GLU 5  4  4  GLU GLU A . n 
A 1 6  LYS 6  5  5  LYS LYS A . n 
A 1 7  ALA 7  6  6  ALA ALA A . n 
A 1 8  VAL 8  7  7  VAL VAL A . n 
A 1 9  VAL 9  8  8  VAL VAL A . n 
A 1 10 ALA 10 9  9  ALA ALA A . n 
A 1 11 LEU 11 10 10 LEU LEU A . n 
A 1 12 ILE 12 11 11 ILE ILE A . n 
A 1 13 ASP 13 12 12 ASP ASP A . n 
A 1 14 VAL 14 13 13 VAL VAL A . n 
A 1 15 PHE 15 14 14 PHE PHE A . n 
A 1 16 HIS 16 15 15 HIS HIS A . n 
A 1 17 GLN 17 16 16 GLN GLN A . n 
A 1 18 TYR 18 17 17 TYR TYR A . n 
A 1 19 SER 19 18 18 SER SER A . n 
A 1 20 GLY 20 19 19 GLY GLY A . n 
A 1 21 ARG 21 20 20 ARG ARG A . n 
A 1 22 GLU 22 21 21 GLU GLU A . n 
A 1 23 GLY 23 22 22 GLY GLY A . n 
A 1 24 ASP 24 23 23 ASP ASP A . n 
A 1 25 LYS 25 24 24 LYS LYS A . n 
A 1 26 HIS 26 25 25 HIS HIS A . n 
A 1 27 LYS 27 26 26 LYS LYS A . n 
A 1 28 LEU 28 27 27 LEU LEU A . n 
A 1 29 LYS 29 28 28 LYS LYS A . n 
A 1 30 LYS 30 29 29 LYS LYS A . n 
A 1 31 SER 31 30 30 SER SER A . n 
A 1 32 GLU 32 31 31 GLU GLU A . n 
A 1 33 LEU 33 32 32 LEU LEU A . n 
A 1 34 LYS 34 33 33 LYS LYS A . n 
A 1 35 GLU 35 34 34 GLU GLU A . n 
A 1 36 LEU 36 35 35 LEU LEU A . n 
A 1 37 ILE 37 36 36 ILE ILE A . n 
A 1 38 ASN 38 37 37 ASN ASN A . n 
A 1 39 ASN 39 38 38 ASN ASN A . n 
A 1 40 GLU 40 39 39 GLU GLU A . n 
A 1 41 LEU 41 40 40 LEU LEU A . n 
A 1 42 SER 42 41 41 SER SER A . n 
A 1 43 HIS 43 42 42 HIS HIS A . n 
A 1 44 PHE 44 43 43 PHE PHE A . n 
A 1 45 LEU 45 44 44 LEU LEU A . n 
A 1 46 GLU 46 45 45 GLU GLU A . n 
A 1 47 GLU 47 46 46 GLU GLU A . n 
A 1 48 ILE 48 47 47 ILE ILE A . n 
A 1 49 LYS 49 48 48 LYS LYS A . n 
A 1 50 GLU 50 49 49 GLU GLU A . n 
A 1 51 GLN 51 50 50 GLN GLN A . n 
A 1 52 GLU 52 51 51 GLU GLU A . n 
A 1 53 VAL 53 52 52 VAL VAL A . n 
A 1 54 VAL 54 53 53 VAL VAL A . n 
A 1 55 ASP 55 54 54 ASP ASP A . n 
A 1 56 LYS 56 55 55 LYS LYS A . n 
A 1 57 VAL 57 56 56 VAL VAL A . n 
A 1 58 MET 58 57 57 MET MET A . n 
A 1 59 GLU 59 58 58 GLU GLU A . n 
A 1 60 THR 60 59 59 THR THR A . n 
A 1 61 LEU 61 60 60 LEU LEU A . n 
A 1 62 ASP 62 61 61 ASP ASP A . n 
A 1 63 SER 63 62 62 SER SER A . n 
A 1 64 ASP 64 63 63 ASP ASP A . n 
A 1 65 GLY 65 64 64 GLY GLY A . n 
A 1 66 ASP 66 65 65 ASP ASP A . n 
A 1 67 GLY 67 66 66 GLY GLY A . n 
A 1 68 GLU 68 67 67 GLU GLU A . n 
A 1 69 CYS 69 68 68 CYS CYS A . n 
A 1 70 ASP 70 69 69 ASP ASP A . n 
A 1 71 PHE 71 70 70 PHE PHE A . n 
A 1 72 GLN 72 71 71 GLN GLN A . n 
A 1 73 GLU 73 72 72 GLU GLU A . n 
A 1 74 PHE 74 73 73 PHE PHE A . n 
A 1 75 MET 75 74 74 MET MET A . n 
A 1 76 ALA 76 75 75 ALA ALA A . n 
A 1 77 PHE 77 76 76 PHE PHE A . n 
A 1 78 VAL 78 77 77 VAL VAL A . n 
A 1 79 ALA 79 78 78 ALA ALA A . n 
A 1 80 MET 80 79 79 MET MET A . n 
A 1 81 ILE 81 80 80 ILE ILE A . n 
A 1 82 THR 82 81 81 THR THR A . n 
A 1 83 THR 83 82 82 THR THR A . n 
A 1 84 ALA 84 83 83 ALA ALA A . n 
A 1 85 CYS 85 84 84 CYS CYS A . n 
A 1 86 HIS 86 85 85 HIS HIS A . n 
A 1 87 GLU 87 86 86 GLU GLU A . n 
A 1 88 PHE 88 87 87 PHE PHE A . n 
A 1 89 PHE 89 88 88 PHE PHE A . n 
A 1 90 GLU 90 89 89 GLU GLU A . n 
A 1 91 HIS 91 90 ?  ?   ?   A . n 
A 1 92 GLU 92 91 ?  ?   ?   A . n 
# 
loop_
_pdbx_nonpoly_scheme.asym_id 
_pdbx_nonpoly_scheme.entity_id 
_pdbx_nonpoly_scheme.mon_id 
_pdbx_nonpoly_scheme.ndb_seq_num 
_pdbx_nonpoly_scheme.pdb_seq_num 
_pdbx_nonpoly_scheme.auth_seq_num 
_pdbx_nonpoly_scheme.pdb_mon_id 
_pdbx_nonpoly_scheme.auth_mon_id 
_pdbx_nonpoly_scheme.pdb_strand_id 
_pdbx_nonpoly_scheme.pdb_ins_code 
B 2 CA  1  92  91 CA  CA  A . 
C 2 CA  1  93  92 CA  CA  A . 
D 3 ZN  1  94  93 ZN  ZN  A . 
E 4 HOH 1  95  1  HOH HOH A . 
E 4 HOH 2  96  2  HOH HOH A . 
E 4 HOH 3  97  3  HOH HOH A . 
E 4 HOH 4  98  4  HOH HOH A . 
E 4 HOH 5  99  5  HOH HOH A . 
E 4 HOH 6  100 6  HOH HOH A . 
E 4 HOH 7  101 7  HOH HOH A . 
E 4 HOH 8  102 8  HOH HOH A . 
E 4 HOH 9  103 9  HOH HOH A . 
E 4 HOH 10 104 10 HOH HOH A . 
E 4 HOH 11 105 11 HOH HOH A . 
E 4 HOH 12 106 12 HOH HOH A . 
E 4 HOH 13 107 13 HOH HOH A . 
E 4 HOH 14 108 14 HOH HOH A . 
E 4 HOH 15 109 15 HOH HOH A . 
E 4 HOH 16 110 16 HOH HOH A . 
E 4 HOH 17 111 17 HOH HOH A . 
E 4 HOH 18 112 18 HOH HOH A . 
E 4 HOH 19 113 19 HOH HOH A . 
E 4 HOH 20 114 20 HOH HOH A . 
E 4 HOH 21 115 21 HOH HOH A . 
E 4 HOH 22 116 22 HOH HOH A . 
E 4 HOH 23 117 23 HOH HOH A . 
E 4 HOH 24 118 24 HOH HOH A . 
E 4 HOH 25 119 25 HOH HOH A . 
E 4 HOH 26 120 26 HOH HOH A . 
E 4 HOH 27 121 27 HOH HOH A . 
E 4 HOH 28 122 28 HOH HOH A . 
E 4 HOH 29 123 29 HOH HOH A . 
E 4 HOH 30 124 30 HOH HOH A . 
E 4 HOH 31 125 31 HOH HOH A . 
E 4 HOH 32 126 32 HOH HOH A . 
E 4 HOH 33 127 33 HOH HOH A . 
E 4 HOH 34 128 34 HOH HOH A . 
E 4 HOH 35 129 35 HOH HOH A . 
E 4 HOH 36 130 36 HOH HOH A . 
E 4 HOH 37 131 37 HOH HOH A . 
E 4 HOH 38 132 38 HOH HOH A . 
E 4 HOH 39 133 39 HOH HOH A . 
E 4 HOH 40 134 40 HOH HOH A . 
E 4 HOH 41 135 41 HOH HOH A . 
E 4 HOH 42 136 42 HOH HOH A . 
E 4 HOH 43 137 43 HOH HOH A . 
E 4 HOH 44 138 44 HOH HOH A . 
E 4 HOH 45 139 45 HOH HOH A . 
E 4 HOH 46 140 46 HOH HOH A . 
E 4 HOH 47 141 47 HOH HOH A . 
E 4 HOH 48 142 48 HOH HOH A . 
E 4 HOH 49 143 49 HOH HOH A . 
E 4 HOH 50 144 50 HOH HOH A . 
E 4 HOH 51 145 51 HOH HOH A . 
# 
loop_
_pdbx_unobs_or_zero_occ_atoms.id 
_pdbx_unobs_or_zero_occ_atoms.PDB_model_num 
_pdbx_unobs_or_zero_occ_atoms.polymer_flag 
_pdbx_unobs_or_zero_occ_atoms.occupancy_flag 
_pdbx_unobs_or_zero_occ_atoms.auth_asym_id 
_pdbx_unobs_or_zero_occ_atoms.auth_comp_id 
_pdbx_unobs_or_zero_occ_atoms.auth_seq_id 
_pdbx_unobs_or_zero_occ_atoms.PDB_ins_code 
_pdbx_unobs_or_zero_occ_atoms.auth_atom_id 
_pdbx_unobs_or_zero_occ_atoms.label_alt_id 
_pdbx_unobs_or_zero_occ_atoms.label_asym_id 
_pdbx_unobs_or_zero_occ_atoms.label_comp_id 
_pdbx_unobs_or_zero_occ_atoms.label_seq_id 
_pdbx_unobs_or_zero_occ_atoms.label_atom_id 
1  1 Y 1 A LYS 5  ? CE  ? A LYS 6  CE  
2  1 Y 1 A LYS 5  ? NZ  ? A LYS 6  NZ  
3  1 Y 1 A GLU 21 ? OE2 ? A GLU 22 OE2 
4  1 Y 1 A LYS 24 ? CD  ? A LYS 25 CD  
5  1 Y 1 A LYS 24 ? CE  ? A LYS 25 CE  
6  1 Y 1 A LYS 24 ? NZ  ? A LYS 25 NZ  
7  1 Y 1 A LYS 26 ? CE  ? A LYS 27 CE  
8  1 Y 1 A LYS 26 ? NZ  ? A LYS 27 NZ  
9  1 Y 1 A GLU 49 ? CD  ? A GLU 50 CD  
10 1 Y 1 A GLU 49 ? OE1 ? A GLU 50 OE1 
11 1 Y 1 A GLU 49 ? OE2 ? A GLU 50 OE2 
12 1 Y 1 A LYS 55 ? CE  ? A LYS 56 CE  
13 1 Y 1 A LYS 55 ? NZ  ? A LYS 56 NZ  
# 
loop_
_software.name 
_software.version 
_software.date 
_software.type 
_software.contact_author 
_software.contact_author_email 
_software.classification 
_software.location 
_software.language 
_software.citation_id 
_software.pdbx_ordinal 
DENZO       .     ?                    package 'Zbyszek Otwinowski' zbyszek@mix.swmed.edu       'data reduction'  
http://www.lnls.br/infra/linhasluz/denzo-hkl.htm ?          ? 1 
SCALEPACK   .     ?                    package 'Zbyszek Otwinowski' zbyszek@mix.swmed.edu       'data scaling'    
http://www.lnls.br/infra/linhasluz/denzo-hkl.htm ?          ? 2 
PHASER      .     ?                    other   'R. J. Read'         cimr-phaser@lists.cam.ac.uk phasing           
http://www-structmed.cimr.cam.ac.uk/phaser/      ?          ? 3 
REFMAC      .     ?                    program 'Murshudov, G.N.'    ccp4@dl.ac.uk               refinement        
http://www.ccp4.ac.uk/main.html                  Fortran_77 ? 4 
PDB_EXTRACT 3.005 'September 10, 2007' package PDB                  sw-help@rcsb.rutgers.edu    'data extraction' 
http://pdb.rutgers.edu/software/                 C++        ? 5 
Blu-Ice     .     ?                    ?       ?                    ?                           'data collection' ? ?          ? 6 
# 
_cell.length_a           34.587 
_cell.length_b           90.476 
_cell.length_c           58.301 
_cell.angle_alpha        90.000 
_cell.angle_beta         90.000 
_cell.angle_gamma        90.000 
_cell.entry_id           3CR2 
_cell.pdbx_unique_axis   ? 
_cell.Z_PDB              8 
_cell.length_a_esd       ? 
_cell.length_b_esd       ? 
_cell.length_c_esd       ? 
_cell.angle_alpha_esd    ? 
_cell.angle_beta_esd     ? 
_cell.angle_gamma_esd    ? 
# 
_symmetry.space_group_name_H-M             'C 2 2 21' 
_symmetry.entry_id                         3CR2 
_symmetry.Int_Tables_number                20 
_symmetry.pdbx_full_space_group_name_H-M   ? 
_symmetry.cell_setting                     ? 
_symmetry.space_group_name_Hall            ? 
# 
_exptl.crystals_number   1 
_exptl.entry_id          3CR2 
_exptl.method            'X-RAY DIFFRACTION' 
# 
_exptl_crystal.id                    1 
_exptl_crystal.density_Matthews      2.13 
_exptl_crystal.density_meas          ? 
_exptl_crystal.density_percent_sol   42.39 
_exptl_crystal.description           ? 
_exptl_crystal.F_000                 ? 
_exptl_crystal.preparation           ? 
# 
_exptl_crystal_grow.crystal_id      1 
_exptl_crystal_grow.method          'VAPOR DIFFUSION, SITTING DROP' 
_exptl_crystal_grow.pH              6.5 
_exptl_crystal_grow.temp            298 
_exptl_crystal_grow.pdbx_details    
'PEG3350, CaCl2, ZnCl2, Cacodylate buffer, pH 6.5, VAPOR DIFFUSION, SITTING DROP, temperature 298K' 
_exptl_crystal_grow.temp_details    ? 
_exptl_crystal_grow.pdbx_pH_range   . 
# 
_diffrn.id                     1 
_diffrn.ambient_temp           100 
_diffrn.ambient_temp_details   ? 
_diffrn.crystal_id             1 
# 
_diffrn_detector.diffrn_id              1 
_diffrn_detector.detector               CCD 
_diffrn_detector.type                   'ADSC QUANTUM 315r' 
_diffrn_detector.pdbx_collection_date   2007-02-23 
_diffrn_detector.details                ? 
# 
_diffrn_radiation.diffrn_id                        1 
_diffrn_radiation.pdbx_diffrn_protocol             'SINGLE WAVELENGTH' 
_diffrn_radiation.monochromator                    ? 
_diffrn_radiation.wavelength_id                    1 
_diffrn_radiation.pdbx_monochromatic_or_laue_m_l   M 
_diffrn_radiation.pdbx_scattering_type             x-ray 
# 
_diffrn_radiation_wavelength.id           1 
_diffrn_radiation_wavelength.wavelength   0.98 
_diffrn_radiation_wavelength.wt           1.0 
# 
_diffrn_source.diffrn_id                   1 
_diffrn_source.source                      SYNCHROTRON 
_diffrn_source.type                        'SSRL BEAMLINE BL9-1' 
_diffrn_source.pdbx_wavelength_list        0.98 
_diffrn_source.pdbx_wavelength             ? 
_diffrn_source.pdbx_synchrotron_site       SSRL 
_diffrn_source.pdbx_synchrotron_beamline   BL9-1 
# 
_reflns.entry_id                     3CR2 
_reflns.d_resolution_high            1.880 
_reflns.d_resolution_low             45.000 
_reflns.number_obs                   7477 
_reflns.pdbx_Rmerge_I_obs            0.058 
_reflns.pdbx_netI_over_sigmaI        20.300 
_reflns.pdbx_chi_squared             1.261 
_reflns.pdbx_redundancy              6.600 
_reflns.percent_possible_obs         96.800 
_reflns.observed_criterion_sigma_F   ? 
_reflns.observed_criterion_sigma_I   ? 
_reflns.number_all                   ? 
_reflns.pdbx_Rsym_value              ? 
_reflns.B_iso_Wilson_estimate        ? 
_reflns.R_free_details               ? 
_reflns.limit_h_max                  ? 
_reflns.limit_h_min                  ? 
_reflns.limit_k_max                  ? 
_reflns.limit_k_min                  ? 
_reflns.limit_l_max                  ? 
_reflns.limit_l_min                  ? 
_reflns.observed_criterion_F_max     ? 
_reflns.observed_criterion_F_min     ? 
_reflns.pdbx_scaling_rejects         ? 
_reflns.pdbx_ordinal                 1 
_reflns.pdbx_diffrn_id               1 
# 
loop_
_reflns_shell.d_res_high 
_reflns_shell.d_res_low 
_reflns_shell.number_measured_obs 
_reflns_shell.number_measured_all 
_reflns_shell.number_unique_obs 
_reflns_shell.Rmerge_I_obs 
_reflns_shell.meanI_over_sigI_obs 
_reflns_shell.pdbx_Rsym_value 
_reflns_shell.pdbx_chi_squared 
_reflns_shell.pdbx_redundancy 
_reflns_shell.percent_possible_obs 
_reflns_shell.number_unique_all 
_reflns_shell.percent_possible_all 
_reflns_shell.pdbx_ordinal 
_reflns_shell.pdbx_diffrn_id 
1.88 1.95  ? ? ? 0.359 ? ? 1.157 5.10 ? 732 97.10  1  1 
1.95 2.03  ? ? ? 0.229 ? ? 1.256 6.50 ? 759 99.90  2  1 
2.03 2.12  ? ? ? 0.174 ? ? 1.378 7.00 ? 748 100.00 3  1 
2.12 2.23  ? ? ? 0.127 ? ? 1.333 7.10 ? 759 100.00 4  1 
2.23 2.37  ? ? ? 0.108 ? ? 1.356 7.10 ? 766 100.00 5  1 
2.37 2.55  ? ? ? 0.084 ? ? 1.227 7.10 ? 760 100.00 6  1 
2.55 2.81  ? ? ? 0.076 ? ? 1.285 7.10 ? 774 100.00 7  1 
2.81 3.21  ? ? ? 0.071 ? ? 1.204 7.00 ? 776 99.60  8  1 
3.21 4.05  ? ? ? 0.051 ? ? 1.185 6.40 ? 739 94.30  9  1 
4.05 45.00 ? ? ? 0.043 ? ? 1.142 5.80 ? 664 78.80  10 1 
# 
_refine.entry_id                                 3CR2 
_refine.ls_d_res_high                            1.880 
_refine.ls_d_res_low                             45.220 
_refine.pdbx_ls_sigma_F                          0.00 
_refine.ls_percent_reflns_obs                    96.450 
_refine.ls_number_reflns_obs                     7464 
_refine.pdbx_ls_cross_valid_method               THROUGHOUT 
_refine.pdbx_R_Free_selection_details            RANDOM 
_refine.ls_R_factor_obs                          0.221 
_refine.ls_R_factor_R_work                       0.219 
_refine.ls_R_factor_R_free                       0.268 
_refine.ls_percent_reflns_R_free                 4.600 
_refine.ls_number_reflns_R_free                  344 
_refine.B_iso_mean                               49.423 
_refine.aniso_B[1][1]                            1.220 
_refine.aniso_B[2][2]                            -0.710 
_refine.aniso_B[3][3]                            -0.510 
_refine.aniso_B[1][2]                            0.000 
_refine.aniso_B[1][3]                            0.000 
_refine.aniso_B[2][3]                            0.000 
_refine.correlation_coeff_Fo_to_Fc               0.947 
_refine.correlation_coeff_Fo_to_Fc_free          0.925 
_refine.pdbx_overall_ESU_R                       0.184 
_refine.pdbx_overall_ESU_R_Free                  0.170 
_refine.overall_SU_ML                            0.147 
_refine.overall_SU_B                             11.503 
_refine.solvent_model_details                    MASK 
_refine.pdbx_solvent_vdw_probe_radii             1.200 
_refine.pdbx_solvent_ion_probe_radii             0.800 
_refine.pdbx_solvent_shrinkage_radii             0.800 
_refine.pdbx_method_to_determine_struct          'MOLECULAR REPLACEMENT' 
_refine.pdbx_stereochemistry_target_values       'MAXIMUM LIKELIHOOD' 
_refine.pdbx_ls_sigma_I                          ? 
_refine.ls_number_reflns_all                     ? 
_refine.ls_R_factor_all                          ? 
_refine.ls_redundancy_reflns_obs                 ? 
_refine.pdbx_data_cutoff_high_absF               ? 
_refine.pdbx_data_cutoff_low_absF                ? 
_refine.ls_number_parameters                     ? 
_refine.ls_number_restraints                     ? 
_refine.ls_R_factor_R_free_error                 ? 
_refine.ls_R_factor_R_free_error_details         ? 
_refine.pdbx_starting_model                      ? 
_refine.pdbx_stereochem_target_val_spec_case     ? 
_refine.solvent_model_param_bsol                 ? 
_refine.solvent_model_param_ksol                 ? 
_refine.occupancy_max                            ? 
_refine.occupancy_min                            ? 
_refine.pdbx_isotropic_thermal_model             ? 
_refine.details                                  ? 
_refine.B_iso_min                                ? 
_refine.B_iso_max                                ? 
_refine.overall_SU_R_Cruickshank_DPI             ? 
_refine.overall_SU_R_free                        ? 
_refine.pdbx_data_cutoff_high_rms_absF           ? 
_refine.ls_wR_factor_R_free                      ? 
_refine.ls_wR_factor_R_work                      ? 
_refine.overall_FOM_free_R_set                   ? 
_refine.overall_FOM_work_R_set                   ? 
_refine.pdbx_overall_phase_error                 ? 
_refine.pdbx_refine_id                           'X-RAY DIFFRACTION' 
_refine.pdbx_TLS_residual_ADP_flag               'LIKELY RESIDUAL' 
_refine.pdbx_diffrn_id                           1 
_refine.pdbx_overall_SU_R_free_Cruickshank_DPI   ? 
_refine.pdbx_overall_SU_R_Blow_DPI               ? 
_refine.pdbx_overall_SU_R_free_Blow_DPI          ? 
# 
_refine_hist.pdbx_refine_id                   'X-RAY DIFFRACTION' 
_refine_hist.cycle_id                         LAST 
_refine_hist.pdbx_number_atoms_protein        714 
_refine_hist.pdbx_number_atoms_nucleic_acid   0 
_refine_hist.pdbx_number_atoms_ligand         3 
_refine_hist.number_atoms_solvent             51 
_refine_hist.number_atoms_total               768 
_refine_hist.d_res_high                       1.880 
_refine_hist.d_res_low                        45.220 
# 
loop_
_refine_ls_restr.type 
_refine_ls_restr.number 
_refine_ls_restr.dev_ideal 
_refine_ls_restr.dev_ideal_target 
_refine_ls_restr.weight 
_refine_ls_restr.pdbx_refine_id 
_refine_ls_restr.pdbx_restraint_function 
r_bond_refined_d             725 0.015  0.022  ? 'X-RAY DIFFRACTION' ? 
r_angle_refined_deg          972 1.543  1.945  ? 'X-RAY DIFFRACTION' ? 
r_dihedral_angle_1_deg       89  4.829  5.000  ? 'X-RAY DIFFRACTION' ? 
r_dihedral_angle_2_deg       38  33.237 26.316 ? 'X-RAY DIFFRACTION' ? 
r_dihedral_angle_3_deg       135 16.380 15.000 ? 'X-RAY DIFFRACTION' ? 
r_dihedral_angle_4_deg       1   4.076  15.000 ? 'X-RAY DIFFRACTION' ? 
r_chiral_restr               108 0.125  0.200  ? 'X-RAY DIFFRACTION' ? 
r_gen_planes_refined         542 0.006  0.020  ? 'X-RAY DIFFRACTION' ? 
r_nbd_refined                359 0.243  0.200  ? 'X-RAY DIFFRACTION' ? 
r_nbtor_refined              513 0.301  0.200  ? 'X-RAY DIFFRACTION' ? 
r_xyhbond_nbd_refined        44  0.266  0.200  ? 'X-RAY DIFFRACTION' ? 
r_metal_ion_refined          6   0.109  0.200  ? 'X-RAY DIFFRACTION' ? 
r_symmetry_vdw_refined       47  0.215  0.200  ? 'X-RAY DIFFRACTION' ? 
r_symmetry_hbond_refined     12  0.223  0.200  ? 'X-RAY DIFFRACTION' ? 
r_symmetry_metal_ion_refined 2   0.097  0.200  ? 'X-RAY DIFFRACTION' ? 
r_mcbond_it                  464 0.873  1.500  ? 'X-RAY DIFFRACTION' ? 
r_mcangle_it                 714 1.124  2.000  ? 'X-RAY DIFFRACTION' ? 
r_scbond_it                  291 2.003  3.000  ? 'X-RAY DIFFRACTION' ? 
r_scangle_it                 258 2.725  4.500  ? 'X-RAY DIFFRACTION' ? 
# 
_refine_ls_shell.d_res_high                       1.882 
_refine_ls_shell.d_res_low                        1.931 
_refine_ls_shell.pdbx_total_number_of_bins_used   20 
_refine_ls_shell.percent_reflns_obs               91.900 
_refine_ls_shell.number_reflns_R_work             502 
_refine_ls_shell.R_factor_all                     ? 
_refine_ls_shell.R_factor_R_work                  0.311 
_refine_ls_shell.R_factor_R_free                  0.467 
_refine_ls_shell.percent_reflns_R_free            ? 
_refine_ls_shell.number_reflns_R_free             20 
_refine_ls_shell.R_factor_R_free_error            ? 
_refine_ls_shell.number_reflns_all                522 
_refine_ls_shell.number_reflns_obs                ? 
_refine_ls_shell.redundancy_reflns_obs            ? 
_refine_ls_shell.pdbx_refine_id                   'X-RAY DIFFRACTION' 
# 
_struct.entry_id                  3CR2 
_struct.title                     'X-ray structure of bovine Zn(2+),Ca(2+)-S100B' 
_struct.pdbx_model_details        ? 
_struct.pdbx_CASP_flag            ? 
_struct.pdbx_model_type_details   ? 
# 
_struct_keywords.entry_id        3CR2 
_struct_keywords.text            'EF hand, Alpha helical, Metal-binding, Nucleus, METAL BINDING PROTEIN' 
_struct_keywords.pdbx_keywords   'METAL BINDING PROTEIN' 
# 
loop_
_struct_asym.id 
_struct_asym.pdbx_blank_PDB_chainid_flag 
_struct_asym.pdbx_modified 
_struct_asym.entity_id 
_struct_asym.details 
A N N 1 ? 
B N N 2 ? 
C N N 2 ? 
D N N 3 ? 
E N N 4 ? 
# 
_struct_ref.id                         1 
_struct_ref.db_name                    UNP 
_struct_ref.db_code                    S100B_BOVIN 
_struct_ref.pdbx_db_accession          P02638 
_struct_ref.entity_id                  1 
_struct_ref.pdbx_seq_one_letter_code   
;MSELEKAVVALIDVFHQYSGREGDKHKLKKSELKELINNELSHFLEEIKEQEVVDKVMETLDSDGDGECDFQEFMAFVAM
ITTACHEFFEHE
;
_struct_ref.pdbx_align_begin           1 
_struct_ref.pdbx_db_isoform            ? 
# 
_struct_ref_seq.align_id                      1 
_struct_ref_seq.ref_id                        1 
_struct_ref_seq.pdbx_PDB_id_code              3CR2 
_struct_ref_seq.pdbx_strand_id                A 
_struct_ref_seq.seq_align_beg                 1 
_struct_ref_seq.pdbx_seq_align_beg_ins_code   ? 
_struct_ref_seq.seq_align_end                 92 
_struct_ref_seq.pdbx_seq_align_end_ins_code   ? 
_struct_ref_seq.pdbx_db_accession             P02638 
_struct_ref_seq.db_align_beg                  1 
_struct_ref_seq.pdbx_db_align_beg_ins_code    ? 
_struct_ref_seq.db_align_end                  92 
_struct_ref_seq.pdbx_db_align_end_ins_code    ? 
_struct_ref_seq.pdbx_auth_seq_align_beg       0 
_struct_ref_seq.pdbx_auth_seq_align_end       91 
# 
_pdbx_struct_assembly.id                   1 
_pdbx_struct_assembly.details              author_and_software_defined_assembly 
_pdbx_struct_assembly.method_details       PISA 
_pdbx_struct_assembly.oligomeric_details   dimeric 
_pdbx_struct_assembly.oligomeric_count     2 
# 
loop_
_pdbx_struct_assembly_prop.biol_id 
_pdbx_struct_assembly_prop.type 
_pdbx_struct_assembly_prop.value 
_pdbx_struct_assembly_prop.details 
1 'ABSA (A^2)' 3260   ? 
1 MORE         -159.9 ? 
1 'SSA (A^2)'  9550   ? 
# 
_pdbx_struct_assembly_gen.assembly_id       1 
_pdbx_struct_assembly_gen.oper_expression   1,2 
_pdbx_struct_assembly_gen.asym_id_list      A,B,C,D,E 
# 
loop_
_pdbx_struct_oper_list.id 
_pdbx_struct_oper_list.type 
_pdbx_struct_oper_list.name 
_pdbx_struct_oper_list.symmetry_operation 
_pdbx_struct_oper_list.matrix[1][1] 
_pdbx_struct_oper_list.matrix[1][2] 
_pdbx_struct_oper_list.matrix[1][3] 
_pdbx_struct_oper_list.vector[1] 
_pdbx_struct_oper_list.matrix[2][1] 
_pdbx_struct_oper_list.matrix[2][2] 
_pdbx_struct_oper_list.matrix[2][3] 
_pdbx_struct_oper_list.vector[2] 
_pdbx_struct_oper_list.matrix[3][1] 
_pdbx_struct_oper_list.matrix[3][2] 
_pdbx_struct_oper_list.matrix[3][3] 
_pdbx_struct_oper_list.vector[3] 
1 'identity operation'         1_555 x,y,z   1.0000000000 0.0000000000 0.0000000000  0.0000000000  0.0000000000 1.0000000000  0.0000000000  0.0000000000  0.0000000000  0.0000000000  1.0000000000  0.0000000000  
2 'crystal symmetry operation' 4_555 x,-y,-z 0.0791101124 0.5580477967 -0.8260292045 14.1689395101 0.5580477967 -0.7114128208 -0.4271702881 -4.2874608166 -0.8260292045 -0.4271702881 -0.3676972916 15.6135373600 
# 
_struct_biol.id        1 
_struct_biol.details   ? 
# 
loop_
_struct_conf.conf_type_id 
_struct_conf.id 
_struct_conf.pdbx_PDB_helix_id 
_struct_conf.beg_label_comp_id 
_struct_conf.beg_label_asym_id 
_struct_conf.beg_label_seq_id 
_struct_conf.pdbx_beg_PDB_ins_code 
_struct_conf.end_label_comp_id 
_struct_conf.end_label_asym_id 
_struct_conf.end_label_seq_id 
_struct_conf.pdbx_end_PDB_ins_code 
_struct_conf.beg_auth_comp_id 
_struct_conf.beg_auth_asym_id 
_struct_conf.beg_auth_seq_id 
_struct_conf.end_auth_comp_id 
_struct_conf.end_auth_asym_id 
_struct_conf.end_auth_seq_id 
_struct_conf.pdbx_PDB_helix_class 
_struct_conf.details 
_struct_conf.pdbx_PDB_helix_length 
HELX_P HELX_P1 1 SER A 2  ? GLY A 20 ? SER A 1  GLY A 19 1 ? 19 
HELX_P HELX_P2 2 LYS A 29 ? LEU A 41 ? LYS A 28 LEU A 40 1 ? 13 
HELX_P HELX_P3 3 GLU A 50 ? ASP A 62 ? GLU A 49 ASP A 61 1 ? 13 
HELX_P HELX_P4 4 ASP A 70 ? PHE A 89 ? ASP A 69 PHE A 88 1 ? 20 
# 
_struct_conf_type.id          HELX_P 
_struct_conf_type.criteria    ? 
_struct_conf_type.reference   ? 
# 
loop_
_struct_conn.id 
_struct_conn.conn_type_id 
_struct_conn.pdbx_leaving_atom_flag 
_struct_conn.pdbx_PDB_id 
_struct_conn.ptnr1_label_asym_id 
_struct_conn.ptnr1_label_comp_id 
_struct_conn.ptnr1_label_seq_id 
_struct_conn.ptnr1_label_atom_id 
_struct_conn.pdbx_ptnr1_label_alt_id 
_struct_conn.pdbx_ptnr1_PDB_ins_code 
_struct_conn.pdbx_ptnr1_standard_comp_id 
_struct_conn.ptnr1_symmetry 
_struct_conn.ptnr2_label_asym_id 
_struct_conn.ptnr2_label_comp_id 
_struct_conn.ptnr2_label_seq_id 
_struct_conn.ptnr2_label_atom_id 
_struct_conn.pdbx_ptnr2_label_alt_id 
_struct_conn.pdbx_ptnr2_PDB_ins_code 
_struct_conn.ptnr1_auth_asym_id 
_struct_conn.ptnr1_auth_comp_id 
_struct_conn.ptnr1_auth_seq_id 
_struct_conn.ptnr2_auth_asym_id 
_struct_conn.ptnr2_auth_comp_id 
_struct_conn.ptnr2_auth_seq_id 
_struct_conn.ptnr2_symmetry 
_struct_conn.pdbx_ptnr3_label_atom_id 
_struct_conn.pdbx_ptnr3_label_seq_id 
_struct_conn.pdbx_ptnr3_label_comp_id 
_struct_conn.pdbx_ptnr3_label_asym_id 
_struct_conn.pdbx_ptnr3_label_alt_id 
_struct_conn.pdbx_ptnr3_PDB_ins_code 
_struct_conn.details 
_struct_conn.pdbx_dist_value 
_struct_conn.pdbx_value_order 
_struct_conn.pdbx_role 
metalc1  metalc ? ? A SER 19 O   ? ? ? 1_555 B CA  . CA ? ? A SER 18 A CA  92  1_555 ? ? ? ? ? ? ? 2.307 ? ? 
metalc2  metalc ? ? A GLU 22 O   ? ? ? 1_555 B CA  . CA ? ? A GLU 21 A CA  92  1_555 ? ? ? ? ? ? ? 2.421 ? ? 
metalc3  metalc ? ? A ASP 24 O   ? ? ? 1_555 B CA  . CA ? ? A ASP 23 A CA  92  1_555 ? ? ? ? ? ? ? 2.585 ? ? 
metalc4  metalc ? ? A LYS 27 O   ? ? ? 1_555 B CA  . CA ? ? A LYS 26 A CA  92  1_555 ? ? ? ? ? ? ? 2.426 ? ? 
metalc5  metalc ? ? A GLU 32 OE1 ? ? ? 1_555 B CA  . CA ? ? A GLU 31 A CA  92  1_555 ? ? ? ? ? ? ? 2.439 ? ? 
metalc6  metalc ? ? A GLU 32 OE2 ? ? ? 1_555 B CA  . CA ? ? A GLU 31 A CA  92  1_555 ? ? ? ? ? ? ? 2.651 ? ? 
metalc7  metalc ? ? A ASP 62 OD1 ? ? ? 1_555 C CA  . CA ? ? A ASP 61 A CA  93  1_555 ? ? ? ? ? ? ? 2.256 ? ? 
metalc8  metalc ? ? A ASP 64 OD1 ? ? ? 1_555 C CA  . CA ? ? A ASP 63 A CA  93  1_555 ? ? ? ? ? ? ? 2.565 ? ? 
metalc9  metalc ? ? A ASP 66 OD1 ? ? ? 1_555 C CA  . CA ? ? A ASP 65 A CA  93  1_555 ? ? ? ? ? ? ? 2.452 ? ? 
metalc10 metalc ? ? A GLU 68 O   ? ? ? 1_555 C CA  . CA ? ? A GLU 67 A CA  93  1_555 ? ? ? ? ? ? ? 2.345 ? ? 
metalc11 metalc ? ? A GLU 73 OE1 ? ? ? 1_555 C CA  . CA ? ? A GLU 72 A CA  93  1_555 ? ? ? ? ? ? ? 2.304 ? ? 
metalc12 metalc ? ? A GLU 73 OE2 ? ? ? 1_555 C CA  . CA ? ? A GLU 72 A CA  93  1_555 ? ? ? ? ? ? ? 2.484 ? ? 
metalc13 metalc ? ? A HIS 86 NE2 ? ? ? 1_555 D ZN  . ZN ? ? A HIS 85 A ZN  94  1_555 ? ? ? ? ? ? ? 2.038 ? ? 
metalc14 metalc ? ? A GLU 90 OE2 ? ? ? 1_555 D ZN  . ZN ? ? A GLU 89 A ZN  94  1_555 ? ? ? ? ? ? ? 2.023 ? ? 
metalc15 metalc ? ? B CA  .  CA  ? ? ? 1_555 E HOH . O  ? ? A CA  92 A HOH 125 1_555 ? ? ? ? ? ? ? 2.308 ? ? 
metalc16 metalc ? ? C CA  .  CA  ? ? ? 1_555 E HOH . O  ? ? A CA  93 A HOH 107 1_555 ? ? ? ? ? ? ? 2.518 ? ? 
# 
_struct_conn_type.id          metalc 
_struct_conn_type.criteria    ? 
_struct_conn_type.reference   ? 
# 
loop_
_pdbx_struct_conn_angle.id 
_pdbx_struct_conn_angle.ptnr1_label_atom_id 
_pdbx_struct_conn_angle.ptnr1_label_alt_id 
_pdbx_struct_conn_angle.ptnr1_label_asym_id 
_pdbx_struct_conn_angle.ptnr1_label_comp_id 
_pdbx_struct_conn_angle.ptnr1_label_seq_id 
_pdbx_struct_conn_angle.ptnr1_auth_atom_id 
_pdbx_struct_conn_angle.ptnr1_auth_asym_id 
_pdbx_struct_conn_angle.ptnr1_auth_comp_id 
_pdbx_struct_conn_angle.ptnr1_auth_seq_id 
_pdbx_struct_conn_angle.ptnr1_PDB_ins_code 
_pdbx_struct_conn_angle.ptnr1_symmetry 
_pdbx_struct_conn_angle.ptnr2_label_atom_id 
_pdbx_struct_conn_angle.ptnr2_label_alt_id 
_pdbx_struct_conn_angle.ptnr2_label_asym_id 
_pdbx_struct_conn_angle.ptnr2_label_comp_id 
_pdbx_struct_conn_angle.ptnr2_label_seq_id 
_pdbx_struct_conn_angle.ptnr2_auth_atom_id 
_pdbx_struct_conn_angle.ptnr2_auth_asym_id 
_pdbx_struct_conn_angle.ptnr2_auth_comp_id 
_pdbx_struct_conn_angle.ptnr2_auth_seq_id 
_pdbx_struct_conn_angle.ptnr2_PDB_ins_code 
_pdbx_struct_conn_angle.ptnr2_symmetry 
_pdbx_struct_conn_angle.ptnr3_label_atom_id 
_pdbx_struct_conn_angle.ptnr3_label_alt_id 
_pdbx_struct_conn_angle.ptnr3_label_asym_id 
_pdbx_struct_conn_angle.ptnr3_label_comp_id 
_pdbx_struct_conn_angle.ptnr3_label_seq_id 
_pdbx_struct_conn_angle.ptnr3_auth_atom_id 
_pdbx_struct_conn_angle.ptnr3_auth_asym_id 
_pdbx_struct_conn_angle.ptnr3_auth_comp_id 
_pdbx_struct_conn_angle.ptnr3_auth_seq_id 
_pdbx_struct_conn_angle.ptnr3_PDB_ins_code 
_pdbx_struct_conn_angle.ptnr3_symmetry 
_pdbx_struct_conn_angle.value 
_pdbx_struct_conn_angle.value_esd 
1  O   ? A SER 19 ? A SER 18 ? 1_555 CA ? B CA . ? A CA 92 ? 1_555 O   ? A GLU 22 ? A GLU 21  ? 1_555 102.8 ? 
2  O   ? A SER 19 ? A SER 18 ? 1_555 CA ? B CA . ? A CA 92 ? 1_555 O   ? A ASP 24 ? A ASP 23  ? 1_555 73.9  ? 
3  O   ? A GLU 22 ? A GLU 21 ? 1_555 CA ? B CA . ? A CA 92 ? 1_555 O   ? A ASP 24 ? A ASP 23  ? 1_555 89.1  ? 
4  O   ? A SER 19 ? A SER 18 ? 1_555 CA ? B CA . ? A CA 92 ? 1_555 O   ? A LYS 27 ? A LYS 26  ? 1_555 90.7  ? 
5  O   ? A GLU 22 ? A GLU 21 ? 1_555 CA ? B CA . ? A CA 92 ? 1_555 O   ? A LYS 27 ? A LYS 26  ? 1_555 158.3 ? 
6  O   ? A ASP 24 ? A ASP 23 ? 1_555 CA ? B CA . ? A CA 92 ? 1_555 O   ? A LYS 27 ? A LYS 26  ? 1_555 78.3  ? 
7  O   ? A SER 19 ? A SER 18 ? 1_555 CA ? B CA . ? A CA 92 ? 1_555 OE1 ? A GLU 32 ? A GLU 31  ? 1_555 99.3  ? 
8  O   ? A GLU 22 ? A GLU 21 ? 1_555 CA ? B CA . ? A CA 92 ? 1_555 OE1 ? A GLU 32 ? A GLU 31  ? 1_555 116.7 ? 
9  O   ? A ASP 24 ? A ASP 23 ? 1_555 CA ? B CA . ? A CA 92 ? 1_555 OE1 ? A GLU 32 ? A GLU 31  ? 1_555 154.2 ? 
10 O   ? A LYS 27 ? A LYS 26 ? 1_555 CA ? B CA . ? A CA 92 ? 1_555 OE1 ? A GLU 32 ? A GLU 31  ? 1_555 76.9  ? 
11 O   ? A SER 19 ? A SER 18 ? 1_555 CA ? B CA . ? A CA 92 ? 1_555 OE2 ? A GLU 32 ? A GLU 31  ? 1_555 82.2  ? 
12 O   ? A GLU 22 ? A GLU 21 ? 1_555 CA ? B CA . ? A CA 92 ? 1_555 OE2 ? A GLU 32 ? A GLU 31  ? 1_555 74.4  ? 
13 O   ? A ASP 24 ? A ASP 23 ? 1_555 CA ? B CA . ? A CA 92 ? 1_555 OE2 ? A GLU 32 ? A GLU 31  ? 1_555 147.2 ? 
14 O   ? A LYS 27 ? A LYS 26 ? 1_555 CA ? B CA . ? A CA 92 ? 1_555 OE2 ? A GLU 32 ? A GLU 31  ? 1_555 124.8 ? 
15 OE1 ? A GLU 32 ? A GLU 31 ? 1_555 CA ? B CA . ? A CA 92 ? 1_555 OE2 ? A GLU 32 ? A GLU 31  ? 1_555 51.1  ? 
16 O   ? A SER 19 ? A SER 18 ? 1_555 CA ? B CA . ? A CA 92 ? 1_555 O   ? E HOH .  ? A HOH 125 ? 1_555 164.9 ? 
17 O   ? A GLU 22 ? A GLU 21 ? 1_555 CA ? B CA . ? A CA 92 ? 1_555 O   ? E HOH .  ? A HOH 125 ? 1_555 75.1  ? 
18 O   ? A ASP 24 ? A ASP 23 ? 1_555 CA ? B CA . ? A CA 92 ? 1_555 O   ? E HOH .  ? A HOH 125 ? 1_555 91.0  ? 
19 O   ? A LYS 27 ? A LYS 26 ? 1_555 CA ? B CA . ? A CA 92 ? 1_555 O   ? E HOH .  ? A HOH 125 ? 1_555 87.5  ? 
20 OE1 ? A GLU 32 ? A GLU 31 ? 1_555 CA ? B CA . ? A CA 92 ? 1_555 O   ? E HOH .  ? A HOH 125 ? 1_555 94.8  ? 
21 OE2 ? A GLU 32 ? A GLU 31 ? 1_555 CA ? B CA . ? A CA 92 ? 1_555 O   ? E HOH .  ? A HOH 125 ? 1_555 111.0 ? 
22 OD1 ? A ASP 62 ? A ASP 61 ? 1_555 CA ? C CA . ? A CA 93 ? 1_555 OD1 ? A ASP 64 ? A ASP 63  ? 1_555 86.6  ? 
23 OD1 ? A ASP 62 ? A ASP 61 ? 1_555 CA ? C CA . ? A CA 93 ? 1_555 OD1 ? A ASP 66 ? A ASP 65  ? 1_555 84.0  ? 
24 OD1 ? A ASP 64 ? A ASP 63 ? 1_555 CA ? C CA . ? A CA 93 ? 1_555 OD1 ? A ASP 66 ? A ASP 65  ? 1_555 80.9  ? 
25 OD1 ? A ASP 62 ? A ASP 61 ? 1_555 CA ? C CA . ? A CA 93 ? 1_555 O   ? A GLU 68 ? A GLU 67  ? 1_555 81.9  ? 
26 OD1 ? A ASP 64 ? A ASP 63 ? 1_555 CA ? C CA . ? A CA 93 ? 1_555 O   ? A GLU 68 ? A GLU 67  ? 1_555 151.6 ? 
27 OD1 ? A ASP 66 ? A ASP 65 ? 1_555 CA ? C CA . ? A CA 93 ? 1_555 O   ? A GLU 68 ? A GLU 67  ? 1_555 72.2  ? 
28 OD1 ? A ASP 62 ? A ASP 61 ? 1_555 CA ? C CA . ? A CA 93 ? 1_555 OE1 ? A GLU 73 ? A GLU 72  ? 1_555 114.6 ? 
29 OD1 ? A ASP 64 ? A ASP 63 ? 1_555 CA ? C CA . ? A CA 93 ? 1_555 OE1 ? A GLU 73 ? A GLU 72  ? 1_555 126.9 ? 
30 OD1 ? A ASP 66 ? A ASP 65 ? 1_555 CA ? C CA . ? A CA 93 ? 1_555 OE1 ? A GLU 73 ? A GLU 72  ? 1_555 145.3 ? 
31 O   ? A GLU 68 ? A GLU 67 ? 1_555 CA ? C CA . ? A CA 93 ? 1_555 OE1 ? A GLU 73 ? A GLU 72  ? 1_555 81.5  ? 
32 OD1 ? A ASP 62 ? A ASP 61 ? 1_555 CA ? C CA . ? A CA 93 ? 1_555 OE2 ? A GLU 73 ? A GLU 72  ? 1_555 91.0  ? 
33 OD1 ? A ASP 64 ? A ASP 63 ? 1_555 CA ? C CA . ? A CA 93 ? 1_555 OE2 ? A GLU 73 ? A GLU 72  ? 1_555 79.0  ? 
34 OD1 ? A ASP 66 ? A ASP 65 ? 1_555 CA ? C CA . ? A CA 93 ? 1_555 OE2 ? A GLU 73 ? A GLU 72  ? 1_555 159.6 ? 
35 O   ? A GLU 68 ? A GLU 67 ? 1_555 CA ? C CA . ? A CA 93 ? 1_555 OE2 ? A GLU 73 ? A GLU 72  ? 1_555 126.8 ? 
36 OE1 ? A GLU 73 ? A GLU 72 ? 1_555 CA ? C CA . ? A CA 93 ? 1_555 OE2 ? A GLU 73 ? A GLU 72  ? 1_555 54.0  ? 
37 OD1 ? A ASP 62 ? A ASP 61 ? 1_555 CA ? C CA . ? A CA 93 ? 1_555 O   ? E HOH .  ? A HOH 107 ? 1_555 152.6 ? 
38 OD1 ? A ASP 64 ? A ASP 63 ? 1_555 CA ? C CA . ? A CA 93 ? 1_555 O   ? E HOH .  ? A HOH 107 ? 1_555 81.5  ? 
39 OD1 ? A ASP 66 ? A ASP 65 ? 1_555 CA ? C CA . ? A CA 93 ? 1_555 O   ? E HOH .  ? A HOH 107 ? 1_555 69.8  ? 
40 O   ? A GLU 68 ? A GLU 67 ? 1_555 CA ? C CA . ? A CA 93 ? 1_555 O   ? E HOH .  ? A HOH 107 ? 1_555 97.2  ? 
41 OE1 ? A GLU 73 ? A GLU 72 ? 1_555 CA ? C CA . ? A CA 93 ? 1_555 O   ? E HOH .  ? A HOH 107 ? 1_555 92.1  ? 
42 OE2 ? A GLU 73 ? A GLU 72 ? 1_555 CA ? C CA . ? A CA 93 ? 1_555 O   ? E HOH .  ? A HOH 107 ? 1_555 110.6 ? 
43 NE2 ? A HIS 86 ? A HIS 85 ? 1_555 ZN ? D ZN . ? A ZN 94 ? 1_555 OE2 ? A GLU 90 ? A GLU 89  ? 1_555 111.2 ? 
# 
loop_
_struct_site.id 
_struct_site.pdbx_evidence_code 
_struct_site.pdbx_auth_asym_id 
_struct_site.pdbx_auth_comp_id 
_struct_site.pdbx_auth_seq_id 
_struct_site.pdbx_auth_ins_code 
_struct_site.pdbx_num_residues 
_struct_site.details 
AC1 Software A CA 92 ? 6 'BINDING SITE FOR RESIDUE CA A 92' 
AC2 Software A CA 93 ? 6 'BINDING SITE FOR RESIDUE CA A 93' 
AC3 Software A ZN 94 ? 4 'BINDING SITE FOR RESIDUE ZN A 94' 
# 
loop_
_struct_site_gen.id 
_struct_site_gen.site_id 
_struct_site_gen.pdbx_num_res 
_struct_site_gen.label_comp_id 
_struct_site_gen.label_asym_id 
_struct_site_gen.label_seq_id 
_struct_site_gen.pdbx_auth_ins_code 
_struct_site_gen.auth_comp_id 
_struct_site_gen.auth_asym_id 
_struct_site_gen.auth_seq_id 
_struct_site_gen.label_atom_id 
_struct_site_gen.label_alt_id 
_struct_site_gen.symmetry 
_struct_site_gen.details 
1  AC1 6 SER A 19 ? SER A 18  . ? 1_555 ? 
2  AC1 6 GLU A 22 ? GLU A 21  . ? 1_555 ? 
3  AC1 6 ASP A 24 ? ASP A 23  . ? 1_555 ? 
4  AC1 6 LYS A 27 ? LYS A 26  . ? 1_555 ? 
5  AC1 6 GLU A 32 ? GLU A 31  . ? 1_555 ? 
6  AC1 6 HOH E .  ? HOH A 125 . ? 1_555 ? 
7  AC2 6 ASP A 62 ? ASP A 61  . ? 1_555 ? 
8  AC2 6 ASP A 64 ? ASP A 63  . ? 1_555 ? 
9  AC2 6 ASP A 66 ? ASP A 65  . ? 1_555 ? 
10 AC2 6 GLU A 68 ? GLU A 67  . ? 1_555 ? 
11 AC2 6 GLU A 73 ? GLU A 72  . ? 1_555 ? 
12 AC2 6 HOH E .  ? HOH A 107 . ? 1_555 ? 
13 AC3 4 HIS A 16 ? HIS A 15  . ? 4_555 ? 
14 AC3 4 HIS A 26 ? HIS A 25  . ? 4_555 ? 
15 AC3 4 HIS A 86 ? HIS A 85  . ? 1_555 ? 
16 AC3 4 GLU A 90 ? GLU A 89  . ? 1_555 ? 
# 
_pdbx_validate_close_contact.id               1 
_pdbx_validate_close_contact.PDB_model_num    1 
_pdbx_validate_close_contact.auth_atom_id_1   O 
_pdbx_validate_close_contact.auth_asym_id_1   A 
_pdbx_validate_close_contact.auth_comp_id_1   HOH 
_pdbx_validate_close_contact.auth_seq_id_1    115 
_pdbx_validate_close_contact.PDB_ins_code_1   ? 
_pdbx_validate_close_contact.label_alt_id_1   ? 
_pdbx_validate_close_contact.auth_atom_id_2   O 
_pdbx_validate_close_contact.auth_asym_id_2   A 
_pdbx_validate_close_contact.auth_comp_id_2   HOH 
_pdbx_validate_close_contact.auth_seq_id_2    145 
_pdbx_validate_close_contact.PDB_ins_code_2   ? 
_pdbx_validate_close_contact.label_alt_id_2   ? 
_pdbx_validate_close_contact.dist             1.83 
# 
loop_
_pdbx_struct_special_symmetry.id 
_pdbx_struct_special_symmetry.PDB_model_num 
_pdbx_struct_special_symmetry.auth_asym_id 
_pdbx_struct_special_symmetry.auth_comp_id 
_pdbx_struct_special_symmetry.auth_seq_id 
_pdbx_struct_special_symmetry.PDB_ins_code 
_pdbx_struct_special_symmetry.label_asym_id 
_pdbx_struct_special_symmetry.label_comp_id 
_pdbx_struct_special_symmetry.label_seq_id 
1 1 A HOH 97  ? E HOH . 
2 1 A HOH 138 ? E HOH . 
# 
loop_
_pdbx_refine_tls.id 
_pdbx_refine_tls.details 
_pdbx_refine_tls.method 
_pdbx_refine_tls.origin_x 
_pdbx_refine_tls.origin_y 
_pdbx_refine_tls.origin_z 
_pdbx_refine_tls.T[1][1] 
_pdbx_refine_tls.T[2][2] 
_pdbx_refine_tls.T[3][3] 
_pdbx_refine_tls.T[1][2] 
_pdbx_refine_tls.T[1][3] 
_pdbx_refine_tls.T[2][3] 
_pdbx_refine_tls.L[1][1] 
_pdbx_refine_tls.L[2][2] 
_pdbx_refine_tls.L[3][3] 
_pdbx_refine_tls.L[1][2] 
_pdbx_refine_tls.L[1][3] 
_pdbx_refine_tls.L[2][3] 
_pdbx_refine_tls.S[1][1] 
_pdbx_refine_tls.S[2][2] 
_pdbx_refine_tls.S[3][3] 
_pdbx_refine_tls.S[1][2] 
_pdbx_refine_tls.S[1][3] 
_pdbx_refine_tls.S[2][3] 
_pdbx_refine_tls.S[2][1] 
_pdbx_refine_tls.S[3][1] 
_pdbx_refine_tls.S[3][2] 
_pdbx_refine_tls.pdbx_refine_id 
1 ? refined 18.1711 3.6777   7.2907  -0.1369 -0.1333 -0.0900 -0.0374 0.0722  0.0721  23.3527 7.9953  50.1521 -13.6403 11.2264 -5.4375 -0.1605 -0.4317 0.5921  0.7908  1.2767  -1.3631 -1.5457 -0.9012 1.6111  'X-RAY DIFFRACTION' 
2 ? refined 6.3746  7.1197   3.0264  -0.0346 -0.2342 -0.0541 0.0447  0.0227  -0.0123 19.7594 10.1751 13.7661 -8.6093  14.7018 -9.4666 -0.2098 -0.1603 0.3701  0.0862  0.8667  -0.0738 -0.4258 -0.5553 -0.0837 'X-RAY DIFFRACTION' 
3 ? refined -3.0688 5.9281   -3.7552 -0.1114 -0.1019 -0.0723 0.0597  -0.0162 0.0062  9.2795  6.5164  7.5124  -1.9309  -0.8012 0.7403  -0.0402 -0.0625 0.1026  -0.1484 1.1975  0.2258  -0.3527 -0.6321 -0.5382 'X-RAY DIFFRACTION' 
4 ? refined -5.5583 -4.8287  -4.9101 -0.1464 -0.0951 -0.1429 0.0026  -0.0394 0.0552  12.8209 3.1142  4.9706  0.3379   -0.0066 -0.0365 0.2870  -0.1707 -0.1163 -0.0524 -0.6584 0.3043  -0.2490 0.2261  -0.3525 'X-RAY DIFFRACTION' 
5 ? refined -3.3497 0.8762   5.8805  -0.2008 0.1384  -0.1947 -0.0578 0.0266  -0.0741 12.2982 12.5268 7.1828  -6.1904  5.5406  -2.7633 0.2145  -0.3516 0.1371  -1.1754 0.9776  -0.1351 0.1523  -0.1263 -1.4140 'X-RAY DIFFRACTION' 
6 ? refined 8.2717  -12.8491 1.8762  0.4610  -0.1456 -0.1633 0.0252  -0.0397 0.0159  23.5214 24.5188 4.6150  -20.8609 5.6164  -2.0647 1.7894  -1.1933 -0.5962 0.7318  -0.8601 -0.0598 -1.6903 1.6603  0.0164  'X-RAY DIFFRACTION' 
7 ? refined -1.0742 -2.1287  -0.9878 -0.0661 0.0564  -0.1936 0.0012  -0.0023 0.0376  4.9945  3.4887  2.7787  0.2162   1.1977  0.5293  0.2393  -0.2126 -0.0268 -0.3965 -0.1039 0.0058  -0.1116 0.2057  -0.2426 'X-RAY DIFFRACTION' 
# 
loop_
_pdbx_refine_tls_group.id 
_pdbx_refine_tls_group.refine_tls_id 
_pdbx_refine_tls_group.beg_auth_asym_id 
_pdbx_refine_tls_group.end_auth_asym_id 
_pdbx_refine_tls_group.end_auth_seq_id 
_pdbx_refine_tls_group.selection 
_pdbx_refine_tls_group.beg_auth_seq_id 
_pdbx_refine_tls_group.beg_label_asym_id 
_pdbx_refine_tls_group.beg_label_seq_id 
_pdbx_refine_tls_group.end_label_asym_id 
_pdbx_refine_tls_group.end_label_seq_id 
_pdbx_refine_tls_group.pdbx_refine_id 
_pdbx_refine_tls_group.selection_details 
1 1 A A 5   ? 0  A 1  A 6  'X-RAY DIFFRACTION' ? 
2 2 A A 16  ? 6  A 7  A 17 'X-RAY DIFFRACTION' ? 
3 3 A A 40  ? 17 A 18 A 41 'X-RAY DIFFRACTION' ? 
4 4 A A 63  ? 41 A 42 A 64 'X-RAY DIFFRACTION' ? 
5 5 A A 78  ? 64 A 65 A 79 'X-RAY DIFFRACTION' ? 
6 6 A A 93  ? 79 A 80 C 1  'X-RAY DIFFRACTION' ? 
7 7 A A 145 ? 95 E 1  E 51 'X-RAY DIFFRACTION' ? 
# 
_pdbx_phasing_MR.entry_id                     3CR2 
_pdbx_phasing_MR.method_rotation              ? 
_pdbx_phasing_MR.method_translation           ? 
_pdbx_phasing_MR.model_details                'Phaser MODE: MR_AUTO' 
_pdbx_phasing_MR.R_factor                     ? 
_pdbx_phasing_MR.R_rigid_body                 ? 
_pdbx_phasing_MR.correlation_coeff_Fo_to_Fc   ? 
_pdbx_phasing_MR.correlation_coeff_Io_to_Ic   ? 
_pdbx_phasing_MR.d_res_high_rotation          2.500 
_pdbx_phasing_MR.d_res_low_rotation           22.730 
_pdbx_phasing_MR.d_res_high_translation       2.500 
_pdbx_phasing_MR.d_res_low_translation        22.730 
_pdbx_phasing_MR.packing                      ? 
_pdbx_phasing_MR.reflns_percent_rotation      ? 
_pdbx_phasing_MR.reflns_percent_translation   ? 
_pdbx_phasing_MR.sigma_F_rotation             ? 
_pdbx_phasing_MR.sigma_F_translation          ? 
_pdbx_phasing_MR.sigma_I_rotation             ? 
_pdbx_phasing_MR.sigma_I_translation          ? 
# 
_phasing.method   MR 
# 
loop_
_pdbx_unobs_or_zero_occ_residues.id 
_pdbx_unobs_or_zero_occ_residues.PDB_model_num 
_pdbx_unobs_or_zero_occ_residues.polymer_flag 
_pdbx_unobs_or_zero_occ_residues.occupancy_flag 
_pdbx_unobs_or_zero_occ_residues.auth_asym_id 
_pdbx_unobs_or_zero_occ_residues.auth_comp_id 
_pdbx_unobs_or_zero_occ_residues.auth_seq_id 
_pdbx_unobs_or_zero_occ_residues.PDB_ins_code 
_pdbx_unobs_or_zero_occ_residues.label_asym_id 
_pdbx_unobs_or_zero_occ_residues.label_comp_id 
_pdbx_unobs_or_zero_occ_residues.label_seq_id 
1 1 Y 1 A HIS 90 ? A HIS 91 
2 1 Y 1 A GLU 91 ? A GLU 92 
# 
loop_
_chem_comp_atom.comp_id 
_chem_comp_atom.atom_id 
_chem_comp_atom.type_symbol 
_chem_comp_atom.pdbx_aromatic_flag 
_chem_comp_atom.pdbx_stereo_config 
_chem_comp_atom.pdbx_ordinal 
ALA N    N  N N 1   
ALA CA   C  N S 2   
ALA C    C  N N 3   
ALA O    O  N N 4   
ALA CB   C  N N 5   
ALA OXT  O  N N 6   
ALA H    H  N N 7   
ALA H2   H  N N 8   
ALA HA   H  N N 9   
ALA HB1  H  N N 10  
ALA HB2  H  N N 11  
ALA HB3  H  N N 12  
ALA HXT  H  N N 13  
ARG N    N  N N 14  
ARG CA   C  N S 15  
ARG C    C  N N 16  
ARG O    O  N N 17  
ARG CB   C  N N 18  
ARG CG   C  N N 19  
ARG CD   C  N N 20  
ARG NE   N  N N 21  
ARG CZ   C  N N 22  
ARG NH1  N  N N 23  
ARG NH2  N  N N 24  
ARG OXT  O  N N 25  
ARG H    H  N N 26  
ARG H2   H  N N 27  
ARG HA   H  N N 28  
ARG HB2  H  N N 29  
ARG HB3  H  N N 30  
ARG HG2  H  N N 31  
ARG HG3  H  N N 32  
ARG HD2  H  N N 33  
ARG HD3  H  N N 34  
ARG HE   H  N N 35  
ARG HH11 H  N N 36  
ARG HH12 H  N N 37  
ARG HH21 H  N N 38  
ARG HH22 H  N N 39  
ARG HXT  H  N N 40  
ASN N    N  N N 41  
ASN CA   C  N S 42  
ASN C    C  N N 43  
ASN O    O  N N 44  
ASN CB   C  N N 45  
ASN CG   C  N N 46  
ASN OD1  O  N N 47  
ASN ND2  N  N N 48  
ASN OXT  O  N N 49  
ASN H    H  N N 50  
ASN H2   H  N N 51  
ASN HA   H  N N 52  
ASN HB2  H  N N 53  
ASN HB3  H  N N 54  
ASN HD21 H  N N 55  
ASN HD22 H  N N 56  
ASN HXT  H  N N 57  
ASP N    N  N N 58  
ASP CA   C  N S 59  
ASP C    C  N N 60  
ASP O    O  N N 61  
ASP CB   C  N N 62  
ASP CG   C  N N 63  
ASP OD1  O  N N 64  
ASP OD2  O  N N 65  
ASP OXT  O  N N 66  
ASP H    H  N N 67  
ASP H2   H  N N 68  
ASP HA   H  N N 69  
ASP HB2  H  N N 70  
ASP HB3  H  N N 71  
ASP HD2  H  N N 72  
ASP HXT  H  N N 73  
CA  CA   CA N N 74  
CYS N    N  N N 75  
CYS CA   C  N R 76  
CYS C    C  N N 77  
CYS O    O  N N 78  
CYS CB   C  N N 79  
CYS SG   S  N N 80  
CYS OXT  O  N N 81  
CYS H    H  N N 82  
CYS H2   H  N N 83  
CYS HA   H  N N 84  
CYS HB2  H  N N 85  
CYS HB3  H  N N 86  
CYS HG   H  N N 87  
CYS HXT  H  N N 88  
GLN N    N  N N 89  
GLN CA   C  N S 90  
GLN C    C  N N 91  
GLN O    O  N N 92  
GLN CB   C  N N 93  
GLN CG   C  N N 94  
GLN CD   C  N N 95  
GLN OE1  O  N N 96  
GLN NE2  N  N N 97  
GLN OXT  O  N N 98  
GLN H    H  N N 99  
GLN H2   H  N N 100 
GLN HA   H  N N 101 
GLN HB2  H  N N 102 
GLN HB3  H  N N 103 
GLN HG2  H  N N 104 
GLN HG3  H  N N 105 
GLN HE21 H  N N 106 
GLN HE22 H  N N 107 
GLN HXT  H  N N 108 
GLU N    N  N N 109 
GLU CA   C  N S 110 
GLU C    C  N N 111 
GLU O    O  N N 112 
GLU CB   C  N N 113 
GLU CG   C  N N 114 
GLU CD   C  N N 115 
GLU OE1  O  N N 116 
GLU OE2  O  N N 117 
GLU OXT  O  N N 118 
GLU H    H  N N 119 
GLU H2   H  N N 120 
GLU HA   H  N N 121 
GLU HB2  H  N N 122 
GLU HB3  H  N N 123 
GLU HG2  H  N N 124 
GLU HG3  H  N N 125 
GLU HE2  H  N N 126 
GLU HXT  H  N N 127 
GLY N    N  N N 128 
GLY CA   C  N N 129 
GLY C    C  N N 130 
GLY O    O  N N 131 
GLY OXT  O  N N 132 
GLY H    H  N N 133 
GLY H2   H  N N 134 
GLY HA2  H  N N 135 
GLY HA3  H  N N 136 
GLY HXT  H  N N 137 
HIS N    N  N N 138 
HIS CA   C  N S 139 
HIS C    C  N N 140 
HIS O    O  N N 141 
HIS CB   C  N N 142 
HIS CG   C  Y N 143 
HIS ND1  N  Y N 144 
HIS CD2  C  Y N 145 
HIS CE1  C  Y N 146 
HIS NE2  N  Y N 147 
HIS OXT  O  N N 148 
HIS H    H  N N 149 
HIS H2   H  N N 150 
HIS HA   H  N N 151 
HIS HB2  H  N N 152 
HIS HB3  H  N N 153 
HIS HD1  H  N N 154 
HIS HD2  H  N N 155 
HIS HE1  H  N N 156 
HIS HE2  H  N N 157 
HIS HXT  H  N N 158 
HOH O    O  N N 159 
HOH H1   H  N N 160 
HOH H2   H  N N 161 
ILE N    N  N N 162 
ILE CA   C  N S 163 
ILE C    C  N N 164 
ILE O    O  N N 165 
ILE CB   C  N S 166 
ILE CG1  C  N N 167 
ILE CG2  C  N N 168 
ILE CD1  C  N N 169 
ILE OXT  O  N N 170 
ILE H    H  N N 171 
ILE H2   H  N N 172 
ILE HA   H  N N 173 
ILE HB   H  N N 174 
ILE HG12 H  N N 175 
ILE HG13 H  N N 176 
ILE HG21 H  N N 177 
ILE HG22 H  N N 178 
ILE HG23 H  N N 179 
ILE HD11 H  N N 180 
ILE HD12 H  N N 181 
ILE HD13 H  N N 182 
ILE HXT  H  N N 183 
LEU N    N  N N 184 
LEU CA   C  N S 185 
LEU C    C  N N 186 
LEU O    O  N N 187 
LEU CB   C  N N 188 
LEU CG   C  N N 189 
LEU CD1  C  N N 190 
LEU CD2  C  N N 191 
LEU OXT  O  N N 192 
LEU H    H  N N 193 
LEU H2   H  N N 194 
LEU HA   H  N N 195 
LEU HB2  H  N N 196 
LEU HB3  H  N N 197 
LEU HG   H  N N 198 
LEU HD11 H  N N 199 
LEU HD12 H  N N 200 
LEU HD13 H  N N 201 
LEU HD21 H  N N 202 
LEU HD22 H  N N 203 
LEU HD23 H  N N 204 
LEU HXT  H  N N 205 
LYS N    N  N N 206 
LYS CA   C  N S 207 
LYS C    C  N N 208 
LYS O    O  N N 209 
LYS CB   C  N N 210 
LYS CG   C  N N 211 
LYS CD   C  N N 212 
LYS CE   C  N N 213 
LYS NZ   N  N N 214 
LYS OXT  O  N N 215 
LYS H    H  N N 216 
LYS H2   H  N N 217 
LYS HA   H  N N 218 
LYS HB2  H  N N 219 
LYS HB3  H  N N 220 
LYS HG2  H  N N 221 
LYS HG3  H  N N 222 
LYS HD2  H  N N 223 
LYS HD3  H  N N 224 
LYS HE2  H  N N 225 
LYS HE3  H  N N 226 
LYS HZ1  H  N N 227 
LYS HZ2  H  N N 228 
LYS HZ3  H  N N 229 
LYS HXT  H  N N 230 
MET N    N  N N 231 
MET CA   C  N S 232 
MET C    C  N N 233 
MET O    O  N N 234 
MET CB   C  N N 235 
MET CG   C  N N 236 
MET SD   S  N N 237 
MET CE   C  N N 238 
MET OXT  O  N N 239 
MET H    H  N N 240 
MET H2   H  N N 241 
MET HA   H  N N 242 
MET HB2  H  N N 243 
MET HB3  H  N N 244 
MET HG2  H  N N 245 
MET HG3  H  N N 246 
MET HE1  H  N N 247 
MET HE2  H  N N 248 
MET HE3  H  N N 249 
MET HXT  H  N N 250 
PHE N    N  N N 251 
PHE CA   C  N S 252 
PHE C    C  N N 253 
PHE O    O  N N 254 
PHE CB   C  N N 255 
PHE CG   C  Y N 256 
PHE CD1  C  Y N 257 
PHE CD2  C  Y N 258 
PHE CE1  C  Y N 259 
PHE CE2  C  Y N 260 
PHE CZ   C  Y N 261 
PHE OXT  O  N N 262 
PHE H    H  N N 263 
PHE H2   H  N N 264 
PHE HA   H  N N 265 
PHE HB2  H  N N 266 
PHE HB3  H  N N 267 
PHE HD1  H  N N 268 
PHE HD2  H  N N 269 
PHE HE1  H  N N 270 
PHE HE2  H  N N 271 
PHE HZ   H  N N 272 
PHE HXT  H  N N 273 
SER N    N  N N 274 
SER CA   C  N S 275 
SER C    C  N N 276 
SER O    O  N N 277 
SER CB   C  N N 278 
SER OG   O  N N 279 
SER OXT  O  N N 280 
SER H    H  N N 281 
SER H2   H  N N 282 
SER HA   H  N N 283 
SER HB2  H  N N 284 
SER HB3  H  N N 285 
SER HG   H  N N 286 
SER HXT  H  N N 287 
THR N    N  N N 288 
THR CA   C  N S 289 
THR C    C  N N 290 
THR O    O  N N 291 
THR CB   C  N R 292 
THR OG1  O  N N 293 
THR CG2  C  N N 294 
THR OXT  O  N N 295 
THR H    H  N N 296 
THR H2   H  N N 297 
THR HA   H  N N 298 
THR HB   H  N N 299 
THR HG1  H  N N 300 
THR HG21 H  N N 301 
THR HG22 H  N N 302 
THR HG23 H  N N 303 
THR HXT  H  N N 304 
TYR N    N  N N 305 
TYR CA   C  N S 306 
TYR C    C  N N 307 
TYR O    O  N N 308 
TYR CB   C  N N 309 
TYR CG   C  Y N 310 
TYR CD1  C  Y N 311 
TYR CD2  C  Y N 312 
TYR CE1  C  Y N 313 
TYR CE2  C  Y N 314 
TYR CZ   C  Y N 315 
TYR OH   O  N N 316 
TYR OXT  O  N N 317 
TYR H    H  N N 318 
TYR H2   H  N N 319 
TYR HA   H  N N 320 
TYR HB2  H  N N 321 
TYR HB3  H  N N 322 
TYR HD1  H  N N 323 
TYR HD2  H  N N 324 
TYR HE1  H  N N 325 
TYR HE2  H  N N 326 
TYR HH   H  N N 327 
TYR HXT  H  N N 328 
VAL N    N  N N 329 
VAL CA   C  N S 330 
VAL C    C  N N 331 
VAL O    O  N N 332 
VAL CB   C  N N 333 
VAL CG1  C  N N 334 
VAL CG2  C  N N 335 
VAL OXT  O  N N 336 
VAL H    H  N N 337 
VAL H2   H  N N 338 
VAL HA   H  N N 339 
VAL HB   H  N N 340 
VAL HG11 H  N N 341 
VAL HG12 H  N N 342 
VAL HG13 H  N N 343 
VAL HG21 H  N N 344 
VAL HG22 H  N N 345 
VAL HG23 H  N N 346 
VAL HXT  H  N N 347 
ZN  ZN   ZN N N 348 
# 
loop_
_chem_comp_bond.comp_id 
_chem_comp_bond.atom_id_1 
_chem_comp_bond.atom_id_2 
_chem_comp_bond.value_order 
_chem_comp_bond.pdbx_aromatic_flag 
_chem_comp_bond.pdbx_stereo_config 
_chem_comp_bond.pdbx_ordinal 
ALA N   CA   sing N N 1   
ALA N   H    sing N N 2   
ALA N   H2   sing N N 3   
ALA CA  C    sing N N 4   
ALA CA  CB   sing N N 5   
ALA CA  HA   sing N N 6   
ALA C   O    doub N N 7   
ALA C   OXT  sing N N 8   
ALA CB  HB1  sing N N 9   
ALA CB  HB2  sing N N 10  
ALA CB  HB3  sing N N 11  
ALA OXT HXT  sing N N 12  
ARG N   CA   sing N N 13  
ARG N   H    sing N N 14  
ARG N   H2   sing N N 15  
ARG CA  C    sing N N 16  
ARG CA  CB   sing N N 17  
ARG CA  HA   sing N N 18  
ARG C   O    doub N N 19  
ARG C   OXT  sing N N 20  
ARG CB  CG   sing N N 21  
ARG CB  HB2  sing N N 22  
ARG CB  HB3  sing N N 23  
ARG CG  CD   sing N N 24  
ARG CG  HG2  sing N N 25  
ARG CG  HG3  sing N N 26  
ARG CD  NE   sing N N 27  
ARG CD  HD2  sing N N 28  
ARG CD  HD3  sing N N 29  
ARG NE  CZ   sing N N 30  
ARG NE  HE   sing N N 31  
ARG CZ  NH1  sing N N 32  
ARG CZ  NH2  doub N N 33  
ARG NH1 HH11 sing N N 34  
ARG NH1 HH12 sing N N 35  
ARG NH2 HH21 sing N N 36  
ARG NH2 HH22 sing N N 37  
ARG OXT HXT  sing N N 38  
ASN N   CA   sing N N 39  
ASN N   H    sing N N 40  
ASN N   H2   sing N N 41  
ASN CA  C    sing N N 42  
ASN CA  CB   sing N N 43  
ASN CA  HA   sing N N 44  
ASN C   O    doub N N 45  
ASN C   OXT  sing N N 46  
ASN CB  CG   sing N N 47  
ASN CB  HB2  sing N N 48  
ASN CB  HB3  sing N N 49  
ASN CG  OD1  doub N N 50  
ASN CG  ND2  sing N N 51  
ASN ND2 HD21 sing N N 52  
ASN ND2 HD22 sing N N 53  
ASN OXT HXT  sing N N 54  
ASP N   CA   sing N N 55  
ASP N   H    sing N N 56  
ASP N   H2   sing N N 57  
ASP CA  C    sing N N 58  
ASP CA  CB   sing N N 59  
ASP CA  HA   sing N N 60  
ASP C   O    doub N N 61  
ASP C   OXT  sing N N 62  
ASP CB  CG   sing N N 63  
ASP CB  HB2  sing N N 64  
ASP CB  HB3  sing N N 65  
ASP CG  OD1  doub N N 66  
ASP CG  OD2  sing N N 67  
ASP OD2 HD2  sing N N 68  
ASP OXT HXT  sing N N 69  
CYS N   CA   sing N N 70  
CYS N   H    sing N N 71  
CYS N   H2   sing N N 72  
CYS CA  C    sing N N 73  
CYS CA  CB   sing N N 74  
CYS CA  HA   sing N N 75  
CYS C   O    doub N N 76  
CYS C   OXT  sing N N 77  
CYS CB  SG   sing N N 78  
CYS CB  HB2  sing N N 79  
CYS CB  HB3  sing N N 80  
CYS SG  HG   sing N N 81  
CYS OXT HXT  sing N N 82  
GLN N   CA   sing N N 83  
GLN N   H    sing N N 84  
GLN N   H2   sing N N 85  
GLN CA  C    sing N N 86  
GLN CA  CB   sing N N 87  
GLN CA  HA   sing N N 88  
GLN C   O    doub N N 89  
GLN C   OXT  sing N N 90  
GLN CB  CG   sing N N 91  
GLN CB  HB2  sing N N 92  
GLN CB  HB3  sing N N 93  
GLN CG  CD   sing N N 94  
GLN CG  HG2  sing N N 95  
GLN CG  HG3  sing N N 96  
GLN CD  OE1  doub N N 97  
GLN CD  NE2  sing N N 98  
GLN NE2 HE21 sing N N 99  
GLN NE2 HE22 sing N N 100 
GLN OXT HXT  sing N N 101 
GLU N   CA   sing N N 102 
GLU N   H    sing N N 103 
GLU N   H2   sing N N 104 
GLU CA  C    sing N N 105 
GLU CA  CB   sing N N 106 
GLU CA  HA   sing N N 107 
GLU C   O    doub N N 108 
GLU C   OXT  sing N N 109 
GLU CB  CG   sing N N 110 
GLU CB  HB2  sing N N 111 
GLU CB  HB3  sing N N 112 
GLU CG  CD   sing N N 113 
GLU CG  HG2  sing N N 114 
GLU CG  HG3  sing N N 115 
GLU CD  OE1  doub N N 116 
GLU CD  OE2  sing N N 117 
GLU OE2 HE2  sing N N 118 
GLU OXT HXT  sing N N 119 
GLY N   CA   sing N N 120 
GLY N   H    sing N N 121 
GLY N   H2   sing N N 122 
GLY CA  C    sing N N 123 
GLY CA  HA2  sing N N 124 
GLY CA  HA3  sing N N 125 
GLY C   O    doub N N 126 
GLY C   OXT  sing N N 127 
GLY OXT HXT  sing N N 128 
HIS N   CA   sing N N 129 
HIS N   H    sing N N 130 
HIS N   H2   sing N N 131 
HIS CA  C    sing N N 132 
HIS CA  CB   sing N N 133 
HIS CA  HA   sing N N 134 
HIS C   O    doub N N 135 
HIS C   OXT  sing N N 136 
HIS CB  CG   sing N N 137 
HIS CB  HB2  sing N N 138 
HIS CB  HB3  sing N N 139 
HIS CG  ND1  sing Y N 140 
HIS CG  CD2  doub Y N 141 
HIS ND1 CE1  doub Y N 142 
HIS ND1 HD1  sing N N 143 
HIS CD2 NE2  sing Y N 144 
HIS CD2 HD2  sing N N 145 
HIS CE1 NE2  sing Y N 146 
HIS CE1 HE1  sing N N 147 
HIS NE2 HE2  sing N N 148 
HIS OXT HXT  sing N N 149 
HOH O   H1   sing N N 150 
HOH O   H2   sing N N 151 
ILE N   CA   sing N N 152 
ILE N   H    sing N N 153 
ILE N   H2   sing N N 154 
ILE CA  C    sing N N 155 
ILE CA  CB   sing N N 156 
ILE CA  HA   sing N N 157 
ILE C   O    doub N N 158 
ILE C   OXT  sing N N 159 
ILE CB  CG1  sing N N 160 
ILE CB  CG2  sing N N 161 
ILE CB  HB   sing N N 162 
ILE CG1 CD1  sing N N 163 
ILE CG1 HG12 sing N N 164 
ILE CG1 HG13 sing N N 165 
ILE CG2 HG21 sing N N 166 
ILE CG2 HG22 sing N N 167 
ILE CG2 HG23 sing N N 168 
ILE CD1 HD11 sing N N 169 
ILE CD1 HD12 sing N N 170 
ILE CD1 HD13 sing N N 171 
ILE OXT HXT  sing N N 172 
LEU N   CA   sing N N 173 
LEU N   H    sing N N 174 
LEU N   H2   sing N N 175 
LEU CA  C    sing N N 176 
LEU CA  CB   sing N N 177 
LEU CA  HA   sing N N 178 
LEU C   O    doub N N 179 
LEU C   OXT  sing N N 180 
LEU CB  CG   sing N N 181 
LEU CB  HB2  sing N N 182 
LEU CB  HB3  sing N N 183 
LEU CG  CD1  sing N N 184 
LEU CG  CD2  sing N N 185 
LEU CG  HG   sing N N 186 
LEU CD1 HD11 sing N N 187 
LEU CD1 HD12 sing N N 188 
LEU CD1 HD13 sing N N 189 
LEU CD2 HD21 sing N N 190 
LEU CD2 HD22 sing N N 191 
LEU CD2 HD23 sing N N 192 
LEU OXT HXT  sing N N 193 
LYS N   CA   sing N N 194 
LYS N   H    sing N N 195 
LYS N   H2   sing N N 196 
LYS CA  C    sing N N 197 
LYS CA  CB   sing N N 198 
LYS CA  HA   sing N N 199 
LYS C   O    doub N N 200 
LYS C   OXT  sing N N 201 
LYS CB  CG   sing N N 202 
LYS CB  HB2  sing N N 203 
LYS CB  HB3  sing N N 204 
LYS CG  CD   sing N N 205 
LYS CG  HG2  sing N N 206 
LYS CG  HG3  sing N N 207 
LYS CD  CE   sing N N 208 
LYS CD  HD2  sing N N 209 
LYS CD  HD3  sing N N 210 
LYS CE  NZ   sing N N 211 
LYS CE  HE2  sing N N 212 
LYS CE  HE3  sing N N 213 
LYS NZ  HZ1  sing N N 214 
LYS NZ  HZ2  sing N N 215 
LYS NZ  HZ3  sing N N 216 
LYS OXT HXT  sing N N 217 
MET N   CA   sing N N 218 
MET N   H    sing N N 219 
MET N   H2   sing N N 220 
MET CA  C    sing N N 221 
MET CA  CB   sing N N 222 
MET CA  HA   sing N N 223 
MET C   O    doub N N 224 
MET C   OXT  sing N N 225 
MET CB  CG   sing N N 226 
MET CB  HB2  sing N N 227 
MET CB  HB3  sing N N 228 
MET CG  SD   sing N N 229 
MET CG  HG2  sing N N 230 
MET CG  HG3  sing N N 231 
MET SD  CE   sing N N 232 
MET CE  HE1  sing N N 233 
MET CE  HE2  sing N N 234 
MET CE  HE3  sing N N 235 
MET OXT HXT  sing N N 236 
PHE N   CA   sing N N 237 
PHE N   H    sing N N 238 
PHE N   H2   sing N N 239 
PHE CA  C    sing N N 240 
PHE CA  CB   sing N N 241 
PHE CA  HA   sing N N 242 
PHE C   O    doub N N 243 
PHE C   OXT  sing N N 244 
PHE CB  CG   sing N N 245 
PHE CB  HB2  sing N N 246 
PHE CB  HB3  sing N N 247 
PHE CG  CD1  doub Y N 248 
PHE CG  CD2  sing Y N 249 
PHE CD1 CE1  sing Y N 250 
PHE CD1 HD1  sing N N 251 
PHE CD2 CE2  doub Y N 252 
PHE CD2 HD2  sing N N 253 
PHE CE1 CZ   doub Y N 254 
PHE CE1 HE1  sing N N 255 
PHE CE2 CZ   sing Y N 256 
PHE CE2 HE2  sing N N 257 
PHE CZ  HZ   sing N N 258 
PHE OXT HXT  sing N N 259 
SER N   CA   sing N N 260 
SER N   H    sing N N 261 
SER N   H2   sing N N 262 
SER CA  C    sing N N 263 
SER CA  CB   sing N N 264 
SER CA  HA   sing N N 265 
SER C   O    doub N N 266 
SER C   OXT  sing N N 267 
SER CB  OG   sing N N 268 
SER CB  HB2  sing N N 269 
SER CB  HB3  sing N N 270 
SER OG  HG   sing N N 271 
SER OXT HXT  sing N N 272 
THR N   CA   sing N N 273 
THR N   H    sing N N 274 
THR N   H2   sing N N 275 
THR CA  C    sing N N 276 
THR CA  CB   sing N N 277 
THR CA  HA   sing N N 278 
THR C   O    doub N N 279 
THR C   OXT  sing N N 280 
THR CB  OG1  sing N N 281 
THR CB  CG2  sing N N 282 
THR CB  HB   sing N N 283 
THR OG1 HG1  sing N N 284 
THR CG2 HG21 sing N N 285 
THR CG2 HG22 sing N N 286 
THR CG2 HG23 sing N N 287 
THR OXT HXT  sing N N 288 
TYR N   CA   sing N N 289 
TYR N   H    sing N N 290 
TYR N   H2   sing N N 291 
TYR CA  C    sing N N 292 
TYR CA  CB   sing N N 293 
TYR CA  HA   sing N N 294 
TYR C   O    doub N N 295 
TYR C   OXT  sing N N 296 
TYR CB  CG   sing N N 297 
TYR CB  HB2  sing N N 298 
TYR CB  HB3  sing N N 299 
TYR CG  CD1  doub Y N 300 
TYR CG  CD2  sing Y N 301 
TYR CD1 CE1  sing Y N 302 
TYR CD1 HD1  sing N N 303 
TYR CD2 CE2  doub Y N 304 
TYR CD2 HD2  sing N N 305 
TYR CE1 CZ   doub Y N 306 
TYR CE1 HE1  sing N N 307 
TYR CE2 CZ   sing Y N 308 
TYR CE2 HE2  sing N N 309 
TYR CZ  OH   sing N N 310 
TYR OH  HH   sing N N 311 
TYR OXT HXT  sing N N 312 
VAL N   CA   sing N N 313 
VAL N   H    sing N N 314 
VAL N   H2   sing N N 315 
VAL CA  C    sing N N 316 
VAL CA  CB   sing N N 317 
VAL CA  HA   sing N N 318 
VAL C   O    doub N N 319 
VAL C   OXT  sing N N 320 
VAL CB  CG1  sing N N 321 
VAL CB  CG2  sing N N 322 
VAL CB  HB   sing N N 323 
VAL CG1 HG11 sing N N 324 
VAL CG1 HG12 sing N N 325 
VAL CG1 HG13 sing N N 326 
VAL CG2 HG21 sing N N 327 
VAL CG2 HG22 sing N N 328 
VAL CG2 HG23 sing N N 329 
VAL OXT HXT  sing N N 330 
# 
_atom_sites.entry_id                    3CR2 
_atom_sites.fract_transf_matrix[1][1]   0.02123787 
_atom_sites.fract_transf_matrix[1][2]   0.01098289 
_atom_sites.fract_transf_matrix[1][3]   -0.01625701 
_atom_sites.fract_transf_matrix[2][1]   -0.00724814 
_atom_sites.fract_transf_matrix[2][2]   0.00203814 
_atom_sites.fract_transf_matrix[2][3]   -0.00809192 
_atom_sites.fract_transf_matrix[3][1]   -0.00299156 
_atom_sites.fract_transf_matrix[3][2]   0.01554793 
_atom_sites.fract_transf_matrix[3][3]   0.00659573 
_atom_sites.fract_transf_vector[1]      -0.216682 
_atom_sites.fract_transf_vector[2]      0.118890 
_atom_sites.fract_transf_vector[3]      0.003033 
# 
loop_
_atom_type.symbol 
C  
CA 
N  
O  
S  
ZN 
# 
loop_
_atom_site.group_PDB 
_atom_site.id 
_atom_site.type_symbol 
_atom_site.label_atom_id 
_atom_site.label_alt_id 
_atom_site.label_comp_id 
_atom_site.label_asym_id 
_atom_site.label_entity_id 
_atom_site.label_seq_id 
_atom_site.pdbx_PDB_ins_code 
_atom_site.Cartn_x 
_atom_site.Cartn_y 
_atom_site.Cartn_z 
_atom_site.occupancy 
_atom_site.B_iso_or_equiv 
_atom_site.pdbx_formal_charge 
_atom_site.auth_seq_id 
_atom_site.auth_comp_id 
_atom_site.auth_asym_id 
_atom_site.auth_atom_id 
_atom_site.pdbx_PDB_model_num 
ATOM   1   N  N   . MET A 1 1  ? 21.955  8.414   7.814   1.00 53.97 ? 0   MET A N   1 
ATOM   2   C  CA  . MET A 1 1  ? 20.996  7.419   8.350   1.00 55.40 ? 0   MET A CA  1 
ATOM   3   C  C   . MET A 1 1  ? 21.238  6.051   7.708   1.00 53.43 ? 0   MET A C   1 
ATOM   4   O  O   . MET A 1 1  ? 21.753  5.960   6.566   1.00 53.49 ? 0   MET A O   1 
ATOM   5   C  CB  . MET A 1 1  ? 19.539  7.894   8.202   1.00 54.20 ? 0   MET A CB  1 
ATOM   6   C  CG  . MET A 1 1  ? 18.921  7.688   6.845   1.00 55.15 ? 0   MET A CG  1 
ATOM   7   S  SD  . MET A 1 1  ? 17.872  9.065   6.346   1.00 61.49 ? 0   MET A SD  1 
ATOM   8   C  CE  . MET A 1 1  ? 16.335  8.389   6.936   1.00 54.79 ? 0   MET A CE  1 
ATOM   9   N  N   . SER A 1 2  ? 20.906  5.021   8.477   1.00 51.35 ? 1   SER A N   1 
ATOM   10  C  CA  . SER A 1 2  ? 21.125  3.622   8.117   1.00 49.97 ? 1   SER A CA  1 
ATOM   11  C  C   . SER A 1 2  ? 20.068  3.169   7.123   1.00 48.83 ? 1   SER A C   1 
ATOM   12  O  O   . SER A 1 2  ? 19.082  3.821   6.980   1.00 45.77 ? 1   SER A O   1 
ATOM   13  C  CB  . SER A 1 2  ? 20.991  2.754   9.357   1.00 49.48 ? 1   SER A CB  1 
ATOM   14  O  OG  . SER A 1 2  ? 19.634  2.747   9.821   1.00 50.85 ? 1   SER A OG  1 
ATOM   15  N  N   . GLU A 1 3  ? 20.315  2.050   6.441   1.00 48.71 ? 2   GLU A N   1 
ATOM   16  C  CA  . GLU A 1 3  ? 19.338  1.402   5.575   1.00 48.84 ? 2   GLU A CA  1 
ATOM   17  C  C   . GLU A 1 3  ? 17.966  1.199   6.215   1.00 49.70 ? 2   GLU A C   1 
ATOM   18  O  O   . GLU A 1 3  ? 16.941  1.307   5.528   1.00 48.23 ? 2   GLU A O   1 
ATOM   19  C  CB  . GLU A 1 3  ? 19.876  0.028   5.165   1.00 49.55 ? 2   GLU A CB  1 
ATOM   20  C  CG  . GLU A 1 3  ? 20.919  0.095   4.110   1.00 51.67 ? 2   GLU A CG  1 
ATOM   21  C  CD  . GLU A 1 3  ? 20.329  0.338   2.731   1.00 55.96 ? 2   GLU A CD  1 
ATOM   22  O  OE1 . GLU A 1 3  ? 20.187  -0.644  1.960   1.00 55.45 ? 2   GLU A OE1 1 
ATOM   23  O  OE2 . GLU A 1 3  ? 20.012  1.505   2.421   1.00 56.84 ? 2   GLU A OE2 1 
ATOM   24  N  N   . LEU A 1 4  ? 17.948  0.845   7.508   1.00 49.12 ? 3   LEU A N   1 
ATOM   25  C  CA  . LEU A 1 4  ? 16.676  0.656   8.196   1.00 49.28 ? 3   LEU A CA  1 
ATOM   26  C  C   . LEU A 1 4  ? 15.969  1.993   8.371   1.00 49.31 ? 3   LEU A C   1 
ATOM   27  O  O   . LEU A 1 4  ? 14.784  2.085   8.131   1.00 48.88 ? 3   LEU A O   1 
ATOM   28  C  CB  . LEU A 1 4  ? 16.888  0.051   9.572   1.00 48.58 ? 3   LEU A CB  1 
ATOM   29  C  CG  . LEU A 1 4  ? 15.878  -0.887  10.225  1.00 53.44 ? 3   LEU A CG  1 
ATOM   30  C  CD1 . LEU A 1 4  ? 16.111  -0.914  11.784  1.00 47.49 ? 3   LEU A CD1 1 
ATOM   31  C  CD2 . LEU A 1 4  ? 14.373  -0.928  9.744   1.00 50.12 ? 3   LEU A CD2 1 
ATOM   32  N  N   . GLU A 1 5  ? 16.713  3.043   8.704   1.00 50.41 ? 4   GLU A N   1 
ATOM   33  C  CA  . GLU A 1 5  ? 16.081  4.387   8.839   1.00 48.58 ? 4   GLU A CA  1 
ATOM   34  C  C   . GLU A 1 5  ? 15.586  4.862   7.481   1.00 49.26 ? 4   GLU A C   1 
ATOM   35  O  O   . GLU A 1 5  ? 14.477  5.393   7.357   1.00 48.82 ? 4   GLU A O   1 
ATOM   36  C  CB  . GLU A 1 5  ? 17.025  5.423   9.517   1.00 49.59 ? 4   GLU A CB  1 
ATOM   37  C  CG  . GLU A 1 5  ? 17.205  5.134   11.025  1.00 46.40 ? 4   GLU A CG  1 
ATOM   38  C  CD  . GLU A 1 5  ? 18.412  5.752   11.699  1.00 49.17 ? 4   GLU A CD  1 
ATOM   39  O  OE1 . GLU A 1 5  ? 19.451  5.956   11.037  1.00 48.80 ? 4   GLU A OE1 1 
ATOM   40  O  OE2 . GLU A 1 5  ? 18.334  6.006   12.926  1.00 46.87 ? 4   GLU A OE2 1 
ATOM   41  N  N   . LYS A 1 6  ? 16.399  4.660   6.465   1.00 47.64 ? 5   LYS A N   1 
ATOM   42  C  CA  . LYS A 1 6  ? 15.995  5.043   5.109   1.00 47.70 ? 5   LYS A CA  1 
ATOM   43  C  C   . LYS A 1 6  ? 14.674  4.357   4.746   1.00 47.02 ? 5   LYS A C   1 
ATOM   44  O  O   . LYS A 1 6  ? 13.841  4.944   4.071   1.00 45.54 ? 5   LYS A O   1 
ATOM   45  C  CB  . LYS A 1 6  ? 17.093  4.702   4.096   1.00 48.15 ? 5   LYS A CB  1 
ATOM   46  C  CG  . LYS A 1 6  ? 18.200  5.759   3.969   1.00 47.86 ? 5   LYS A CG  1 
ATOM   47  C  CD  . LYS A 1 6  ? 19.351  5.318   3.054   1.00 48.02 ? 5   LYS A CD  1 
ATOM   48  N  N   . ALA A 1 7  ? 14.519  3.094   5.166   1.00 47.76 ? 6   ALA A N   1 
ATOM   49  C  CA  . ALA A 1 7  ? 13.328  2.304   4.845   1.00 47.79 ? 6   ALA A CA  1 
ATOM   50  C  C   . ALA A 1 7  ? 12.106  2.853   5.559   1.00 49.13 ? 6   ALA A C   1 
ATOM   51  O  O   . ALA A 1 7  ? 11.013  2.965   4.958   1.00 49.54 ? 6   ALA A O   1 
ATOM   52  C  CB  . ALA A 1 7  ? 13.540  0.808   5.190   1.00 48.56 ? 6   ALA A CB  1 
ATOM   53  N  N   . VAL A 1 8  ? 12.258  3.150   6.848   1.00 47.79 ? 7   VAL A N   1 
ATOM   54  C  CA  . VAL A 1 8  ? 11.186  3.760   7.630   1.00 48.93 ? 7   VAL A CA  1 
ATOM   55  C  C   . VAL A 1 8  ? 10.714  5.056   6.950   1.00 49.72 ? 7   VAL A C   1 
ATOM   56  O  O   . VAL A 1 8  ? 9.522   5.275   6.813   1.00 49.31 ? 7   VAL A O   1 
ATOM   57  C  CB  . VAL A 1 8  ? 11.665  4.050   9.072   1.00 48.11 ? 7   VAL A CB  1 
ATOM   58  C  CG1 . VAL A 1 8  ? 10.702  4.965   9.825   1.00 48.95 ? 7   VAL A CG1 1 
ATOM   59  C  CG2 . VAL A 1 8  ? 11.833  2.704   9.803   1.00 47.76 ? 7   VAL A CG2 1 
ATOM   60  N  N   . VAL A 1 9  ? 11.622  5.901   6.500   1.00 49.37 ? 8   VAL A N   1 
ATOM   61  C  CA  . VAL A 1 9  ? 11.120  7.174   5.957   1.00 50.27 ? 8   VAL A CA  1 
ATOM   62  C  C   . VAL A 1 9  ? 10.509  6.966   4.578   1.00 50.15 ? 8   VAL A C   1 
ATOM   63  O  O   . VAL A 1 9  ? 9.604   7.722   4.178   1.00 51.52 ? 8   VAL A O   1 
ATOM   64  C  CB  . VAL A 1 9  ? 12.111  8.427   6.012   1.00 51.72 ? 8   VAL A CB  1 
ATOM   65  C  CG1 . VAL A 1 9  ? 13.117  8.335   7.150   1.00 51.23 ? 8   VAL A CG1 1 
ATOM   66  C  CG2 . VAL A 1 9  ? 12.736  8.791   4.662   1.00 50.37 ? 8   VAL A CG2 1 
ATOM   67  N  N   . ALA A 1 10 ? 11.006  5.959   3.854   1.00 49.66 ? 9   ALA A N   1 
ATOM   68  C  CA  . ALA A 1 10 ? 10.501  5.660   2.486   1.00 49.13 ? 9   ALA A CA  1 
ATOM   69  C  C   . ALA A 1 10 ? 9.042   5.199   2.590   1.00 48.95 ? 9   ALA A C   1 
ATOM   70  O  O   . ALA A 1 10 ? 8.226   5.505   1.729   1.00 47.26 ? 9   ALA A O   1 
ATOM   71  C  CB  . ALA A 1 10 ? 11.342  4.593   1.823   1.00 49.30 ? 9   ALA A CB  1 
ATOM   72  N  N   . LEU A 1 11 ? 8.739   4.448   3.647   1.00 46.97 ? 10  LEU A N   1 
ATOM   73  C  CA  . LEU A 1 11 ? 7.369   3.991   3.905   1.00 48.64 ? 10  LEU A CA  1 
ATOM   74  C  C   . LEU A 1 11 ? 6.416   5.146   4.169   1.00 49.23 ? 10  LEU A C   1 
ATOM   75  O  O   . LEU A 1 11 ? 5.285   5.198   3.621   1.00 49.02 ? 10  LEU A O   1 
ATOM   76  C  CB  . LEU A 1 11 ? 7.336   3.055   5.121   1.00 49.02 ? 10  LEU A CB  1 
ATOM   77  C  CG  . LEU A 1 11 ? 8.128   1.750   5.068   1.00 47.81 ? 10  LEU A CG  1 
ATOM   78  C  CD1 . LEU A 1 11 ? 7.910   1.030   6.387   1.00 49.08 ? 10  LEU A CD1 1 
ATOM   79  C  CD2 . LEU A 1 11 ? 7.553   0.925   3.907   1.00 48.26 ? 10  LEU A CD2 1 
ATOM   80  N  N   . ILE A 1 12 ? 6.868   6.089   4.997   1.00 49.43 ? 11  ILE A N   1 
ATOM   81  C  CA  . ILE A 1 12 ? 6.117   7.334   5.209   1.00 48.75 ? 11  ILE A CA  1 
ATOM   82  C  C   . ILE A 1 12 ? 5.910   8.123   3.902   1.00 50.02 ? 11  ILE A C   1 
ATOM   83  O  O   . ILE A 1 12 ? 4.794   8.584   3.591   1.00 50.12 ? 11  ILE A O   1 
ATOM   84  C  CB  . ILE A 1 12 ? 6.771   8.186   6.342   1.00 49.22 ? 11  ILE A CB  1 
ATOM   85  C  CG1 . ILE A 1 12 ? 6.726   7.386   7.662   1.00 47.34 ? 11  ILE A CG1 1 
ATOM   86  C  CG2 . ILE A 1 12 ? 6.051   9.561   6.531   1.00 50.32 ? 11  ILE A CG2 1 
ATOM   87  C  CD1 . ILE A 1 12 ? 7.527   7.961   8.827   1.00 49.35 ? 11  ILE A CD1 1 
ATOM   88  N  N   . ASP A 1 13 ? 6.990   8.290   3.158   1.00 49.32 ? 12  ASP A N   1 
ATOM   89  C  CA  . ASP A 1 13 ? 6.998   9.104   1.951   1.00 50.11 ? 12  ASP A CA  1 
ATOM   90  C  C   . ASP A 1 13 ? 6.066   8.546   0.878   1.00 49.32 ? 12  ASP A C   1 
ATOM   91  O  O   . ASP A 1 13 ? 5.253   9.302   0.334   1.00 48.56 ? 12  ASP A O   1 
ATOM   92  C  CB  . ASP A 1 13 ? 8.429   9.217   1.420   1.00 49.70 ? 12  ASP A CB  1 
ATOM   93  C  CG  . ASP A 1 13 ? 8.547   10.181  0.278   1.00 53.49 ? 12  ASP A CG  1 
ATOM   94  O  OD1 . ASP A 1 13 ? 8.542   11.424  0.505   1.00 52.68 ? 12  ASP A OD1 1 
ATOM   95  O  OD2 . ASP A 1 13 ? 8.628   9.683   -0.870  1.00 56.52 ? 12  ASP A OD2 1 
ATOM   96  N  N   . VAL A 1 14 ? 6.155   7.236   0.579   1.00 48.56 ? 13  VAL A N   1 
ATOM   97  C  CA  . VAL A 1 14 ? 5.328   6.678   -0.494  1.00 49.14 ? 13  VAL A CA  1 
ATOM   98  C  C   . VAL A 1 14 ? 3.887   6.831   -0.084  1.00 49.84 ? 13  VAL A C   1 
ATOM   99  O  O   . VAL A 1 14 ? 3.070   7.214   -0.887  1.00 50.06 ? 13  VAL A O   1 
ATOM   100 C  CB  . VAL A 1 14 ? 5.660   5.193   -0.931  1.00 48.77 ? 13  VAL A CB  1 
ATOM   101 C  CG1 . VAL A 1 14 ? 5.097   4.178   0.047   1.00 48.67 ? 13  VAL A CG1 1 
ATOM   102 C  CG2 . VAL A 1 14 ? 5.123   4.896   -2.368  1.00 48.17 ? 13  VAL A CG2 1 
ATOM   103 N  N   . PHE A 1 15 ? 3.576   6.562   1.179   1.00 49.60 ? 14  PHE A N   1 
ATOM   104 C  CA  . PHE A 1 15 ? 2.187   6.722   1.629   1.00 49.67 ? 14  PHE A CA  1 
ATOM   105 C  C   . PHE A 1 15 ? 1.598   8.112   1.290   1.00 49.66 ? 14  PHE A C   1 
ATOM   106 O  O   . PHE A 1 15 ? 0.480   8.219   0.797   1.00 50.39 ? 14  PHE A O   1 
ATOM   107 C  CB  . PHE A 1 15 ? 2.026   6.355   3.122   1.00 47.69 ? 14  PHE A CB  1 
ATOM   108 C  CG  . PHE A 1 15 ? 0.594   6.500   3.623   1.00 48.02 ? 14  PHE A CG  1 
ATOM   109 C  CD1 . PHE A 1 15 ? -0.338  5.472   3.436   1.00 44.44 ? 14  PHE A CD1 1 
ATOM   110 C  CD2 . PHE A 1 15 ? 0.176   7.682   4.254   1.00 48.30 ? 14  PHE A CD2 1 
ATOM   111 C  CE1 . PHE A 1 15 ? -1.683  5.616   3.866   1.00 45.44 ? 14  PHE A CE1 1 
ATOM   112 C  CE2 . PHE A 1 15 ? -1.163  7.849   4.681   1.00 47.16 ? 14  PHE A CE2 1 
ATOM   113 C  CZ  . PHE A 1 15 ? -2.086  6.803   4.495   1.00 46.56 ? 14  PHE A CZ  1 
ATOM   114 N  N   . HIS A 1 16 ? 2.360   9.166   1.564   1.00 50.29 ? 15  HIS A N   1 
ATOM   115 C  CA  . HIS A 1 16 ? 1.889   10.529  1.436   1.00 50.48 ? 15  HIS A CA  1 
ATOM   116 C  C   . HIS A 1 16 ? 1.873   10.956  -0.028  1.00 49.97 ? 15  HIS A C   1 
ATOM   117 O  O   . HIS A 1 16 ? 1.029   11.722  -0.452  1.00 50.33 ? 15  HIS A O   1 
ATOM   118 C  CB  . HIS A 1 16 ? 2.808   11.431  2.249   1.00 51.19 ? 15  HIS A CB  1 
ATOM   119 C  CG  . HIS A 1 16 ? 2.557   11.398  3.722   1.00 53.05 ? 15  HIS A CG  1 
ATOM   120 N  ND1 . HIS A 1 16 ? 3.577   11.305  4.641   1.00 57.11 ? 15  HIS A ND1 1 
ATOM   121 C  CD2 . HIS A 1 16 ? 1.413   11.497  4.442   1.00 53.77 ? 15  HIS A CD2 1 
ATOM   122 C  CE1 . HIS A 1 16 ? 3.074   11.361  5.864   1.00 57.22 ? 15  HIS A CE1 1 
ATOM   123 N  NE2 . HIS A 1 16 ? 1.762   11.456  5.770   1.00 52.42 ? 15  HIS A NE2 1 
ATOM   124 N  N   . GLN A 1 17 ? 2.809   10.425  -0.802  1.00 49.78 ? 16  GLN A N   1 
ATOM   125 C  CA  . GLN A 1 17 ? 2.797   10.607  -2.246  1.00 50.13 ? 16  GLN A CA  1 
ATOM   126 C  C   . GLN A 1 17 ? 1.430   10.241  -2.832  1.00 49.59 ? 16  GLN A C   1 
ATOM   127 O  O   . GLN A 1 17 ? 0.884   10.995  -3.629  1.00 49.18 ? 16  GLN A O   1 
ATOM   128 C  CB  . GLN A 1 17 ? 3.916   9.798   -2.912  1.00 49.55 ? 16  GLN A CB  1 
ATOM   129 C  CG  . GLN A 1 17 ? 5.256   10.466  -2.802  1.00 52.56 ? 16  GLN A CG  1 
ATOM   130 C  CD  . GLN A 1 17 ? 6.438   9.555   -3.146  1.00 56.74 ? 16  GLN A CD  1 
ATOM   131 O  OE1 . GLN A 1 17 ? 6.276   8.455   -3.685  1.00 56.30 ? 16  GLN A OE1 1 
ATOM   132 N  NE2 . GLN A 1 17 ? 7.646   10.032  -2.839  1.00 57.39 ? 16  GLN A NE2 1 
ATOM   133 N  N   . TYR A 1 18 ? 0.873   9.103   -2.416  1.00 48.76 ? 17  TYR A N   1 
ATOM   134 C  CA  . TYR A 1 18 ? -0.385  8.623   -2.989  1.00 48.44 ? 17  TYR A CA  1 
ATOM   135 C  C   . TYR A 1 18 ? -1.638  9.076   -2.255  1.00 48.89 ? 17  TYR A C   1 
ATOM   136 O  O   . TYR A 1 18 ? -2.611  9.439   -2.885  1.00 49.38 ? 17  TYR A O   1 
ATOM   137 C  CB  . TYR A 1 18 ? -0.354  7.102   -3.215  1.00 48.51 ? 17  TYR A CB  1 
ATOM   138 C  CG  . TYR A 1 18 ? 0.597   6.745   -4.367  1.00 47.98 ? 17  TYR A CG  1 
ATOM   139 C  CD1 . TYR A 1 18 ? 1.971   6.566   -4.150  1.00 49.36 ? 17  TYR A CD1 1 
ATOM   140 C  CD2 . TYR A 1 18 ? 0.120   6.654   -5.669  1.00 48.13 ? 17  TYR A CD2 1 
ATOM   141 C  CE1 . TYR A 1 18 ? 2.852   6.272   -5.217  1.00 49.51 ? 17  TYR A CE1 1 
ATOM   142 C  CE2 . TYR A 1 18 ? 0.968   6.349   -6.738  1.00 47.66 ? 17  TYR A CE2 1 
ATOM   143 C  CZ  . TYR A 1 18 ? 2.326   6.178   -6.514  1.00 50.36 ? 17  TYR A CZ  1 
ATOM   144 O  OH  . TYR A 1 18 ? 3.121   5.918   -7.611  1.00 49.20 ? 17  TYR A OH  1 
ATOM   145 N  N   . SER A 1 19 ? -1.616  9.066   -0.933  1.00 48.70 ? 18  SER A N   1 
ATOM   146 C  CA  . SER A 1 19 ? -2.761  9.494   -0.142  1.00 48.40 ? 18  SER A CA  1 
ATOM   147 C  C   . SER A 1 19 ? -3.165  10.987  -0.313  1.00 49.47 ? 18  SER A C   1 
ATOM   148 O  O   . SER A 1 19 ? -4.356  11.352  -0.150  1.00 48.27 ? 18  SER A O   1 
ATOM   149 C  CB  . SER A 1 19 ? -2.509  9.162   1.327   1.00 47.93 ? 18  SER A CB  1 
ATOM   150 O  OG  . SER A 1 19 ? -1.620  10.106  1.904   1.00 49.96 ? 18  SER A OG  1 
ATOM   151 N  N   . GLY A 1 20 ? -2.189  11.836  -0.626  1.00 49.47 ? 19  GLY A N   1 
ATOM   152 C  CA  . GLY A 1 20 ? -2.431  13.267  -0.764  1.00 50.46 ? 19  GLY A CA  1 
ATOM   153 C  C   . GLY A 1 20 ? -2.880  13.707  -2.149  1.00 50.88 ? 19  GLY A C   1 
ATOM   154 O  O   . GLY A 1 20 ? -2.958  14.908  -2.417  1.00 50.30 ? 19  GLY A O   1 
ATOM   155 N  N   . ARG A 1 21 ? -3.150  12.743  -3.031  1.00 51.00 ? 20  ARG A N   1 
ATOM   156 C  CA  . ARG A 1 21 ? -3.606  13.031  -4.385  1.00 51.19 ? 20  ARG A CA  1 
ATOM   157 C  C   . ARG A 1 21 ? -5.040  13.584  -4.404  1.00 51.37 ? 20  ARG A C   1 
ATOM   158 O  O   . ARG A 1 21 ? -5.295  14.610  -5.033  1.00 51.18 ? 20  ARG A O   1 
ATOM   159 C  CB  . ARG A 1 21 ? -3.483  11.790  -5.281  1.00 51.84 ? 20  ARG A CB  1 
ATOM   160 C  CG  . ARG A 1 21 ? -2.051  11.424  -5.696  1.00 51.65 ? 20  ARG A CG  1 
ATOM   161 C  CD  . ARG A 1 21 ? -2.012  10.209  -6.638  1.00 51.84 ? 20  ARG A CD  1 
ATOM   162 N  NE  . ARG A 1 21 ? -0.691  10.050  -7.258  1.00 52.05 ? 20  ARG A NE  1 
ATOM   163 C  CZ  . ARG A 1 21 ? -0.366  9.136   -8.177  1.00 50.76 ? 20  ARG A CZ  1 
ATOM   164 N  NH1 . ARG A 1 21 ? -1.248  8.236   -8.598  1.00 50.56 ? 20  ARG A NH1 1 
ATOM   165 N  NH2 . ARG A 1 21 ? 0.853   9.108   -8.676  1.00 47.96 ? 20  ARG A NH2 1 
ATOM   166 N  N   . GLU A 1 22 ? -5.969  12.909  -3.729  1.00 51.49 ? 21  GLU A N   1 
ATOM   167 C  CA  . GLU A 1 22 ? -7.389  13.314  -3.744  1.00 52.29 ? 21  GLU A CA  1 
ATOM   168 C  C   . GLU A 1 22 ? -8.051  13.050  -2.415  1.00 51.98 ? 21  GLU A C   1 
ATOM   169 O  O   . GLU A 1 22 ? -7.628  12.177  -1.654  1.00 52.39 ? 21  GLU A O   1 
ATOM   170 C  CB  . GLU A 1 22 ? -8.212  12.567  -4.805  1.00 51.99 ? 21  GLU A CB  1 
ATOM   171 C  CG  . GLU A 1 22 ? -7.430  11.895  -5.899  1.00 52.56 ? 21  GLU A CG  1 
ATOM   172 C  CD  . GLU A 1 22 ? -8.322  11.359  -7.001  1.00 53.34 ? 21  GLU A CD  1 
ATOM   173 O  OE1 . GLU A 1 22 ? -8.777  12.181  -7.827  1.00 53.03 ? 21  GLU A OE1 1 
ATOM   174 N  N   . GLY A 1 23 ? -9.132  13.783  -2.173  1.00 52.10 ? 22  GLY A N   1 
ATOM   175 C  CA  . GLY A 1 23 ? -9.914  13.630  -0.970  1.00 51.57 ? 22  GLY A CA  1 
ATOM   176 C  C   . GLY A 1 23 ? -9.041  13.752  0.255   1.00 51.15 ? 22  GLY A C   1 
ATOM   177 O  O   . GLY A 1 23 ? -8.166  14.624  0.322   1.00 51.06 ? 22  GLY A O   1 
ATOM   178 N  N   . ASP A 1 24 ? -9.285  12.863  1.212   1.00 50.59 ? 23  ASP A N   1 
ATOM   179 C  CA  . ASP A 1 24 ? -8.578  12.859  2.466   1.00 50.69 ? 23  ASP A CA  1 
ATOM   180 C  C   . ASP A 1 24 ? -7.087  12.749  2.168   1.00 50.73 ? 23  ASP A C   1 
ATOM   181 O  O   . ASP A 1 24 ? -6.635  11.722  1.687   1.00 51.93 ? 23  ASP A O   1 
ATOM   182 C  CB  . ASP A 1 24 ? -9.081  11.698  3.336   1.00 50.05 ? 23  ASP A CB  1 
ATOM   183 C  CG  . ASP A 1 24 ? -8.459  11.676  4.719   1.00 50.09 ? 23  ASP A CG  1 
ATOM   184 O  OD1 . ASP A 1 24 ? -7.277  12.070  4.890   1.00 48.96 ? 23  ASP A OD1 1 
ATOM   185 O  OD2 . ASP A 1 24 ? -9.159  11.238  5.650   1.00 50.80 ? 23  ASP A OD2 1 
ATOM   186 N  N   . LYS A 1 25 ? -6.341  13.825  2.420   1.00 51.01 ? 24  LYS A N   1 
ATOM   187 C  CA  . LYS A 1 25 ? -4.901  13.876  2.148   1.00 50.46 ? 24  LYS A CA  1 
ATOM   188 C  C   . LYS A 1 25 ? -4.138  12.798  2.914   1.00 50.39 ? 24  LYS A C   1 
ATOM   189 O  O   . LYS A 1 25 ? -2.979  12.523  2.602   1.00 50.29 ? 24  LYS A O   1 
ATOM   190 C  CB  . LYS A 1 25 ? -4.322  15.260  2.504   1.00 50.23 ? 24  LYS A CB  1 
ATOM   191 C  CG  . LYS A 1 25 ? -4.567  16.381  1.484   1.00 50.56 ? 24  LYS A CG  1 
ATOM   192 N  N   . HIS A 1 26 ? -4.779  12.217  3.933   1.00 50.59 ? 25  HIS A N   1 
ATOM   193 C  CA  . HIS A 1 26 ? -4.168  11.167  4.772   1.00 50.53 ? 25  HIS A CA  1 
ATOM   194 C  C   . HIS A 1 26 ? -4.722  9.743   4.675   1.00 50.67 ? 25  HIS A C   1 
ATOM   195 O  O   . HIS A 1 26 ? -4.499  8.936   5.576   1.00 51.78 ? 25  HIS A O   1 
ATOM   196 C  CB  . HIS A 1 26 ? -4.252  11.561  6.225   1.00 51.14 ? 25  HIS A CB  1 
ATOM   197 C  CG  . HIS A 1 26 ? -2.951  12.008  6.782   1.00 51.08 ? 25  HIS A CG  1 
ATOM   198 N  ND1 . HIS A 1 26 ? -2.789  13.226  7.404   1.00 53.18 ? 25  HIS A ND1 1 
ATOM   199 C  CD2 . HIS A 1 26 ? -1.742  11.413  6.783   1.00 49.70 ? 25  HIS A CD2 1 
ATOM   200 C  CE1 . HIS A 1 26 ? -1.530  13.350  7.781   1.00 53.01 ? 25  HIS A CE1 1 
ATOM   201 N  NE2 . HIS A 1 26 ? -0.875  12.266  7.407   1.00 50.20 ? 25  HIS A NE2 1 
ATOM   202 N  N   . LYS A 1 27 ? -5.461  9.427   3.620   1.00 49.96 ? 26  LYS A N   1 
ATOM   203 C  CA  . LYS A 1 27 ? -5.944  8.066   3.434   1.00 49.16 ? 26  LYS A CA  1 
ATOM   204 C  C   . LYS A 1 27 ? -5.835  7.778   1.946   1.00 49.50 ? 26  LYS A C   1 
ATOM   205 O  O   . LYS A 1 27 ? -5.971  8.680   1.119   1.00 50.14 ? 26  LYS A O   1 
ATOM   206 C  CB  . LYS A 1 27 ? -7.408  7.890   3.899   1.00 49.42 ? 26  LYS A CB  1 
ATOM   207 C  CG  . LYS A 1 27 ? -7.693  8.214   5.382   1.00 47.06 ? 26  LYS A CG  1 
ATOM   208 C  CD  . LYS A 1 27 ? -9.133  7.934   5.747   1.00 49.45 ? 26  LYS A CD  1 
ATOM   209 N  N   . LEU A 1 28 ? -5.586  6.515   1.624   1.00 48.41 ? 27  LEU A N   1 
ATOM   210 C  CA  . LEU A 1 28 ? -5.522  6.057   0.255   1.00 48.08 ? 27  LEU A CA  1 
ATOM   211 C  C   . LEU A 1 28 ? -6.943  5.636   -0.113  1.00 47.99 ? 27  LEU A C   1 
ATOM   212 O  O   . LEU A 1 28 ? -7.507  4.705   0.467   1.00 47.13 ? 27  LEU A O   1 
ATOM   213 C  CB  . LEU A 1 28 ? -4.568  4.847   0.139   1.00 47.88 ? 27  LEU A CB  1 
ATOM   214 C  CG  . LEU A 1 28 ? -3.085  5.001   0.495   1.00 49.59 ? 27  LEU A CG  1 
ATOM   215 C  CD1 . LEU A 1 28 ? -2.410  3.628   0.679   1.00 53.22 ? 27  LEU A CD1 1 
ATOM   216 C  CD2 . LEU A 1 28 ? -2.341  5.739   -0.617  1.00 49.37 ? 27  LEU A CD2 1 
ATOM   217 N  N   . LYS A 1 29 ? -7.541  6.348   -1.056  1.00 47.87 ? 28  LYS A N   1 
ATOM   218 C  CA  . LYS A 1 29 ? -8.775  5.866   -1.644  1.00 48.69 ? 28  LYS A CA  1 
ATOM   219 C  C   . LYS A 1 29 ? -8.369  4.837   -2.696  1.00 48.48 ? 28  LYS A C   1 
ATOM   220 O  O   . LYS A 1 29 ? -7.183  4.697   -3.015  1.00 47.83 ? 28  LYS A O   1 
ATOM   221 C  CB  . LYS A 1 29 ? -9.597  6.987   -2.271  1.00 48.99 ? 28  LYS A CB  1 
ATOM   222 C  CG  . LYS A 1 29 ? -8.795  7.931   -3.144  1.00 51.60 ? 28  LYS A CG  1 
ATOM   223 C  CD  . LYS A 1 29 ? -9.610  8.489   -4.331  1.00 53.18 ? 28  LYS A CD  1 
ATOM   224 C  CE  . LYS A 1 29 ? -10.923 9.099   -3.903  1.00 57.28 ? 28  LYS A CE  1 
ATOM   225 N  NZ  . LYS A 1 29 ? -10.738 10.081  -2.787  1.00 59.90 ? 28  LYS A NZ  1 
ATOM   226 N  N   . LYS A 1 30 ? -9.355  4.107   -3.194  1.00 48.20 ? 29  LYS A N   1 
ATOM   227 C  CA  . LYS A 1 30 ? -9.120  3.015   -4.151  1.00 48.16 ? 29  LYS A CA  1 
ATOM   228 C  C   . LYS A 1 30 ? -8.207  3.340   -5.323  1.00 48.10 ? 29  LYS A C   1 
ATOM   229 O  O   . LYS A 1 30 ? -7.321  2.545   -5.635  1.00 47.26 ? 29  LYS A O   1 
ATOM   230 C  CB  . LYS A 1 30 ? -10.441 2.526   -4.711  1.00 47.09 ? 29  LYS A CB  1 
ATOM   231 C  CG  . LYS A 1 30 ? -11.199 1.578   -3.830  1.00 47.30 ? 29  LYS A CG  1 
ATOM   232 C  CD  . LYS A 1 30 ? -12.523 1.318   -4.578  1.00 45.95 ? 29  LYS A CD  1 
ATOM   233 C  CE  . LYS A 1 30 ? -13.544 0.576   -3.776  1.00 46.54 ? 29  LYS A CE  1 
ATOM   234 N  NZ  . LYS A 1 30 ? -14.613 0.063   -4.694  1.00 43.28 ? 29  LYS A NZ  1 
ATOM   235 N  N   . SER A 1 31 ? -8.461  4.468   -6.006  1.00 48.69 ? 30  SER A N   1 
ATOM   236 C  CA  . SER A 1 31 ? -7.611  4.862   -7.134  1.00 48.54 ? 30  SER A CA  1 
ATOM   237 C  C   . SER A 1 31 ? -6.163  5.203   -6.701  1.00 49.29 ? 30  SER A C   1 
ATOM   238 O  O   . SER A 1 31 ? -5.196  4.925   -7.443  1.00 49.11 ? 30  SER A O   1 
ATOM   239 C  CB  . SER A 1 31 ? -8.240  6.007   -7.902  1.00 48.60 ? 30  SER A CB  1 
ATOM   240 O  OG  . SER A 1 31 ? -8.273  7.128   -7.054  1.00 48.18 ? 30  SER A OG  1 
ATOM   241 N  N   . GLU A 1 32 ? -5.988  5.777   -5.514  1.00 48.54 ? 31  GLU A N   1 
ATOM   242 C  CA  . GLU A 1 32 ? -4.617  6.015   -5.020  1.00 49.38 ? 31  GLU A CA  1 
ATOM   243 C  C   . GLU A 1 32 ? -3.918  4.702   -4.680  1.00 49.43 ? 31  GLU A C   1 
ATOM   244 O  O   . GLU A 1 32 ? -2.754  4.480   -5.009  1.00 50.54 ? 31  GLU A O   1 
ATOM   245 C  CB  . GLU A 1 32 ? -4.660  6.915   -3.794  1.00 48.63 ? 31  GLU A CB  1 
ATOM   246 C  CG  . GLU A 1 32 ? -5.044  8.347   -4.145  1.00 49.21 ? 31  GLU A CG  1 
ATOM   247 C  CD  . GLU A 1 32 ? -5.467  9.129   -2.938  1.00 48.18 ? 31  GLU A CD  1 
ATOM   248 O  OE1 . GLU A 1 32 ? -5.746  8.501   -1.892  1.00 48.64 ? 31  GLU A OE1 1 
ATOM   249 O  OE2 . GLU A 1 32 ? -5.554  10.376  -3.030  1.00 47.59 ? 31  GLU A OE2 1 
ATOM   250 N  N   . LEU A 1 33 ? -4.629  3.839   -3.965  1.00 50.09 ? 32  LEU A N   1 
ATOM   251 C  CA  . LEU A 1 33 ? -4.148  2.485   -3.644  1.00 49.80 ? 32  LEU A CA  1 
ATOM   252 C  C   . LEU A 1 33 ? -3.671  1.713   -4.899  1.00 49.42 ? 32  LEU A C   1 
ATOM   253 O  O   . LEU A 1 33 ? -2.552  1.152   -4.915  1.00 48.97 ? 32  LEU A O   1 
ATOM   254 C  CB  . LEU A 1 33 ? -5.262  1.706   -2.933  1.00 49.96 ? 32  LEU A CB  1 
ATOM   255 C  CG  . LEU A 1 33 ? -4.928  0.616   -1.903  1.00 53.49 ? 32  LEU A CG  1 
ATOM   256 C  CD1 . LEU A 1 33 ? -5.925  -0.547  -1.887  1.00 54.41 ? 32  LEU A CD1 1 
ATOM   257 C  CD2 . LEU A 1 33 ? -3.476  0.120   -1.859  1.00 51.81 ? 32  LEU A CD2 1 
ATOM   258 N  N   . LYS A 1 34 ? -4.507  1.693   -5.938  1.00 49.72 ? 33  LYS A N   1 
ATOM   259 C  CA  . LYS A 1 34 ? -4.197  1.040   -7.221  1.00 49.70 ? 33  LYS A CA  1 
ATOM   260 C  C   . LYS A 1 34 ? -2.883  1.523   -7.881  1.00 49.45 ? 33  LYS A C   1 
ATOM   261 O  O   . LYS A 1 34 ? -2.039  0.719   -8.313  1.00 48.51 ? 33  LYS A O   1 
ATOM   262 C  CB  . LYS A 1 34 ? -5.394  1.199   -8.197  1.00 49.40 ? 33  LYS A CB  1 
ATOM   263 C  CG  . LYS A 1 34 ? -5.113  0.691   -9.628  1.00 49.46 ? 33  LYS A CG  1 
ATOM   264 C  CD  . LYS A 1 34 ? -6.218  1.032   -10.612 1.00 49.63 ? 33  LYS A CD  1 
ATOM   265 C  CE  . LYS A 1 34 ? -5.661  1.404   -11.970 1.00 51.75 ? 33  LYS A CE  1 
ATOM   266 N  NZ  . LYS A 1 34 ? -6.782  1.923   -12.870 1.00 54.75 ? 33  LYS A NZ  1 
ATOM   267 N  N   . GLU A 1 35 ? -2.709  2.844   -7.923  1.00 50.20 ? 34  GLU A N   1 
ATOM   268 C  CA  . GLU A 1 35 ? -1.553  3.459   -8.532  1.00 49.09 ? 34  GLU A CA  1 
ATOM   269 C  C   . GLU A 1 35 ? -0.322  3.167   -7.682  1.00 49.98 ? 34  GLU A C   1 
ATOM   270 O  O   . GLU A 1 35 ? 0.765   2.940   -8.214  1.00 49.37 ? 34  GLU A O   1 
ATOM   271 C  CB  . GLU A 1 35 ? -1.783  4.974   -8.674  1.00 49.95 ? 34  GLU A CB  1 
ATOM   272 C  CG  . GLU A 1 35 ? -2.979  5.432   -9.610  1.00 51.05 ? 34  GLU A CG  1 
ATOM   273 C  CD  . GLU A 1 35 ? -3.052  4.787   -11.012 1.00 52.77 ? 34  GLU A CD  1 
ATOM   274 O  OE1 . GLU A 1 35 ? -2.243  3.879   -11.344 1.00 51.98 ? 34  GLU A OE1 1 
ATOM   275 O  OE2 . GLU A 1 35 ? -3.958  5.204   -11.815 1.00 53.71 ? 34  GLU A OE2 1 
ATOM   276 N  N   . LEU A 1 36 ? -0.490  3.138   -6.355  1.00 49.24 ? 35  LEU A N   1 
ATOM   277 C  CA  . LEU A 1 36 ? 0.648   2.875   -5.486  1.00 49.86 ? 35  LEU A CA  1 
ATOM   278 C  C   . LEU A 1 36 ? 1.172   1.472   -5.829  1.00 49.90 ? 35  LEU A C   1 
ATOM   279 O  O   . LEU A 1 36 ? 2.378   1.276   -6.048  1.00 49.73 ? 35  LEU A O   1 
ATOM   280 C  CB  . LEU A 1 36 ? 0.268   3.001   -3.997  1.00 48.05 ? 35  LEU A CB  1 
ATOM   281 C  CG  . LEU A 1 36 ? 1.383   2.794   -2.951  1.00 51.25 ? 35  LEU A CG  1 
ATOM   282 C  CD1 . LEU A 1 36 ? 1.076   3.618   -1.671  1.00 55.02 ? 35  LEU A CD1 1 
ATOM   283 C  CD2 . LEU A 1 36 ? 1.684   1.288   -2.572  1.00 54.49 ? 35  LEU A CD2 1 
ATOM   284 N  N   . ILE A 1 37 ? 0.237   0.526   -5.919  1.00 49.20 ? 36  ILE A N   1 
ATOM   285 C  CA  . ILE A 1 37 ? 0.547   -0.880  -6.212  1.00 50.15 ? 36  ILE A CA  1 
ATOM   286 C  C   . ILE A 1 37 ? 1.149   -1.014  -7.609  1.00 49.70 ? 36  ILE A C   1 
ATOM   287 O  O   . ILE A 1 37 ? 2.173   -1.687  -7.813  1.00 50.47 ? 36  ILE A O   1 
ATOM   288 C  CB  . ILE A 1 37 ? -0.697  -1.772  -6.041  1.00 48.80 ? 36  ILE A CB  1 
ATOM   289 C  CG1 . ILE A 1 37 ? -1.007  -1.984  -4.545  1.00 51.03 ? 36  ILE A CG1 1 
ATOM   290 C  CG2 . ILE A 1 37 ? -0.539  -3.140  -6.716  1.00 49.70 ? 36  ILE A CG2 1 
ATOM   291 C  CD1 . ILE A 1 37 ? -2.286  -2.800  -4.329  1.00 50.58 ? 36  ILE A CD1 1 
ATOM   292 N  N   . ASN A 1 38 ? 0.553   -0.329  -8.567  1.00 49.94 ? 37  ASN A N   1 
ATOM   293 C  CA  . ASN A 1 38 ? 0.972   -0.492  -9.938  1.00 49.35 ? 37  ASN A CA  1 
ATOM   294 C  C   . ASN A 1 38 ? 2.343   0.117   -10.189 1.00 50.36 ? 37  ASN A C   1 
ATOM   295 O  O   . ASN A 1 38 ? 3.163   -0.407  -10.980 1.00 49.76 ? 37  ASN A O   1 
ATOM   296 C  CB  . ASN A 1 38 ? -0.095  0.094   -10.864 1.00 49.90 ? 37  ASN A CB  1 
ATOM   297 C  CG  . ASN A 1 38 ? -1.296  -0.862  -11.067 1.00 51.03 ? 37  ASN A CG  1 
ATOM   298 O  OD1 . ASN A 1 38 ? -2.274  -0.546  -11.781 1.00 52.86 ? 37  ASN A OD1 1 
ATOM   299 N  ND2 . ASN A 1 38 ? -1.218  -2.010  -10.464 1.00 47.10 ? 37  ASN A ND2 1 
ATOM   300 N  N   . ASN A 1 39 ? 2.604   1.229   -9.534  1.00 50.73 ? 38  ASN A N   1 
ATOM   301 C  CA  . ASN A 1 39 ? 3.777   2.011   -9.894  1.00 50.71 ? 38  ASN A CA  1 
ATOM   302 C  C   . ASN A 1 39 ? 4.901   1.606   -8.989  1.00 50.62 ? 38  ASN A C   1 
ATOM   303 O  O   . ASN A 1 39 ? 6.046   1.625   -9.423  1.00 50.20 ? 38  ASN A O   1 
ATOM   304 C  CB  . ASN A 1 39 ? 3.525   3.504   -9.719  1.00 51.20 ? 38  ASN A CB  1 
ATOM   305 C  CG  . ASN A 1 39 ? 2.448   4.053   -10.665 1.00 51.59 ? 38  ASN A CG  1 
ATOM   306 O  OD1 . ASN A 1 39 ? 2.162   3.500   -11.729 1.00 49.66 ? 38  ASN A OD1 1 
ATOM   307 N  ND2 . ASN A 1 39 ? 1.845   5.146   -10.262 1.00 51.00 ? 38  ASN A ND2 1 
ATOM   308 N  N   . GLU A 1 40 ? 4.567   1.222   -7.746  1.00 49.49 ? 39  GLU A N   1 
ATOM   309 C  CA  . GLU A 1 40 ? 5.585   1.051   -6.663  1.00 48.70 ? 39  GLU A CA  1 
ATOM   310 C  C   . GLU A 1 40 ? 5.828   -0.369  -6.183  1.00 48.22 ? 39  GLU A C   1 
ATOM   311 O  O   . GLU A 1 40 ? 6.834   -0.637  -5.464  1.00 49.17 ? 39  GLU A O   1 
ATOM   312 C  CB  . GLU A 1 40 ? 5.285   1.950   -5.468  1.00 48.84 ? 39  GLU A CB  1 
ATOM   313 C  CG  . GLU A 1 40 ? 4.825   3.352   -5.838  1.00 47.13 ? 39  GLU A CG  1 
ATOM   314 C  CD  . GLU A 1 40 ? 5.849   4.152   -6.649  1.00 49.88 ? 39  GLU A CD  1 
ATOM   315 O  OE1 . GLU A 1 40 ? 7.045   3.762   -6.694  1.00 50.86 ? 39  GLU A OE1 1 
ATOM   316 O  OE2 . GLU A 1 40 ? 5.465   5.202   -7.233  1.00 45.97 ? 39  GLU A OE2 1 
ATOM   317 N  N   . LEU A 1 41 ? 4.946   -1.281  -6.582  1.00 46.67 ? 40  LEU A N   1 
ATOM   318 C  CA  . LEU A 1 41 ? 5.098   -2.701  -6.223  1.00 47.57 ? 40  LEU A CA  1 
ATOM   319 C  C   . LEU A 1 41 ? 5.141   -3.634  -7.443  1.00 47.71 ? 40  LEU A C   1 
ATOM   320 O  O   . LEU A 1 41 ? 4.768   -4.816  -7.349  1.00 48.60 ? 40  LEU A O   1 
ATOM   321 C  CB  . LEU A 1 41 ? 4.024   -3.103  -5.219  1.00 47.68 ? 40  LEU A CB  1 
ATOM   322 C  CG  . LEU A 1 41 ? 4.242   -2.493  -3.821  1.00 47.14 ? 40  LEU A CG  1 
ATOM   323 C  CD1 . LEU A 1 41 ? 2.959   -2.536  -3.024  1.00 47.62 ? 40  LEU A CD1 1 
ATOM   324 C  CD2 . LEU A 1 41 ? 5.435   -3.135  -3.047  1.00 50.61 ? 40  LEU A CD2 1 
ATOM   325 N  N   . SER A 1 42 ? 5.659   -3.124  -8.568  1.00 46.59 ? 41  SER A N   1 
ATOM   326 C  CA  . SER A 1 42 ? 5.589   -3.850  -9.833  1.00 46.40 ? 41  SER A CA  1 
ATOM   327 C  C   . SER A 1 42 ? 6.451   -5.135  -9.846  1.00 46.82 ? 41  SER A C   1 
ATOM   328 O  O   . SER A 1 42 ? 6.215   -5.995  -10.663 1.00 46.35 ? 41  SER A O   1 
ATOM   329 C  CB  . SER A 1 42 ? 5.986   -2.946  -11.036 1.00 45.60 ? 41  SER A CB  1 
ATOM   330 O  OG  . SER A 1 42 ? 7.399   -2.706  -11.054 1.00 47.69 ? 41  SER A OG  1 
ATOM   331 N  N   . HIS A 1 43 ? 7.464   -5.240  -8.983  1.00 46.72 ? 42  HIS A N   1 
ATOM   332 C  CA  . HIS A 1 43 ? 8.289   -6.466  -8.896  1.00 47.86 ? 42  HIS A CA  1 
ATOM   333 C  C   . HIS A 1 43 ? 7.763   -7.482  -7.889  1.00 48.38 ? 42  HIS A C   1 
ATOM   334 O  O   . HIS A 1 43 ? 8.194   -8.652  -7.903  1.00 50.22 ? 42  HIS A O   1 
ATOM   335 C  CB  . HIS A 1 43 ? 9.761   -6.111  -8.592  1.00 47.63 ? 42  HIS A CB  1 
ATOM   336 C  CG  . HIS A 1 43 ? 10.340  -5.119  -9.559  1.00 49.18 ? 42  HIS A CG  1 
ATOM   337 N  ND1 . HIS A 1 43 ? 10.335  -3.761  -9.334  1.00 48.77 ? 42  HIS A ND1 1 
ATOM   338 C  CD2 . HIS A 1 43 ? 10.920  -5.293  -10.772 1.00 50.10 ? 42  HIS A CD2 1 
ATOM   339 C  CE1 . HIS A 1 43 ? 10.898  -3.141  -10.358 1.00 48.18 ? 42  HIS A CE1 1 
ATOM   340 N  NE2 . HIS A 1 43 ? 11.244  -4.045  -11.248 1.00 50.55 ? 42  HIS A NE2 1 
ATOM   341 N  N   . PHE A 1 44 ? 6.881   -7.040  -6.996  1.00 47.81 ? 43  PHE A N   1 
ATOM   342 C  CA  . PHE A 1 44 ? 6.326   -7.915  -5.934  1.00 49.70 ? 43  PHE A CA  1 
ATOM   343 C  C   . PHE A 1 44 ? 4.869   -8.331  -6.167  1.00 49.23 ? 43  PHE A C   1 
ATOM   344 O  O   . PHE A 1 44 ? 4.460   -9.395  -5.702  1.00 51.30 ? 43  PHE A O   1 
ATOM   345 C  CB  . PHE A 1 44 ? 6.469   -7.293  -4.521  1.00 48.70 ? 43  PHE A CB  1 
ATOM   346 C  CG  . PHE A 1 44 ? 7.899   -7.014  -4.096  1.00 49.99 ? 43  PHE A CG  1 
ATOM   347 C  CD1 . PHE A 1 44 ? 8.971   -7.634  -4.714  1.00 51.30 ? 43  PHE A CD1 1 
ATOM   348 C  CD2 . PHE A 1 44 ? 8.159   -6.186  -3.023  1.00 50.12 ? 43  PHE A CD2 1 
ATOM   349 C  CE1 . PHE A 1 44 ? 10.283  -7.400  -4.289  1.00 50.84 ? 43  PHE A CE1 1 
ATOM   350 C  CE2 . PHE A 1 44 ? 9.480   -5.971  -2.592  1.00 51.87 ? 43  PHE A CE2 1 
ATOM   351 C  CZ  . PHE A 1 44 ? 10.514  -6.565  -3.240  1.00 48.89 ? 43  PHE A CZ  1 
ATOM   352 N  N   . LEU A 1 45 ? 4.106   -7.521  -6.888  1.00 49.54 ? 44  LEU A N   1 
ATOM   353 C  CA  . LEU A 1 45 ? 2.683   -7.781  -7.129  1.00 48.62 ? 44  LEU A CA  1 
ATOM   354 C  C   . LEU A 1 45 ? 2.304   -7.613  -8.604  1.00 49.41 ? 44  LEU A C   1 
ATOM   355 O  O   . LEU A 1 45 ? 2.814   -6.703  -9.269  1.00 48.82 ? 44  LEU A O   1 
ATOM   356 C  CB  . LEU A 1 45 ? 1.832   -6.812  -6.286  1.00 49.15 ? 44  LEU A CB  1 
ATOM   357 C  CG  . LEU A 1 45 ? 1.851   -6.814  -4.750  1.00 50.57 ? 44  LEU A CG  1 
ATOM   358 C  CD1 . LEU A 1 45 ? 0.805   -5.869  -4.174  1.00 47.00 ? 44  LEU A CD1 1 
ATOM   359 C  CD2 . LEU A 1 45 ? 1.734   -8.220  -4.123  1.00 52.70 ? 44  LEU A CD2 1 
ATOM   360 N  N   . GLU A 1 46 ? 1.400   -8.463  -9.110  1.00 50.11 ? 45  GLU A N   1 
ATOM   361 C  CA  . GLU A 1 46 ? 0.911   -8.338  -10.508 1.00 51.20 ? 45  GLU A CA  1 
ATOM   362 C  C   . GLU A 1 46 ? 0.223   -6.992  -10.686 1.00 50.45 ? 45  GLU A C   1 
ATOM   363 O  O   . GLU A 1 46 ? -0.471  -6.506  -9.779  1.00 50.95 ? 45  GLU A O   1 
ATOM   364 C  CB  . GLU A 1 46 ? -0.049  -9.487  -10.922 1.00 50.97 ? 45  GLU A CB  1 
ATOM   365 C  CG  . GLU A 1 46 ? 0.564   -10.900 -10.906 1.00 53.40 ? 45  GLU A CG  1 
ATOM   366 C  CD  . GLU A 1 46 ? -0.325  -11.986 -11.544 1.00 53.48 ? 45  GLU A CD  1 
ATOM   367 O  OE1 . GLU A 1 46 ? -1.561  -11.992 -11.319 1.00 56.74 ? 45  GLU A OE1 1 
ATOM   368 O  OE2 . GLU A 1 46 ? 0.221   -12.840 -12.280 1.00 55.74 ? 45  GLU A OE2 1 
ATOM   369 N  N   . GLU A 1 47 ? 0.391   -6.389  -11.855 1.00 49.59 ? 46  GLU A N   1 
ATOM   370 C  CA  . GLU A 1 47 ? -0.324  -5.171  -12.162 1.00 49.66 ? 46  GLU A CA  1 
ATOM   371 C  C   . GLU A 1 47 ? -1.825  -5.357  -11.942 1.00 49.25 ? 46  GLU A C   1 
ATOM   372 O  O   . GLU A 1 47 ? -2.395  -6.411  -12.276 1.00 49.39 ? 46  GLU A O   1 
ATOM   373 C  CB  . GLU A 1 47 ? -0.082  -4.776  -13.602 1.00 49.82 ? 46  GLU A CB  1 
ATOM   374 C  CG  . GLU A 1 47 ? -0.451  -3.355  -13.874 1.00 50.16 ? 46  GLU A CG  1 
ATOM   375 C  CD  . GLU A 1 47 ? -0.239  -2.999  -15.305 1.00 51.93 ? 46  GLU A CD  1 
ATOM   376 O  OE1 . GLU A 1 47 ? 0.677   -3.593  -15.931 1.00 52.36 ? 46  GLU A OE1 1 
ATOM   377 O  OE2 . GLU A 1 47 ? -1.026  -2.166  -15.817 1.00 51.46 ? 46  GLU A OE2 1 
ATOM   378 N  N   . ILE A 1 48 ? -2.459  -4.338  -11.371 1.00 48.64 ? 47  ILE A N   1 
ATOM   379 C  CA  . ILE A 1 48 ? -3.893  -4.349  -11.163 1.00 49.03 ? 47  ILE A CA  1 
ATOM   380 C  C   . ILE A 1 48 ? -4.627  -3.707  -12.339 1.00 49.11 ? 47  ILE A C   1 
ATOM   381 O  O   . ILE A 1 48 ? -4.499  -2.487  -12.563 1.00 49.13 ? 47  ILE A O   1 
ATOM   382 C  CB  . ILE A 1 48 ? -4.282  -3.604  -9.869  1.00 49.56 ? 47  ILE A CB  1 
ATOM   383 C  CG1 . ILE A 1 48 ? -3.930  -4.459  -8.640  1.00 50.95 ? 47  ILE A CG1 1 
ATOM   384 C  CG2 . ILE A 1 48 ? -5.776  -3.238  -9.918  1.00 50.05 ? 47  ILE A CG2 1 
ATOM   385 C  CD1 . ILE A 1 48 ? -4.134  -3.749  -7.346  1.00 51.46 ? 47  ILE A CD1 1 
ATOM   386 N  N   . LYS A 1 49 ? -5.414  -4.509  -13.072 1.00 48.21 ? 48  LYS A N   1 
ATOM   387 C  CA  . LYS A 1 49 ? -6.145  -3.988  -14.240 1.00 48.53 ? 48  LYS A CA  1 
ATOM   388 C  C   . LYS A 1 49 ? -7.676  -4.113  -14.155 1.00 48.55 ? 48  LYS A C   1 
ATOM   389 O  O   . LYS A 1 49 ? -8.381  -3.588  -15.011 1.00 49.49 ? 48  LYS A O   1 
ATOM   390 C  CB  . LYS A 1 49 ? -5.663  -4.631  -15.565 1.00 47.60 ? 48  LYS A CB  1 
ATOM   391 C  CG  . LYS A 1 49 ? -4.158  -4.520  -15.812 1.00 47.56 ? 48  LYS A CG  1 
ATOM   392 C  CD  . LYS A 1 49 ? -3.711  -5.483  -16.893 1.00 49.30 ? 48  LYS A CD  1 
ATOM   393 C  CE  . LYS A 1 49 ? -2.219  -5.742  -16.811 1.00 49.11 ? 48  LYS A CE  1 
ATOM   394 N  NZ  . LYS A 1 49 ? -1.778  -6.434  -18.055 1.00 53.55 ? 48  LYS A NZ  1 
ATOM   395 N  N   . GLU A 1 50 ? -8.203  -4.803  -13.150 1.00 48.91 ? 49  GLU A N   1 
ATOM   396 C  CA  . GLU A 1 50 ? -9.659  -5.015  -13.074 1.00 48.13 ? 49  GLU A CA  1 
ATOM   397 C  C   . GLU A 1 50 ? -10.197 -4.312  -11.829 1.00 48.52 ? 49  GLU A C   1 
ATOM   398 O  O   . GLU A 1 50 ? -9.587  -4.389  -10.777 1.00 46.91 ? 49  GLU A O   1 
ATOM   399 C  CB  . GLU A 1 50 ? -10.016 -6.516  -12.968 1.00 48.41 ? 49  GLU A CB  1 
ATOM   400 C  CG  . GLU A 1 50 ? -9.864  -7.374  -14.212 1.00 48.25 ? 49  GLU A CG  1 
ATOM   401 N  N   . GLN A 1 51 ? -11.376 -3.704  -11.938 1.00 48.01 ? 50  GLN A N   1 
ATOM   402 C  CA  . GLN A 1 51 ? -11.992 -3.005  -10.816 1.00 48.61 ? 50  GLN A CA  1 
ATOM   403 C  C   . GLN A 1 51 ? -12.162 -3.957  -9.647  1.00 48.73 ? 50  GLN A C   1 
ATOM   404 O  O   . GLN A 1 51 ? -12.011 -3.555  -8.506  1.00 48.06 ? 50  GLN A O   1 
ATOM   405 C  CB  . GLN A 1 51 ? -13.367 -2.446  -11.216 1.00 48.80 ? 50  GLN A CB  1 
ATOM   406 C  CG  . GLN A 1 51 ? -14.058 -1.588  -10.142 1.00 51.61 ? 50  GLN A CG  1 
ATOM   407 C  CD  . GLN A 1 51 ? -13.281 -0.313  -9.792  1.00 53.42 ? 50  GLN A CD  1 
ATOM   408 O  OE1 . GLN A 1 51 ? -12.955 0.501   -10.661 1.00 54.28 ? 50  GLN A OE1 1 
ATOM   409 N  NE2 . GLN A 1 51 ? -13.010 -0.128  -8.514  1.00 53.14 ? 50  GLN A NE2 1 
ATOM   410 N  N   . GLU A 1 52 ? -12.494 -5.215  -9.959  1.00 48.64 ? 51  GLU A N   1 
ATOM   411 C  CA  . GLU A 1 52 ? -12.758 -6.264  -8.967  1.00 49.34 ? 51  GLU A CA  1 
ATOM   412 C  C   . GLU A 1 52 ? -11.603 -6.470  -8.048  1.00 48.27 ? 51  GLU A C   1 
ATOM   413 O  O   . GLU A 1 52 ? -11.763 -6.789  -6.859  1.00 47.80 ? 51  GLU A O   1 
ATOM   414 C  CB  . GLU A 1 52 ? -13.038 -7.587  -9.679  1.00 49.74 ? 51  GLU A CB  1 
ATOM   415 C  CG  . GLU A 1 52 ? -13.641 -8.677  -8.789  1.00 51.86 ? 51  GLU A CG  1 
ATOM   416 C  CD  . GLU A 1 52 ? -14.061 -9.901  -9.579  1.00 51.33 ? 51  GLU A CD  1 
ATOM   417 O  OE1 . GLU A 1 52 ? -14.242 -9.770  -10.807 1.00 55.11 ? 51  GLU A OE1 1 
ATOM   418 O  OE2 . GLU A 1 52 ? -14.225 -10.994 -8.984  1.00 54.17 ? 51  GLU A OE2 1 
ATOM   419 N  N   . VAL A 1 53 ? -10.418 -6.352  -8.622  1.00 48.09 ? 52  VAL A N   1 
ATOM   420 C  CA  . VAL A 1 53 ? -9.183  -6.566  -7.857  1.00 48.12 ? 52  VAL A CA  1 
ATOM   421 C  C   . VAL A 1 53 ? -8.894  -5.353  -6.980  1.00 48.26 ? 52  VAL A C   1 
ATOM   422 O  O   . VAL A 1 53 ? -8.609  -5.505  -5.805  1.00 48.23 ? 52  VAL A O   1 
ATOM   423 C  CB  . VAL A 1 53 ? -8.027  -6.927  -8.793  1.00 48.18 ? 52  VAL A CB  1 
ATOM   424 C  CG1 . VAL A 1 53 ? -6.703  -7.000  -8.003  1.00 47.42 ? 52  VAL A CG1 1 
ATOM   425 C  CG2 . VAL A 1 53 ? -8.361  -8.244  -9.567  1.00 45.80 ? 52  VAL A CG2 1 
ATOM   426 N  N   . VAL A 1 54 ? -9.039  -4.144  -7.534  1.00 49.63 ? 53  VAL A N   1 
ATOM   427 C  CA  . VAL A 1 54 ? -9.004  -2.905  -6.723  1.00 50.35 ? 53  VAL A CA  1 
ATOM   428 C  C   . VAL A 1 54 ? -9.942  -3.038  -5.491  1.00 50.25 ? 53  VAL A C   1 
ATOM   429 O  O   . VAL A 1 54 ? -9.529  -2.884  -4.367  1.00 49.52 ? 53  VAL A O   1 
ATOM   430 C  CB  . VAL A 1 54 ? -9.433  -1.686  -7.556  1.00 50.85 ? 53  VAL A CB  1 
ATOM   431 C  CG1 . VAL A 1 54 ? -9.518  -0.428  -6.701  1.00 51.24 ? 53  VAL A CG1 1 
ATOM   432 C  CG2 . VAL A 1 54 ? -8.529  -1.466  -8.784  1.00 53.81 ? 53  VAL A CG2 1 
ATOM   433 N  N   . ASP A 1 55 ? -11.223 -3.336  -5.740  1.00 49.19 ? 54  ASP A N   1 
ATOM   434 C  CA  . ASP A 1 55 ? -12.194 -3.512  -4.686  1.00 48.07 ? 54  ASP A CA  1 
ATOM   435 C  C   . ASP A 1 55 ? -11.764 -4.557  -3.668  1.00 47.97 ? 54  ASP A C   1 
ATOM   436 O  O   . ASP A 1 55 ? -11.800 -4.332  -2.465  1.00 47.90 ? 54  ASP A O   1 
ATOM   437 C  CB  . ASP A 1 55 ? -13.534 -3.955  -5.296  1.00 47.63 ? 54  ASP A CB  1 
ATOM   438 C  CG  . ASP A 1 55 ? -14.126 -2.911  -6.208  1.00 48.29 ? 54  ASP A CG  1 
ATOM   439 O  OD1 . ASP A 1 55 ? -13.541 -1.811  -6.282  1.00 48.89 ? 54  ASP A OD1 1 
ATOM   440 O  OD2 . ASP A 1 55 ? -15.151 -3.192  -6.851  1.00 42.97 ? 54  ASP A OD2 1 
ATOM   441 N  N   . LYS A 1 56 ? -11.372 -5.720  -4.161  1.00 48.29 ? 55  LYS A N   1 
ATOM   442 C  CA  . LYS A 1 56 ? -10.975 -6.795  -3.271  1.00 47.86 ? 55  LYS A CA  1 
ATOM   443 C  C   . LYS A 1 56 ? -9.752  -6.453  -2.393  1.00 48.79 ? 55  LYS A C   1 
ATOM   444 O  O   . LYS A 1 56 ? -9.776  -6.742  -1.195  1.00 47.26 ? 55  LYS A O   1 
ATOM   445 C  CB  . LYS A 1 56 ? -10.709 -8.063  -4.076  1.00 48.91 ? 55  LYS A CB  1 
ATOM   446 C  CG  . LYS A 1 56 ? -10.320 -9.283  -3.212  1.00 48.88 ? 55  LYS A CG  1 
ATOM   447 C  CD  . LYS A 1 56 ? -11.541 -9.740  -2.404  1.00 52.19 ? 55  LYS A CD  1 
ATOM   448 N  N   . VAL A 1 57 ? -8.684  -5.887  -2.988  1.00 48.64 ? 56  VAL A N   1 
ATOM   449 C  CA  . VAL A 1 57 ? -7.472  -5.530  -2.219  1.00 49.76 ? 56  VAL A CA  1 
ATOM   450 C  C   . VAL A 1 57 ? -7.826  -4.530  -1.124  1.00 48.83 ? 56  VAL A C   1 
ATOM   451 O  O   . VAL A 1 57 ? -7.333  -4.654  -0.017  1.00 48.64 ? 56  VAL A O   1 
ATOM   452 C  CB  . VAL A 1 57 ? -6.289  -4.999  -3.121  1.00 50.14 ? 56  VAL A CB  1 
ATOM   453 C  CG1 . VAL A 1 57 ? -5.069  -4.565  -2.283  1.00 51.70 ? 56  VAL A CG1 1 
ATOM   454 C  CG2 . VAL A 1 57 ? -5.850  -6.070  -4.106  1.00 51.69 ? 56  VAL A CG2 1 
ATOM   455 N  N   . MET A 1 58 ? -8.673  -3.532  -1.439  1.00 49.07 ? 57  MET A N   1 
ATOM   456 C  CA  . MET A 1 58 ? -9.139  -2.579  -0.434  1.00 48.41 ? 57  MET A CA  1 
ATOM   457 C  C   . MET A 1 58 ? -9.964  -3.273  0.634   1.00 49.06 ? 57  MET A C   1 
ATOM   458 O  O   . MET A 1 58 ? -9.780  -3.037  1.842   1.00 48.56 ? 57  MET A O   1 
ATOM   459 C  CB  . MET A 1 58 ? -9.966  -1.454  -1.065  1.00 48.46 ? 57  MET A CB  1 
ATOM   460 C  CG  . MET A 1 58 ? -10.506 -0.408  -0.032  1.00 48.05 ? 57  MET A CG  1 
ATOM   461 S  SD  . MET A 1 58 ? -9.154  0.583   0.658   1.00 49.68 ? 57  MET A SD  1 
ATOM   462 C  CE  . MET A 1 58 ? -8.773  1.728   -0.685  1.00 48.16 ? 57  MET A CE  1 
ATOM   463 N  N   . GLU A 1 59 ? -10.863 -4.145  0.195   1.00 49.48 ? 58  GLU A N   1 
ATOM   464 C  CA  . GLU A 1 59 ? -11.708 -4.878  1.137   1.00 50.98 ? 58  GLU A CA  1 
ATOM   465 C  C   . GLU A 1 59 ? -10.807 -5.558  2.168   1.00 50.34 ? 58  GLU A C   1 
ATOM   466 O  O   . GLU A 1 59 ? -11.077 -5.510  3.348   1.00 49.38 ? 58  GLU A O   1 
ATOM   467 C  CB  . GLU A 1 59 ? -12.600 -5.879  0.385   1.00 51.12 ? 58  GLU A CB  1 
ATOM   468 C  CG  . GLU A 1 59 ? -13.849 -6.348  1.163   1.00 53.64 ? 58  GLU A CG  1 
ATOM   469 C  CD  . GLU A 1 59 ? -14.578 -7.506  0.479   1.00 52.31 ? 58  GLU A CD  1 
ATOM   470 O  OE1 . GLU A 1 59 ? -14.309 -7.803  -0.705  1.00 53.87 ? 58  GLU A OE1 1 
ATOM   471 O  OE2 . GLU A 1 59 ? -15.420 -8.134  1.137   1.00 55.67 ? 58  GLU A OE2 1 
ATOM   472 N  N   . THR A 1 60 ? -9.702  -6.124  1.690   1.00 50.96 ? 59  THR A N   1 
ATOM   473 C  CA  . THR A 1 60 ? -8.726  -6.885  2.509   1.00 51.18 ? 59  THR A CA  1 
ATOM   474 C  C   . THR A 1 60 ? -7.904  -6.014  3.478   1.00 51.11 ? 59  THR A C   1 
ATOM   475 O  O   . THR A 1 60 ? -7.691  -6.421  4.628   1.00 50.26 ? 59  THR A O   1 
ATOM   476 C  CB  . THR A 1 60 ? -7.792  -7.720  1.579   1.00 51.17 ? 59  THR A CB  1 
ATOM   477 O  OG1 . THR A 1 60 ? -8.609  -8.584  0.766   1.00 51.53 ? 59  THR A OG1 1 
ATOM   478 C  CG2 . THR A 1 60 ? -6.792  -8.550  2.363   1.00 51.62 ? 59  THR A CG2 1 
ATOM   479 N  N   . LEU A 1 61 ? -7.473  -4.819  3.030   1.00 50.60 ? 60  LEU A N   1 
ATOM   480 C  CA  . LEU A 1 61 ? -6.628  -3.901  3.832   1.00 50.73 ? 60  LEU A CA  1 
ATOM   481 C  C   . LEU A 1 61 ? -7.436  -3.013  4.768   1.00 49.99 ? 60  LEU A C   1 
ATOM   482 O  O   . LEU A 1 61 ? -6.945  -2.568  5.807   1.00 49.35 ? 60  LEU A O   1 
ATOM   483 C  CB  . LEU A 1 61 ? -5.794  -2.978  2.913   1.00 51.47 ? 60  LEU A CB  1 
ATOM   484 C  CG  . LEU A 1 61 ? -5.006  -3.586  1.773   1.00 54.76 ? 60  LEU A CG  1 
ATOM   485 C  CD1 . LEU A 1 61 ? -4.188  -2.494  1.034   1.00 55.99 ? 60  LEU A CD1 1 
ATOM   486 C  CD2 . LEU A 1 61 ? -4.130  -4.746  2.261   1.00 58.39 ? 60  LEU A CD2 1 
ATOM   487 N  N   . ASP A 1 62 ? -8.687  -2.759  4.394   1.00 48.44 ? 61  ASP A N   1 
ATOM   488 C  CA  . ASP A 1 62 ? -9.555  -1.874  5.139   1.00 49.47 ? 61  ASP A CA  1 
ATOM   489 C  C   . ASP A 1 62 ? -10.110 -2.570  6.408   1.00 49.74 ? 61  ASP A C   1 
ATOM   490 O  O   . ASP A 1 62 ? -11.200 -3.144  6.391   1.00 49.36 ? 61  ASP A O   1 
ATOM   491 C  CB  . ASP A 1 62 ? -10.701 -1.406  4.219   1.00 49.99 ? 61  ASP A CB  1 
ATOM   492 C  CG  . ASP A 1 62 ? -11.583 -0.339  4.852   1.00 51.15 ? 61  ASP A CG  1 
ATOM   493 O  OD1 . ASP A 1 62 ? -11.152 0.392   5.782   1.00 52.88 ? 61  ASP A OD1 1 
ATOM   494 O  OD2 . ASP A 1 62 ? -12.712 -0.228  4.392   1.00 50.71 ? 61  ASP A OD2 1 
ATOM   495 N  N   . SER A 1 63 ? -9.364  -2.490  7.503   1.00 50.23 ? 62  SER A N   1 
ATOM   496 C  CA  . SER A 1 63 ? -9.759  -3.090  8.790   1.00 50.67 ? 62  SER A CA  1 
ATOM   497 C  C   . SER A 1 63 ? -10.875 -2.367  9.506   1.00 51.11 ? 62  SER A C   1 
ATOM   498 O  O   . SER A 1 63 ? -11.647 -2.990  10.261  1.00 51.34 ? 62  SER A O   1 
ATOM   499 C  CB  . SER A 1 63 ? -8.559  -3.143  9.751   1.00 50.57 ? 62  SER A CB  1 
ATOM   500 O  OG  . SER A 1 63 ? -7.554  -3.982  9.231   1.00 51.84 ? 62  SER A OG  1 
ATOM   501 N  N   . ASP A 1 64 ? -10.944 -1.053  9.346   1.00 51.61 ? 63  ASP A N   1 
ATOM   502 C  CA  . ASP A 1 64 ? -11.952 -0.317  10.104  1.00 52.64 ? 63  ASP A CA  1 
ATOM   503 C  C   . ASP A 1 64 ? -13.203 -0.037  9.266   1.00 52.62 ? 63  ASP A C   1 
ATOM   504 O  O   . ASP A 1 64 ? -14.173 0.594   9.728   1.00 53.60 ? 63  ASP A O   1 
ATOM   505 C  CB  . ASP A 1 64 ? -11.365 0.924   10.812  1.00 52.61 ? 63  ASP A CB  1 
ATOM   506 C  CG  . ASP A 1 64 ? -10.898 2.002   9.853   1.00 53.68 ? 63  ASP A CG  1 
ATOM   507 O  OD1 . ASP A 1 64 ? -11.311 2.019   8.664   1.00 55.31 ? 63  ASP A OD1 1 
ATOM   508 O  OD2 . ASP A 1 64 ? -10.102 2.854   10.301  1.00 54.78 ? 63  ASP A OD2 1 
ATOM   509 N  N   . GLY A 1 65 ? -13.190 -0.564  8.042   1.00 52.27 ? 64  GLY A N   1 
ATOM   510 C  CA  . GLY A 1 65 ? -14.381 -0.600  7.198   1.00 51.35 ? 64  GLY A CA  1 
ATOM   511 C  C   . GLY A 1 65 ? -14.840 0.757   6.690   1.00 51.44 ? 64  GLY A C   1 
ATOM   512 O  O   . GLY A 1 65 ? -16.072 0.920   6.334   1.00 51.05 ? 64  GLY A O   1 
ATOM   513 N  N   . ASP A 1 66 ? -13.867 1.731   6.633   1.00 51.34 ? 65  ASP A N   1 
ATOM   514 C  CA  . ASP A 1 66 ? -14.241 3.065   6.120   1.00 51.94 ? 65  ASP A CA  1 
ATOM   515 C  C   . ASP A 1 66 ? -14.065 3.250   4.593   1.00 51.33 ? 65  ASP A C   1 
ATOM   516 O  O   . ASP A 1 66 ? -14.188 4.359   4.081   1.00 52.10 ? 65  ASP A O   1 
ATOM   517 C  CB  . ASP A 1 66 ? -13.545 4.186   6.905   1.00 51.95 ? 65  ASP A CB  1 
ATOM   518 C  CG  . ASP A 1 66 ? -12.075 4.349   6.549   1.00 53.75 ? 65  ASP A CG  1 
ATOM   519 O  OD1 . ASP A 1 66 ? -11.489 3.529   5.785   1.00 52.30 ? 65  ASP A OD1 1 
ATOM   520 O  OD2 . ASP A 1 66 ? -11.470 5.313   7.075   1.00 55.11 ? 65  ASP A OD2 1 
ATOM   521 N  N   . GLY A 1 67 ? -13.801 2.157   3.851   1.00 50.95 ? 66  GLY A N   1 
ATOM   522 C  CA  . GLY A 1 67 ? -13.604 2.274   2.405   1.00 50.14 ? 66  GLY A CA  1 
ATOM   523 C  C   . GLY A 1 67 ? -12.277 2.878   1.948   1.00 49.92 ? 66  GLY A C   1 
ATOM   524 O  O   . GLY A 1 67 ? -12.040 3.002   0.742   1.00 49.59 ? 66  GLY A O   1 
ATOM   525 N  N   . GLU A 1 68 ? -11.424 3.293   2.885   1.00 50.25 ? 67  GLU A N   1 
ATOM   526 C  CA  . GLU A 1 68 ? -10.080 3.774   2.535   1.00 50.44 ? 67  GLU A CA  1 
ATOM   527 C  C   . GLU A 1 68 ? -9.037  3.053   3.367   1.00 50.25 ? 67  GLU A C   1 
ATOM   528 O  O   . GLU A 1 68 ? -9.375  2.348   4.328   1.00 50.41 ? 67  GLU A O   1 
ATOM   529 C  CB  . GLU A 1 68 ? -9.951  5.301   2.718   1.00 50.96 ? 67  GLU A CB  1 
ATOM   530 C  CG  . GLU A 1 68 ? -11.097 6.116   2.077   1.00 51.40 ? 67  GLU A CG  1 
ATOM   531 C  CD  . GLU A 1 68 ? -10.677 7.489   1.545   1.00 52.36 ? 67  GLU A CD  1 
ATOM   532 O  OE1 . GLU A 1 68 ? -9.484  7.846   1.544   1.00 52.05 ? 67  GLU A OE1 1 
ATOM   533 O  OE2 . GLU A 1 68 ? -11.564 8.222   1.087   1.00 53.79 ? 67  GLU A OE2 1 
ATOM   534 N  N   . CYS A 1 69 ? -7.775  3.205   2.975   1.00 49.82 ? 68  CYS A N   1 
ATOM   535 C  CA  . CYS A 1 69 ? -6.645  2.659   3.711   1.00 49.21 ? 68  CYS A CA  1 
ATOM   536 C  C   . CYS A 1 69 ? -5.844  3.801   4.339   1.00 48.98 ? 68  CYS A C   1 
ATOM   537 O  O   . CYS A 1 69 ? -5.246  4.622   3.628   1.00 48.48 ? 68  CYS A O   1 
ATOM   538 C  CB  . CYS A 1 69 ? -5.767  1.807   2.775   1.00 49.39 ? 68  CYS A CB  1 
ATOM   539 S  SG  . CYS A 1 69 ? -4.228  1.219   3.482   1.00 49.91 ? 68  CYS A SG  1 
ATOM   540 N  N   . ASP A 1 70 ? -5.821  3.834   5.668   1.00 47.91 ? 69  ASP A N   1 
ATOM   541 C  CA  . ASP A 1 70 ? -5.119  4.876   6.406   1.00 48.41 ? 69  ASP A CA  1 
ATOM   542 C  C   . ASP A 1 70 ? -3.719  4.382   6.726   1.00 48.36 ? 69  ASP A C   1 
ATOM   543 O  O   . ASP A 1 70 ? -3.308  3.293   6.284   1.00 47.94 ? 69  ASP A O   1 
ATOM   544 C  CB  . ASP A 1 70 ? -5.881  5.282   7.687   1.00 48.61 ? 69  ASP A CB  1 
ATOM   545 C  CG  . ASP A 1 70 ? -6.056  4.129   8.660   1.00 50.24 ? 69  ASP A CG  1 
ATOM   546 O  OD1 . ASP A 1 70 ? -5.286  3.147   8.575   1.00 53.47 ? 69  ASP A OD1 1 
ATOM   547 O  OD2 . ASP A 1 70 ? -6.970  4.187   9.512   1.00 51.57 ? 69  ASP A OD2 1 
ATOM   548 N  N   . PHE A 1 71 ? -2.980  5.159   7.500   1.00 49.01 ? 70  PHE A N   1 
ATOM   549 C  CA  . PHE A 1 71 ? -1.585  4.848   7.702   1.00 49.07 ? 70  PHE A CA  1 
ATOM   550 C  C   . PHE A 1 71 ? -1.380  3.501   8.418   1.00 49.92 ? 70  PHE A C   1 
ATOM   551 O  O   . PHE A 1 71 ? -0.493  2.721   8.067   1.00 50.00 ? 70  PHE A O   1 
ATOM   552 C  CB  . PHE A 1 71 ? -0.857  5.988   8.419   1.00 49.97 ? 70  PHE A CB  1 
ATOM   553 C  CG  . PHE A 1 71 ? 0.602   5.794   8.448   1.00 49.20 ? 70  PHE A CG  1 
ATOM   554 C  CD1 . PHE A 1 71 ? 1.364   6.069   7.317   1.00 50.75 ? 70  PHE A CD1 1 
ATOM   555 C  CD2 . PHE A 1 71 ? 1.222   5.244   9.575   1.00 50.71 ? 70  PHE A CD2 1 
ATOM   556 C  CE1 . PHE A 1 71 ? 2.736   5.840   7.305   1.00 51.12 ? 70  PHE A CE1 1 
ATOM   557 C  CE2 . PHE A 1 71 ? 2.590   4.999   9.581   1.00 49.69 ? 70  PHE A CE2 1 
ATOM   558 C  CZ  . PHE A 1 71 ? 3.354   5.300   8.442   1.00 51.50 ? 70  PHE A CZ  1 
ATOM   559 N  N   . GLN A 1 72 ? -2.217  3.225   9.414   1.00 50.53 ? 71  GLN A N   1 
ATOM   560 C  CA  . GLN A 1 72 ? -2.103  2.006   10.208  1.00 50.84 ? 71  GLN A CA  1 
ATOM   561 C  C   . GLN A 1 72 ? -2.367  0.797   9.333   1.00 50.14 ? 71  GLN A C   1 
ATOM   562 O  O   . GLN A 1 72 ? -1.650  -0.196  9.389   1.00 49.68 ? 71  GLN A O   1 
ATOM   563 C  CB  . GLN A 1 72 ? -3.074  2.052   11.400  1.00 51.34 ? 71  GLN A CB  1 
ATOM   564 C  CG  . GLN A 1 72 ? -3.150  0.775   12.224  1.00 52.49 ? 71  GLN A CG  1 
ATOM   565 C  CD  . GLN A 1 72 ? -4.277  0.807   13.237  1.00 52.48 ? 71  GLN A CD  1 
ATOM   566 O  OE1 . GLN A 1 72 ? -4.388  1.722   14.058  1.00 52.12 ? 71  GLN A OE1 1 
ATOM   567 N  NE2 . GLN A 1 72 ? -5.141  -0.191  13.167  1.00 57.80 ? 71  GLN A NE2 1 
ATOM   568 N  N   . GLU A 1 73 ? -3.398  0.902   8.503   1.00 50.54 ? 72  GLU A N   1 
ATOM   569 C  CA  . GLU A 1 73 ? -3.766  -0.144  7.574   1.00 49.86 ? 72  GLU A CA  1 
ATOM   570 C  C   . GLU A 1 73 ? -2.705  -0.324  6.507   1.00 50.07 ? 72  GLU A C   1 
ATOM   571 O  O   . GLU A 1 73 ? -2.459  -1.448  6.046   1.00 51.60 ? 72  GLU A O   1 
ATOM   572 C  CB  . GLU A 1 73 ? -5.147  0.152   6.968   1.00 48.74 ? 72  GLU A CB  1 
ATOM   573 C  CG  . GLU A 1 73 ? -6.273  0.099   8.049   1.00 46.73 ? 72  GLU A CG  1 
ATOM   574 C  CD  . GLU A 1 73 ? -7.577  0.649   7.530   1.00 46.62 ? 72  GLU A CD  1 
ATOM   575 O  OE1 . GLU A 1 73 ? -7.540  1.429   6.563   1.00 47.71 ? 72  GLU A OE1 1 
ATOM   576 O  OE2 . GLU A 1 73 ? -8.655  0.310   8.066   1.00 47.25 ? 72  GLU A OE2 1 
ATOM   577 N  N   . PHE A 1 74 ? -2.082  0.771   6.083   1.00 49.15 ? 73  PHE A N   1 
ATOM   578 C  CA  . PHE A 1 74 ? -1.012  0.666   5.112   1.00 49.20 ? 73  PHE A CA  1 
ATOM   579 C  C   . PHE A 1 74 ? 0.204   -0.105  5.680   1.00 49.60 ? 73  PHE A C   1 
ATOM   580 O  O   . PHE A 1 74 ? 0.841   -0.933  4.981   1.00 49.71 ? 73  PHE A O   1 
ATOM   581 C  CB  . PHE A 1 74 ? -0.582  2.059   4.632   1.00 48.67 ? 73  PHE A CB  1 
ATOM   582 C  CG  . PHE A 1 74 ? 0.530   2.009   3.635   1.00 48.12 ? 73  PHE A CG  1 
ATOM   583 C  CD1 . PHE A 1 74 ? 0.309   1.474   2.359   1.00 48.25 ? 73  PHE A CD1 1 
ATOM   584 C  CD2 . PHE A 1 74 ? 1.809   2.463   3.966   1.00 46.83 ? 73  PHE A CD2 1 
ATOM   585 C  CE1 . PHE A 1 74 ? 1.365   1.435   1.416   1.00 47.11 ? 73  PHE A CE1 1 
ATOM   586 C  CE2 . PHE A 1 74 ? 2.864   2.411   3.039   1.00 49.40 ? 73  PHE A CE2 1 
ATOM   587 C  CZ  . PHE A 1 74 ? 2.638   1.892   1.770   1.00 48.85 ? 73  PHE A CZ  1 
ATOM   588 N  N   . MET A 1 75 ? 0.541   0.187   6.942   1.00 49.72 ? 74  MET A N   1 
ATOM   589 C  CA  . MET A 1 75 ? 1.638   -0.505  7.652   1.00 49.27 ? 74  MET A CA  1 
ATOM   590 C  C   . MET A 1 75 ? 1.361   -2.006  7.708   1.00 48.85 ? 74  MET A C   1 
ATOM   591 O  O   . MET A 1 75 ? 2.263   -2.803  7.458   1.00 48.97 ? 74  MET A O   1 
ATOM   592 C  CB  . MET A 1 75 ? 1.825   0.042   9.067   1.00 49.81 ? 74  MET A CB  1 
ATOM   593 C  CG  . MET A 1 75 ? 2.483   1.369   9.175   1.00 49.47 ? 74  MET A CG  1 
ATOM   594 S  SD  . MET A 1 75 ? 4.043   1.520   8.300   1.00 54.71 ? 74  MET A SD  1 
ATOM   595 C  CE  . MET A 1 75 ? 5.087   0.277   9.046   1.00 54.19 ? 74  MET A CE  1 
ATOM   596 N  N   . ALA A 1 76 ? 0.110   -2.390  7.981   1.00 49.12 ? 75  ALA A N   1 
ATOM   597 C  CA  . ALA A 1 76 ? -0.312  -3.802  7.927   1.00 49.13 ? 75  ALA A CA  1 
ATOM   598 C  C   . ALA A 1 76 ? -0.063  -4.429  6.528   1.00 49.24 ? 75  ALA A C   1 
ATOM   599 O  O   . ALA A 1 76 ? 0.361   -5.567  6.427   1.00 50.02 ? 75  ALA A O   1 
ATOM   600 C  CB  . ALA A 1 76 ? -1.814  -3.948  8.330   1.00 49.71 ? 75  ALA A CB  1 
ATOM   601 N  N   . PHE A 1 77 ? -0.379  -3.697  5.457   1.00 50.19 ? 76  PHE A N   1 
ATOM   602 C  CA  . PHE A 1 77 ? -0.121  -4.098  4.077   1.00 50.61 ? 76  PHE A CA  1 
ATOM   603 C  C   . PHE A 1 77 ? 1.356   -4.295  3.814   1.00 50.53 ? 76  PHE A C   1 
ATOM   604 O  O   . PHE A 1 77 ? 1.764   -5.305  3.247   1.00 52.04 ? 76  PHE A O   1 
ATOM   605 C  CB  . PHE A 1 77 ? -0.705  -3.037  3.122   1.00 50.49 ? 76  PHE A CB  1 
ATOM   606 C  CG  . PHE A 1 77 ? -0.587  -3.362  1.653   1.00 51.37 ? 76  PHE A CG  1 
ATOM   607 C  CD1 . PHE A 1 77 ? -0.917  -4.613  1.146   1.00 50.26 ? 76  PHE A CD1 1 
ATOM   608 C  CD2 . PHE A 1 77 ? -0.180  -2.382  0.772   1.00 48.10 ? 76  PHE A CD2 1 
ATOM   609 C  CE1 . PHE A 1 77 ? -0.812  -4.885  -0.211  1.00 52.95 ? 76  PHE A CE1 1 
ATOM   610 C  CE2 . PHE A 1 77 ? -0.074  -2.648  -0.583  1.00 47.88 ? 76  PHE A CE2 1 
ATOM   611 C  CZ  . PHE A 1 77 ? -0.396  -3.905  -1.072  1.00 50.74 ? 76  PHE A CZ  1 
ATOM   612 N  N   . VAL A 1 78 ? 2.170   -3.330  4.221   1.00 49.59 ? 77  VAL A N   1 
ATOM   613 C  CA  . VAL A 1 78 ? 3.632   -3.459  4.069   1.00 48.96 ? 77  VAL A CA  1 
ATOM   614 C  C   . VAL A 1 78 ? 4.139   -4.722  4.794   1.00 49.14 ? 77  VAL A C   1 
ATOM   615 O  O   . VAL A 1 78 ? 4.972   -5.459  4.247   1.00 50.16 ? 77  VAL A O   1 
ATOM   616 C  CB  . VAL A 1 78 ? 4.352   -2.200  4.568   1.00 47.73 ? 77  VAL A CB  1 
ATOM   617 C  CG1 . VAL A 1 78 ? 5.902   -2.393  4.578   1.00 47.70 ? 77  VAL A CG1 1 
ATOM   618 C  CG2 . VAL A 1 78 ? 3.995   -1.028  3.644   1.00 48.13 ? 77  VAL A CG2 1 
ATOM   619 N  N   . ALA A 1 79 ? 3.641   -4.986  6.017   1.00 49.11 ? 78  ALA A N   1 
ATOM   620 C  CA  . ALA A 1 79 ? 4.057   -6.188  6.732   1.00 48.43 ? 78  ALA A CA  1 
ATOM   621 C  C   . ALA A 1 79 ? 3.682   -7.489  5.982   1.00 49.17 ? 78  ALA A C   1 
ATOM   622 O  O   . ALA A 1 79 ? 4.483   -8.414  5.904   1.00 48.45 ? 78  ALA A O   1 
ATOM   623 C  CB  . ALA A 1 79 ? 3.497   -6.204  8.144   1.00 49.48 ? 78  ALA A CB  1 
ATOM   624 N  N   . MET A 1 80 ? 2.487   -7.521  5.415   1.00 48.17 ? 79  MET A N   1 
ATOM   625 C  CA  . MET A 1 80 ? 2.046   -8.650  4.588   1.00 50.74 ? 79  MET A CA  1 
ATOM   626 C  C   . MET A 1 80 ? 3.003   -8.878  3.408   1.00 49.17 ? 79  MET A C   1 
ATOM   627 O  O   . MET A 1 80 ? 3.445   -9.987  3.141   1.00 47.05 ? 79  MET A O   1 
ATOM   628 C  CB  . MET A 1 80 ? 0.663   -8.343  4.030   1.00 50.14 ? 79  MET A CB  1 
ATOM   629 C  CG  . MET A 1 80 ? -0.532  -8.649  4.890   1.00 53.98 ? 79  MET A CG  1 
ATOM   630 S  SD  . MET A 1 80 ? -1.989  -7.829  4.140   1.00 56.76 ? 79  MET A SD  1 
ATOM   631 C  CE  . MET A 1 80 ? -3.212  -9.134  4.170   1.00 53.93 ? 79  MET A CE  1 
ATOM   632 N  N   . ILE A 1 81 ? 3.339   -7.801  2.706   1.00 49.13 ? 80  ILE A N   1 
ATOM   633 C  CA  . ILE A 1 81 ? 4.140   -7.887  1.479   1.00 50.87 ? 80  ILE A CA  1 
ATOM   634 C  C   . ILE A 1 81 ? 5.544   -8.318  1.872   1.00 50.43 ? 80  ILE A C   1 
ATOM   635 O  O   . ILE A 1 81 ? 6.156   -9.173  1.222   1.00 50.29 ? 80  ILE A O   1 
ATOM   636 C  CB  . ILE A 1 81 ? 4.218   -6.514  0.791   1.00 50.90 ? 80  ILE A CB  1 
ATOM   637 C  CG1 . ILE A 1 81 ? 2.835   -6.099  0.324   1.00 54.20 ? 80  ILE A CG1 1 
ATOM   638 C  CG2 . ILE A 1 81 ? 5.113   -6.554  -0.469  1.00 51.59 ? 80  ILE A CG2 1 
ATOM   639 C  CD1 . ILE A 1 81 ? 2.706   -4.605  0.177   1.00 59.27 ? 80  ILE A CD1 1 
ATOM   640 N  N   . THR A 1 82 ? 6.052   -7.684  2.921   1.00 48.11 ? 81  THR A N   1 
ATOM   641 C  CA  . THR A 1 82 ? 7.341   -8.041  3.453   1.00 48.26 ? 81  THR A CA  1 
ATOM   642 C  C   . THR A 1 82 ? 7.421   -9.530  3.879   1.00 47.70 ? 81  THR A C   1 
ATOM   643 O  O   . THR A 1 82 ? 8.382   -10.204 3.513   1.00 46.42 ? 81  THR A O   1 
ATOM   644 C  CB  . THR A 1 82 ? 7.732   -7.103  4.608   1.00 47.89 ? 81  THR A CB  1 
ATOM   645 O  OG1 . THR A 1 82 ? 7.647   -5.748  4.118   1.00 43.54 ? 81  THR A OG1 1 
ATOM   646 C  CG2 . THR A 1 82 ? 9.172   -7.379  5.053   1.00 48.20 ? 81  THR A CG2 1 
ATOM   647 N  N   . THR A 1 83 ? 6.436   -10.009 4.642   1.00 48.10 ? 82  THR A N   1 
ATOM   648 C  CA  . THR A 1 83 ? 6.368   -11.431 5.075   1.00 48.69 ? 82  THR A CA  1 
ATOM   649 C  C   . THR A 1 83 ? 6.338   -12.390 3.851   1.00 48.90 ? 82  THR A C   1 
ATOM   650 O  O   . THR A 1 83 ? 7.028   -13.409 3.853   1.00 50.11 ? 82  THR A O   1 
ATOM   651 C  CB  . THR A 1 83 ? 5.154   -11.689 5.968   1.00 47.93 ? 82  THR A CB  1 
ATOM   652 O  OG1 . THR A 1 83 ? 5.196   -10.809 7.093   1.00 48.53 ? 82  THR A OG1 1 
ATOM   653 C  CG2 . THR A 1 83 ? 5.137   -13.127 6.495   1.00 49.49 ? 82  THR A CG2 1 
ATOM   654 N  N   . ALA A 1 84 ? 5.531   -12.067 2.841   1.00 48.83 ? 83  ALA A N   1 
ATOM   655 C  CA  . ALA A 1 84 ? 5.503   -12.826 1.580   1.00 49.67 ? 83  ALA A CA  1 
ATOM   656 C  C   . ALA A 1 84 ? 6.848   -12.852 0.854   1.00 50.65 ? 83  ALA A C   1 
ATOM   657 O  O   . ALA A 1 84 ? 7.244   -13.891 0.325   1.00 51.68 ? 83  ALA A O   1 
ATOM   658 C  CB  . ALA A 1 84 ? 4.408   -12.321 0.665   1.00 49.55 ? 83  ALA A CB  1 
ATOM   659 N  N   . CYS A 1 85 ? 7.519   -11.703 0.762   1.00 51.63 ? 84  CYS A N   1 
ATOM   660 C  CA  . CYS A 1 85 ? 8.835   -11.622 0.139   1.00 51.86 ? 84  CYS A CA  1 
ATOM   661 C  C   . CYS A 1 85 ? 9.857   -12.456 0.930   1.00 51.46 ? 84  CYS A C   1 
ATOM   662 O  O   . CYS A 1 85 ? 10.675  -13.189 0.349   1.00 50.58 ? 84  CYS A O   1 
ATOM   663 C  CB  . CYS A 1 85 ? 9.292   -10.178 0.070   1.00 52.69 ? 84  CYS A CB  1 
ATOM   664 S  SG  . CYS A 1 85 ? 10.887  -10.029 -0.717  1.00 54.26 ? 84  CYS A SG  1 
ATOM   665 N  N   . HIS A 1 86 ? 9.784   -12.356 2.257   1.00 50.71 ? 85  HIS A N   1 
ATOM   666 C  CA  . HIS A 1 86 ? 10.655  -13.114 3.125   1.00 50.47 ? 85  HIS A CA  1 
ATOM   667 C  C   . HIS A 1 86 ? 10.549  -14.620 2.894   1.00 50.28 ? 85  HIS A C   1 
ATOM   668 O  O   . HIS A 1 86 ? 11.567  -15.312 2.737   1.00 50.42 ? 85  HIS A O   1 
ATOM   669 C  CB  . HIS A 1 86 ? 10.340  -12.803 4.597   1.00 50.41 ? 85  HIS A CB  1 
ATOM   670 C  CG  . HIS A 1 86 ? 11.173  -13.587 5.564   1.00 49.89 ? 85  HIS A CG  1 
ATOM   671 N  ND1 . HIS A 1 86 ? 10.644  -14.219 6.669   1.00 49.15 ? 85  HIS A ND1 1 
ATOM   672 C  CD2 . HIS A 1 86 ? 12.502  -13.842 5.584   1.00 49.81 ? 85  HIS A CD2 1 
ATOM   673 C  CE1 . HIS A 1 86 ? 11.611  -14.828 7.329   1.00 50.44 ? 85  HIS A CE1 1 
ATOM   674 N  NE2 . HIS A 1 86 ? 12.747  -14.622 6.686   1.00 50.93 ? 85  HIS A NE2 1 
ATOM   675 N  N   . GLU A 1 87 ? 9.323   -15.120 2.894   1.00 49.41 ? 86  GLU A N   1 
ATOM   676 C  CA  . GLU A 1 87 ? 9.092   -16.559 2.814   1.00 50.33 ? 86  GLU A CA  1 
ATOM   677 C  C   . GLU A 1 87 ? 9.414   -17.108 1.417   1.00 50.21 ? 86  GLU A C   1 
ATOM   678 O  O   . GLU A 1 87 ? 9.809   -18.272 1.268   1.00 49.84 ? 86  GLU A O   1 
ATOM   679 C  CB  . GLU A 1 87 ? 7.649   -16.879 3.195   1.00 50.20 ? 86  GLU A CB  1 
ATOM   680 C  CG  . GLU A 1 87 ? 7.355   -16.755 4.690   1.00 52.49 ? 86  GLU A CG  1 
ATOM   681 C  CD  . GLU A 1 87 ? 5.961   -17.244 5.024   1.00 54.57 ? 86  GLU A CD  1 
ATOM   682 O  OE1 . GLU A 1 87 ? 5.617   -18.358 4.581   1.00 55.67 ? 86  GLU A OE1 1 
ATOM   683 O  OE2 . GLU A 1 87 ? 5.210   -16.525 5.721   1.00 55.81 ? 86  GLU A OE2 1 
ATOM   684 N  N   . PHE A 1 88 ? 9.269   -16.248 0.406   1.00 50.12 ? 87  PHE A N   1 
ATOM   685 C  CA  . PHE A 1 88 ? 9.537   -16.622 -0.989  1.00 50.35 ? 87  PHE A CA  1 
ATOM   686 C  C   . PHE A 1 88 ? 10.997  -17.071 -1.208  1.00 51.35 ? 87  PHE A C   1 
ATOM   687 O  O   . PHE A 1 88 ? 11.271  -17.935 -2.043  1.00 51.40 ? 87  PHE A O   1 
ATOM   688 C  CB  . PHE A 1 88 ? 9.167   -15.460 -1.941  1.00 49.56 ? 87  PHE A CB  1 
ATOM   689 C  CG  . PHE A 1 88 ? 9.037   -15.881 -3.409  1.00 49.42 ? 87  PHE A CG  1 
ATOM   690 C  CD1 . PHE A 1 88 ? 7.803   -16.267 -3.937  1.00 47.12 ? 87  PHE A CD1 1 
ATOM   691 C  CD2 . PHE A 1 88 ? 10.157  -15.912 -4.238  1.00 48.21 ? 87  PHE A CD2 1 
ATOM   692 C  CE1 . PHE A 1 88 ? 7.689   -16.669 -5.275  1.00 48.86 ? 87  PHE A CE1 1 
ATOM   693 C  CE2 . PHE A 1 88 ? 10.061  -16.320 -5.580  1.00 49.06 ? 87  PHE A CE2 1 
ATOM   694 C  CZ  . PHE A 1 88 ? 8.825   -16.695 -6.098  1.00 49.24 ? 87  PHE A CZ  1 
ATOM   695 N  N   . PHE A 1 89 ? 11.929  -16.518 -0.433  1.00 52.34 ? 88  PHE A N   1 
ATOM   696 C  CA  . PHE A 1 89 ? 13.344  -16.625 -0.785  1.00 53.21 ? 88  PHE A CA  1 
ATOM   697 C  C   . PHE A 1 89 ? 14.155  -17.510 0.115   1.00 53.82 ? 88  PHE A C   1 
ATOM   698 O  O   . PHE A 1 89 ? 15.387  -17.445 0.123   1.00 53.89 ? 88  PHE A O   1 
ATOM   699 C  CB  . PHE A 1 89 ? 13.959  -15.236 -0.945  1.00 53.74 ? 88  PHE A CB  1 
ATOM   700 C  CG  . PHE A 1 89 ? 13.567  -14.589 -2.224  1.00 54.00 ? 88  PHE A CG  1 
ATOM   701 C  CD1 . PHE A 1 89 ? 14.282  -14.848 -3.385  1.00 54.26 ? 88  PHE A CD1 1 
ATOM   702 C  CD2 . PHE A 1 89 ? 12.434  -13.789 -2.294  1.00 54.97 ? 88  PHE A CD2 1 
ATOM   703 C  CE1 . PHE A 1 89 ? 13.904  -14.285 -4.589  1.00 53.63 ? 88  PHE A CE1 1 
ATOM   704 C  CE2 . PHE A 1 89 ? 12.050  -13.224 -3.505  1.00 54.06 ? 88  PHE A CE2 1 
ATOM   705 C  CZ  . PHE A 1 89 ? 12.792  -13.486 -4.654  1.00 53.96 ? 88  PHE A CZ  1 
ATOM   706 N  N   . GLU A 1 90 ? 13.438  -18.361 0.845   1.00 54.61 ? 89  GLU A N   1 
ATOM   707 C  CA  . GLU A 1 90 ? 14.010  -19.404 1.677   1.00 54.29 ? 89  GLU A CA  1 
ATOM   708 C  C   . GLU A 1 90 ? 13.232  -20.694 1.432   1.00 54.59 ? 89  GLU A C   1 
ATOM   709 O  O   . GLU A 1 90 ? 12.143  -20.649 0.792   1.00 53.92 ? 89  GLU A O   1 
ATOM   710 C  CB  . GLU A 1 90 ? 13.940  -18.988 3.152   1.00 54.56 ? 89  GLU A CB  1 
ATOM   711 C  CG  . GLU A 1 90 ? 14.873  -17.819 3.504   1.00 53.48 ? 89  GLU A CG  1 
ATOM   712 C  CD  . GLU A 1 90 ? 14.558  -17.132 4.826   1.00 54.66 ? 89  GLU A CD  1 
ATOM   713 O  OE1 . GLU A 1 90 ? 13.590  -17.521 5.520   1.00 55.56 ? 89  GLU A OE1 1 
ATOM   714 O  OE2 . GLU A 1 90 ? 15.299  -16.191 5.186   1.00 50.81 ? 89  GLU A OE2 1 
HETATM 715 CA CA  . CA  B 2 .  ? -6.426  10.404  -0.527  1.00 46.71 ? 92  CA  A CA  1 
HETATM 716 CA CA  . CA  C 2 .  ? -9.777  1.979   6.608   1.00 47.00 ? 93  CA  A CA  1 
HETATM 717 ZN ZN  . ZN  D 3 .  ? 14.617  -15.399 6.918   1.00 50.11 ? 94  ZN  A ZN  1 
HETATM 718 O  O   . HOH E 4 .  ? 1.865   -12.186 3.892   1.00 47.03 ? 95  HOH A O   1 
HETATM 719 O  O   . HOH E 4 .  ? 7.677   -1.086  -8.905  1.00 43.51 ? 96  HOH A O   1 
HETATM 720 O  O   . HOH E 4 .  ? -1.763  17.191  -3.907  0.50 40.86 ? 97  HOH A O   1 
HETATM 721 O  O   . HOH E 4 .  ? -4.464  -3.516  6.429   1.00 46.89 ? 98  HOH A O   1 
HETATM 722 O  O   . HOH E 4 .  ? 6.139   -15.919 -0.579  1.00 54.70 ? 99  HOH A O   1 
HETATM 723 O  O   . HOH E 4 .  ? 8.144   3.807   -4.039  1.00 48.28 ? 100 HOH A O   1 
HETATM 724 O  O   . HOH E 4 .  ? 2.658   -2.961  -12.001 1.00 43.56 ? 101 HOH A O   1 
HETATM 725 O  O   . HOH E 4 .  ? -3.916  8.062   8.093   1.00 42.62 ? 102 HOH A O   1 
HETATM 726 O  O   . HOH E 4 .  ? 0.468   -6.805  -16.376 1.00 61.91 ? 103 HOH A O   1 
HETATM 727 O  O   . HOH E 4 .  ? -6.024  -6.862  -12.291 1.00 47.61 ? 104 HOH A O   1 
HETATM 728 O  O   . HOH E 4 .  ? -11.993 4.288   -1.895  1.00 48.33 ? 105 HOH A O   1 
HETATM 729 O  O   . HOH E 4 .  ? -10.199 -3.878  -16.748 1.00 50.88 ? 106 HOH A O   1 
HETATM 730 O  O   . HOH E 4 .  ? -9.283  4.318   7.398   1.00 48.25 ? 107 HOH A O   1 
HETATM 731 O  O   . HOH E 4 .  ? -14.240 -13.459 -9.986  1.00 49.99 ? 108 HOH A O   1 
HETATM 732 O  O   . HOH E 4 .  ? -0.463  -1.426  11.366  1.00 49.65 ? 109 HOH A O   1 
HETATM 733 O  O   . HOH E 4 .  ? 21.076  2.773   0.800   1.00 57.89 ? 110 HOH A O   1 
HETATM 734 O  O   . HOH E 4 .  ? -12.416 11.663  -2.899  1.00 57.99 ? 111 HOH A O   1 
HETATM 735 O  O   . HOH E 4 .  ? -12.785 -3.329  -14.728 1.00 54.44 ? 112 HOH A O   1 
HETATM 736 O  O   . HOH E 4 .  ? -1.575  -1.292  15.383  1.00 56.05 ? 113 HOH A O   1 
HETATM 737 O  O   . HOH E 4 .  ? 2.798   10.328  -7.253  1.00 48.45 ? 114 HOH A O   1 
HETATM 738 O  O   . HOH E 4 .  ? -1.973  -7.561  -7.620  1.00 52.56 ? 115 HOH A O   1 
HETATM 739 O  O   . HOH E 4 .  ? -0.102  -7.378  8.204   1.00 38.56 ? 116 HOH A O   1 
HETATM 740 O  O   . HOH E 4 .  ? 8.169   -11.204 -8.794  0.50 37.42 ? 117 HOH A O   1 
HETATM 741 O  O   . HOH E 4 .  ? 4.909   -10.631 -9.580  1.00 56.78 ? 118 HOH A O   1 
HETATM 742 O  O   . HOH E 4 .  ? -0.153  -10.459 -6.940  1.00 53.58 ? 119 HOH A O   1 
HETATM 743 O  O   . HOH E 4 .  ? -14.096 -0.687  -14.737 1.00 52.76 ? 120 HOH A O   1 
HETATM 744 O  O   . HOH E 4 .  ? -10.986 5.758   -6.155  1.00 45.86 ? 121 HOH A O   1 
HETATM 745 O  O   . HOH E 4 .  ? 1.955   -3.967  -9.643  1.00 47.58 ? 122 HOH A O   1 
HETATM 746 O  O   . HOH E 4 .  ? -7.291  15.947  4.281   1.00 48.11 ? 123 HOH A O   1 
HETATM 747 O  O   . HOH E 4 .  ? -3.747  5.575   10.876  1.00 47.02 ? 124 HOH A O   1 
HETATM 748 O  O   . HOH E 4 .  ? -8.645  9.781   -0.415  1.00 48.32 ? 125 HOH A O   1 
HETATM 749 O  O   . HOH E 4 .  ? -10.785 11.038  -0.053  1.00 53.23 ? 126 HOH A O   1 
HETATM 750 O  O   . HOH E 4 .  ? 2.095   -9.613  8.216   1.00 44.16 ? 127 HOH A O   1 
HETATM 751 O  O   . HOH E 4 .  ? 4.106   -10.105 9.887   1.00 55.34 ? 128 HOH A O   1 
HETATM 752 O  O   . HOH E 4 .  ? -14.904 -6.339  -2.521  1.00 47.10 ? 129 HOH A O   1 
HETATM 753 O  O   . HOH E 4 .  ? -14.122 -2.201  3.179   1.00 66.82 ? 130 HOH A O   1 
HETATM 754 O  O   . HOH E 4 .  ? 17.710  -17.408 4.244   1.00 68.73 ? 131 HOH A O   1 
HETATM 755 O  O   . HOH E 4 .  ? -4.932  -4.090  8.840   1.00 45.10 ? 132 HOH A O   1 
HETATM 756 O  O   . HOH E 4 .  ? -13.642 -2.388  -1.710  1.00 38.16 ? 133 HOH A O   1 
HETATM 757 O  O   . HOH E 4 .  ? -7.772  2.136   11.232  1.00 53.81 ? 134 HOH A O   1 
HETATM 758 O  O   . HOH E 4 .  ? 19.560  -3.264  3.856   1.00 48.51 ? 135 HOH A O   1 
HETATM 759 O  O   . HOH E 4 .  ? 3.168   -15.147 3.552   1.00 48.44 ? 136 HOH A O   1 
HETATM 760 O  O   . HOH E 4 .  ? -3.986  -6.586  10.112  1.00 57.14 ? 137 HOH A O   1 
HETATM 761 O  O   . HOH E 4 .  ? 10.519  -11.234 -7.194  0.50 38.76 ? 138 HOH A O   1 
HETATM 762 O  O   . HOH E 4 .  ? 9.578   -12.792 -5.754  1.00 62.05 ? 139 HOH A O   1 
HETATM 763 O  O   . HOH E 4 .  ? -10.438 16.029  2.461   1.00 49.30 ? 140 HOH A O   1 
HETATM 764 O  O   . HOH E 4 .  ? 9.411   10.803  3.049   1.00 80.32 ? 141 HOH A O   1 
HETATM 765 O  O   . HOH E 4 .  ? 14.159  6.861   2.213   1.00 45.50 ? 142 HOH A O   1 
HETATM 766 O  O   . HOH E 4 .  ? 17.713  -14.052 -2.727  1.00 44.06 ? 143 HOH A O   1 
HETATM 767 O  O   . HOH E 4 .  ? -5.373  -6.195  0.624   1.00 67.56 ? 144 HOH A O   1 
HETATM 768 O  O   . HOH E 4 .  ? -0.720  -8.741  -8.248  1.00 76.56 ? 145 HOH A O   1 
# 
